data_1CEA
# 
_entry.id   1CEA 
# 
_audit_conform.dict_name       mmcif_pdbx.dic 
_audit_conform.dict_version    5.398 
_audit_conform.dict_location   http://mmcif.pdb.org/dictionaries/ascii/mmcif_pdbx.dic 
# 
loop_
_database_2.database_id 
_database_2.database_code 
_database_2.pdbx_database_accession 
_database_2.pdbx_DOI 
PDB   1CEA         pdb_00001cea 10.2210/pdb1cea/pdb 
WWPDB D_1000172270 ?            ?                   
# 
loop_
_pdbx_audit_revision_history.ordinal 
_pdbx_audit_revision_history.data_content_type 
_pdbx_audit_revision_history.major_revision 
_pdbx_audit_revision_history.minor_revision 
_pdbx_audit_revision_history.revision_date 
1 'Structure model' 1 0 1996-04-03 
2 'Structure model' 1 1 2008-03-24 
3 'Structure model' 1 2 2011-07-13 
4 'Structure model' 1 3 2017-11-29 
5 'Structure model' 2 0 2023-11-15 
6 'Structure model' 2 1 2024-10-30 
# 
_pdbx_audit_revision_details.ordinal             1 
_pdbx_audit_revision_details.revision_ordinal    1 
_pdbx_audit_revision_details.data_content_type   'Structure model' 
_pdbx_audit_revision_details.provider            repository 
_pdbx_audit_revision_details.type                'Initial release' 
_pdbx_audit_revision_details.description         ? 
_pdbx_audit_revision_details.details             ? 
# 
loop_
_pdbx_audit_revision_group.ordinal 
_pdbx_audit_revision_group.revision_ordinal 
_pdbx_audit_revision_group.data_content_type 
_pdbx_audit_revision_group.group 
1 2 'Structure model' 'Version format compliance' 
2 3 'Structure model' 'Version format compliance' 
3 4 'Structure model' 'Derived calculations'      
4 4 'Structure model' Other                       
5 5 'Structure model' 'Atomic model'              
6 5 'Structure model' 'Data collection'           
7 5 'Structure model' 'Database references'       
8 5 'Structure model' 'Derived calculations'      
9 6 'Structure model' 'Structure summary'         
# 
loop_
_pdbx_audit_revision_category.ordinal 
_pdbx_audit_revision_category.revision_ordinal 
_pdbx_audit_revision_category.data_content_type 
_pdbx_audit_revision_category.category 
1  4 'Structure model' pdbx_database_status      
2  4 'Structure model' struct_conf               
3  4 'Structure model' struct_conf_type          
4  5 'Structure model' atom_site                 
5  5 'Structure model' chem_comp_atom            
6  5 'Structure model' chem_comp_bond            
7  5 'Structure model' database_2                
8  5 'Structure model' struct_site               
9  6 'Structure model' pdbx_entry_details        
10 6 'Structure model' pdbx_modification_feature 
# 
loop_
_pdbx_audit_revision_item.ordinal 
_pdbx_audit_revision_item.revision_ordinal 
_pdbx_audit_revision_item.data_content_type 
_pdbx_audit_revision_item.item 
1 4 'Structure model' '_pdbx_database_status.process_site'  
2 5 'Structure model' '_atom_site.auth_atom_id'             
3 5 'Structure model' '_atom_site.label_atom_id'            
4 5 'Structure model' '_database_2.pdbx_DOI'                
5 5 'Structure model' '_database_2.pdbx_database_accession' 
6 5 'Structure model' '_struct_site.pdbx_auth_asym_id'      
7 5 'Structure model' '_struct_site.pdbx_auth_comp_id'      
8 5 'Structure model' '_struct_site.pdbx_auth_seq_id'       
# 
_pdbx_database_status.status_code                     REL 
_pdbx_database_status.entry_id                        1CEA 
_pdbx_database_status.recvd_initial_deposition_date   1995-12-03 
_pdbx_database_status.deposit_site                    ? 
_pdbx_database_status.process_site                    BNL 
_pdbx_database_status.SG_entry                        . 
_pdbx_database_status.pdb_format_compatible           Y 
_pdbx_database_status.status_code_mr                  ? 
_pdbx_database_status.status_code_sf                  ? 
_pdbx_database_status.status_code_cs                  ? 
_pdbx_database_status.methods_development_category    ? 
_pdbx_database_status.status_code_nmr_data            ? 
# 
loop_
_audit_author.name 
_audit_author.pdbx_ordinal 
'Tulinsky, A.'  1 
'Mathews, I.I.' 2 
# 
loop_
_citation.id 
_citation.title 
_citation.journal_abbrev 
_citation.journal_volume 
_citation.page_first 
_citation.page_last 
_citation.year 
_citation.journal_id_ASTM 
_citation.country 
_citation.journal_id_ISSN 
_citation.journal_id_CSD 
_citation.book_publisher 
_citation.pdbx_database_id_PubMed 
_citation.pdbx_database_id_DOI 
primary 
;Crystal structures of the recombinant kringle 1 domain of human plasminogen in complexes with the ligands epsilon-aminocaproic acid and trans-4-(aminomethyl)cyclohexane-1-carboxylic Acid.
;
Biochemistry                     35  2567 2576 1996 BICHAW US 0006-2960 0033 ? 8611560 10.1021/bi9521351 
1       '1H-NMR Assignments and Secondary Structure of Human Plasminogen Kringle 1' Eur.J.Biochem.                   221 939  ?    
1994 EJBCAI IX 0014-2956 0262 ? ?       ?                 
2       'The Structure of Recombinant Plasminogen Kringle 1 and the Fibrin Binding Site' 'Blood Coagulation Fibrinolysis' 5   157  
?    1994 BLFIE7 UK 0957-5235 0796 ? ?       ?                 
3       'Lysine(Slash)Fibrin Binding Sites of Kringles Modeled After the Structure of Kringle 1 of Prothrombin' Proteins 3   85   
?    1988 PSFGEY US 0887-3585 0867 ? ?       ?                 
# 
loop_
_citation_author.citation_id 
_citation_author.name 
_citation_author.ordinal 
_citation_author.identifier_ORCID 
primary 'Mathews, I.I.'          1  ? 
primary 'Vanderhoff-Hanaver, P.' 2  ? 
primary 'Castellino, F.J.'       3  ? 
primary 'Tulinsky, A.'           4  ? 
1       'Rejante, M.R.'          5  ? 
1       'Llinas, M.'             6  ? 
2       'Wu, T.-P.'              7  ? 
2       'Padmanabhan, K.P.'      8  ? 
2       'Tulinsky, A.'           9  ? 
3       'Tulinsky, A.'           10 ? 
3       'Park, C.H.'             11 ? 
3       'Mao, B.'                12 ? 
3       'Llinas, M.'             13 ? 
# 
loop_
_entity.id 
_entity.type 
_entity.src_method 
_entity.pdbx_description 
_entity.formula_weight 
_entity.pdbx_number_of_molecules 
_entity.pdbx_ec 
_entity.pdbx_mutation 
_entity.pdbx_fragment 
_entity.details 
1 polymer     man PLASMINOGEN            10166.165 2   3.4.21.7 ? 'KRINGLE 1' ? 
2 non-polymer syn '6-AMINOHEXANOIC ACID' 131.173   2   ?        ? ?           ? 
3 water       nat water                  18.015    148 ?        ? ?           ? 
# 
_entity_name_com.entity_id   1 
_entity_name_com.name        K1PG 
# 
_entity_poly.entity_id                      1 
_entity_poly.type                           'polypeptide(L)' 
_entity_poly.nstd_linkage                   no 
_entity_poly.nstd_monomer                   no 
_entity_poly.pdbx_seq_one_letter_code       
;LSECKTGNGKNYRGTMSKTKNGITCQKWSSTSPHRPRFSPATHPSEGLEENYCRNPDNDPQGPWCYTTDPEKRYDYCDIL
ECEEECMH
;
_entity_poly.pdbx_seq_one_letter_code_can   
;LSECKTGNGKNYRGTMSKTKNGITCQKWSSTSPHRPRFSPATHPSEGLEENYCRNPDNDPQGPWCYTTDPEKRYDYCDIL
ECEEECMH
;
_entity_poly.pdbx_strand_id                 A,B 
_entity_poly.pdbx_target_identifier         ? 
# 
loop_
_pdbx_entity_nonpoly.entity_id 
_pdbx_entity_nonpoly.name 
_pdbx_entity_nonpoly.comp_id 
2 '6-AMINOHEXANOIC ACID' ACA 
3 water                  HOH 
# 
loop_
_entity_poly_seq.entity_id 
_entity_poly_seq.num 
_entity_poly_seq.mon_id 
_entity_poly_seq.hetero 
1 1  LEU n 
1 2  SER n 
1 3  GLU n 
1 4  CYS n 
1 5  LYS n 
1 6  THR n 
1 7  GLY n 
1 8  ASN n 
1 9  GLY n 
1 10 LYS n 
1 11 ASN n 
1 12 TYR n 
1 13 ARG n 
1 14 GLY n 
1 15 THR n 
1 16 MET n 
1 17 SER n 
1 18 LYS n 
1 19 THR n 
1 20 LYS n 
1 21 ASN n 
1 22 GLY n 
1 23 ILE n 
1 24 THR n 
1 25 CYS n 
1 26 GLN n 
1 27 LYS n 
1 28 TRP n 
1 29 SER n 
1 30 SER n 
1 31 THR n 
1 32 SER n 
1 33 PRO n 
1 34 HIS n 
1 35 ARG n 
1 36 PRO n 
1 37 ARG n 
1 38 PHE n 
1 39 SER n 
1 40 PRO n 
1 41 ALA n 
1 42 THR n 
1 43 HIS n 
1 44 PRO n 
1 45 SER n 
1 46 GLU n 
1 47 GLY n 
1 48 LEU n 
1 49 GLU n 
1 50 GLU n 
1 51 ASN n 
1 52 TYR n 
1 53 CYS n 
1 54 ARG n 
1 55 ASN n 
1 56 PRO n 
1 57 ASP n 
1 58 ASN n 
1 59 ASP n 
1 60 PRO n 
1 61 GLN n 
1 62 GLY n 
1 63 PRO n 
1 64 TRP n 
1 65 CYS n 
1 66 TYR n 
1 67 THR n 
1 68 THR n 
1 69 ASP n 
1 70 PRO n 
1 71 GLU n 
1 72 LYS n 
1 73 ARG n 
1 74 TYR n 
1 75 ASP n 
1 76 TYR n 
1 77 CYS n 
1 78 ASP n 
1 79 ILE n 
1 80 LEU n 
1 81 GLU n 
1 82 CYS n 
1 83 GLU n 
1 84 GLU n 
1 85 GLU n 
1 86 CYS n 
1 87 MET n 
1 88 HIS n 
# 
_entity_src_gen.entity_id                          1 
_entity_src_gen.pdbx_src_id                        1 
_entity_src_gen.pdbx_alt_source_flag               sample 
_entity_src_gen.pdbx_seq_type                      ? 
_entity_src_gen.pdbx_beg_seq_num                   ? 
_entity_src_gen.pdbx_end_seq_num                   ? 
_entity_src_gen.gene_src_common_name               human 
_entity_src_gen.gene_src_genus                     Homo 
_entity_src_gen.pdbx_gene_src_gene                 ? 
_entity_src_gen.gene_src_species                   ? 
_entity_src_gen.gene_src_strain                    ? 
_entity_src_gen.gene_src_tissue                    ? 
_entity_src_gen.gene_src_tissue_fraction           ? 
_entity_src_gen.gene_src_details                   ? 
_entity_src_gen.pdbx_gene_src_fragment             ? 
_entity_src_gen.pdbx_gene_src_scientific_name      'Homo sapiens' 
_entity_src_gen.pdbx_gene_src_ncbi_taxonomy_id     9606 
_entity_src_gen.pdbx_gene_src_variant              ? 
_entity_src_gen.pdbx_gene_src_cell_line            ? 
_entity_src_gen.pdbx_gene_src_atcc                 ? 
_entity_src_gen.pdbx_gene_src_organ                BLOOD 
_entity_src_gen.pdbx_gene_src_organelle            ? 
_entity_src_gen.pdbx_gene_src_cell                 ? 
_entity_src_gen.pdbx_gene_src_cellular_location    ? 
_entity_src_gen.host_org_common_name               ? 
_entity_src_gen.pdbx_host_org_scientific_name      'Escherichia coli' 
_entity_src_gen.pdbx_host_org_ncbi_taxonomy_id     562 
_entity_src_gen.host_org_genus                     Escherichia 
_entity_src_gen.pdbx_host_org_gene                 ? 
_entity_src_gen.pdbx_host_org_organ                ? 
_entity_src_gen.host_org_species                   ? 
_entity_src_gen.pdbx_host_org_tissue               ? 
_entity_src_gen.pdbx_host_org_tissue_fraction      ? 
_entity_src_gen.pdbx_host_org_strain               ? 
_entity_src_gen.pdbx_host_org_variant              ? 
_entity_src_gen.pdbx_host_org_cell_line            ? 
_entity_src_gen.pdbx_host_org_atcc                 ? 
_entity_src_gen.pdbx_host_org_culture_collection   ? 
_entity_src_gen.pdbx_host_org_cell                 ? 
_entity_src_gen.pdbx_host_org_organelle            ? 
_entity_src_gen.pdbx_host_org_cellular_location    ? 
_entity_src_gen.pdbx_host_org_vector_type          ? 
_entity_src_gen.pdbx_host_org_vector               ? 
_entity_src_gen.host_org_details                   ? 
_entity_src_gen.expression_system_id               ? 
_entity_src_gen.plasmid_name                       ? 
_entity_src_gen.plasmid_details                    ? 
_entity_src_gen.pdbx_description                   ? 
# 
loop_
_chem_comp.id 
_chem_comp.type 
_chem_comp.mon_nstd_flag 
_chem_comp.name 
_chem_comp.pdbx_synonyms 
_chem_comp.formula 
_chem_comp.formula_weight 
ACA 'peptide linking'   . '6-AMINOHEXANOIC ACID' 'AMINOCAPROIC ACID' 'C6 H13 N O2'    131.173 
ALA 'L-peptide linking' y ALANINE                ?                   'C3 H7 N O2'     89.093  
ARG 'L-peptide linking' y ARGININE               ?                   'C6 H15 N4 O2 1' 175.209 
ASN 'L-peptide linking' y ASPARAGINE             ?                   'C4 H8 N2 O3'    132.118 
ASP 'L-peptide linking' y 'ASPARTIC ACID'        ?                   'C4 H7 N O4'     133.103 
CYS 'L-peptide linking' y CYSTEINE               ?                   'C3 H7 N O2 S'   121.158 
GLN 'L-peptide linking' y GLUTAMINE              ?                   'C5 H10 N2 O3'   146.144 
GLU 'L-peptide linking' y 'GLUTAMIC ACID'        ?                   'C5 H9 N O4'     147.129 
GLY 'peptide linking'   y GLYCINE                ?                   'C2 H5 N O2'     75.067  
HIS 'L-peptide linking' y HISTIDINE              ?                   'C6 H10 N3 O2 1' 156.162 
HOH non-polymer         . WATER                  ?                   'H2 O'           18.015  
ILE 'L-peptide linking' y ISOLEUCINE             ?                   'C6 H13 N O2'    131.173 
LEU 'L-peptide linking' y LEUCINE                ?                   'C6 H13 N O2'    131.173 
LYS 'L-peptide linking' y LYSINE                 ?                   'C6 H15 N2 O2 1' 147.195 
MET 'L-peptide linking' y METHIONINE             ?                   'C5 H11 N O2 S'  149.211 
PHE 'L-peptide linking' y PHENYLALANINE          ?                   'C9 H11 N O2'    165.189 
PRO 'L-peptide linking' y PROLINE                ?                   'C5 H9 N O2'     115.130 
SER 'L-peptide linking' y SERINE                 ?                   'C3 H7 N O3'     105.093 
THR 'L-peptide linking' y THREONINE              ?                   'C4 H9 N O3'     119.119 
TRP 'L-peptide linking' y TRYPTOPHAN             ?                   'C11 H12 N2 O2'  204.225 
TYR 'L-peptide linking' y TYROSINE               ?                   'C9 H11 N O3'    181.189 
# 
loop_
_pdbx_poly_seq_scheme.asym_id 
_pdbx_poly_seq_scheme.entity_id 
_pdbx_poly_seq_scheme.seq_id 
_pdbx_poly_seq_scheme.mon_id 
_pdbx_poly_seq_scheme.ndb_seq_num 
_pdbx_poly_seq_scheme.pdb_seq_num 
_pdbx_poly_seq_scheme.auth_seq_num 
_pdbx_poly_seq_scheme.pdb_mon_id 
_pdbx_poly_seq_scheme.auth_mon_id 
_pdbx_poly_seq_scheme.pdb_strand_id 
_pdbx_poly_seq_scheme.pdb_ins_code 
_pdbx_poly_seq_scheme.hetero 
A 1 1  LEU 1  -1 ?  ?   ?   A . n 
A 1 2  SER 2  0  ?  ?   ?   A . n 
A 1 3  GLU 3  1  1  GLU GLU A A n 
A 1 4  CYS 4  1  1  CYS CYS A . n 
A 1 5  LYS 5  2  2  LYS LYS A . n 
A 1 6  THR 6  3  3  THR THR A . n 
A 1 7  GLY 7  4  4  GLY GLY A . n 
A 1 8  ASN 8  5  5  ASN ASN A . n 
A 1 9  GLY 9  6  6  GLY GLY A . n 
A 1 10 LYS 10 7  7  LYS LYS A . n 
A 1 11 ASN 11 8  8  ASN ASN A . n 
A 1 12 TYR 12 9  9  TYR TYR A . n 
A 1 13 ARG 13 10 10 ARG ARG A . n 
A 1 14 GLY 14 11 11 GLY GLY A . n 
A 1 15 THR 15 12 12 THR THR A . n 
A 1 16 MET 16 13 13 MET MET A . n 
A 1 17 SER 17 14 14 SER SER A . n 
A 1 18 LYS 18 15 15 LYS LYS A . n 
A 1 19 THR 19 16 16 THR THR A . n 
A 1 20 LYS 20 17 17 LYS LYS A . n 
A 1 21 ASN 21 18 18 ASN ASN A . n 
A 1 22 GLY 22 19 19 GLY GLY A . n 
A 1 23 ILE 23 20 20 ILE ILE A . n 
A 1 24 THR 24 21 21 THR THR A . n 
A 1 25 CYS 25 22 22 CYS CYS A . n 
A 1 26 GLN 26 23 23 GLN GLN A . n 
A 1 27 LYS 27 24 24 LYS LYS A . n 
A 1 28 TRP 28 25 25 TRP TRP A . n 
A 1 29 SER 29 26 26 SER SER A . n 
A 1 30 SER 30 27 27 SER SER A . n 
A 1 31 THR 31 28 28 THR THR A . n 
A 1 32 SER 32 29 29 SER SER A . n 
A 1 33 PRO 33 30 30 PRO PRO A . n 
A 1 34 HIS 34 31 31 HIS HIS A . n 
A 1 35 ARG 35 32 32 ARG ARG A . n 
A 1 36 PRO 36 33 33 PRO PRO A . n 
A 1 37 ARG 37 34 34 ARG ARG A . n 
A 1 38 PHE 38 35 35 PHE PHE A . n 
A 1 39 SER 39 36 36 SER SER A . n 
A 1 40 PRO 40 37 37 PRO PRO A . n 
A 1 41 ALA 41 38 38 ALA ALA A . n 
A 1 42 THR 42 39 39 THR THR A . n 
A 1 43 HIS 43 40 40 HIS HIS A . n 
A 1 44 PRO 44 41 41 PRO PRO A . n 
A 1 45 SER 45 42 42 SER SER A . n 
A 1 46 GLU 46 43 43 GLU GLU A . n 
A 1 47 GLY 47 44 44 GLY GLY A . n 
A 1 48 LEU 48 45 45 LEU LEU A . n 
A 1 49 GLU 49 46 46 GLU GLU A . n 
A 1 50 GLU 50 47 47 GLU GLU A . n 
A 1 51 ASN 51 48 48 ASN ASN A . n 
A 1 52 TYR 52 49 49 TYR TYR A . n 
A 1 53 CYS 53 50 50 CYS CYS A . n 
A 1 54 ARG 54 51 51 ARG ARG A . n 
A 1 55 ASN 55 52 52 ASN ASN A . n 
A 1 56 PRO 56 53 53 PRO PRO A . n 
A 1 57 ASP 57 54 54 ASP ASP A . n 
A 1 58 ASN 58 55 55 ASN ASN A . n 
A 1 59 ASP 59 56 56 ASP ASP A . n 
A 1 60 PRO 60 57 57 PRO PRO A . n 
A 1 61 GLN 61 58 58 GLN GLN A . n 
A 1 62 GLY 62 59 59 GLY GLY A . n 
A 1 63 PRO 63 60 60 PRO PRO A . n 
A 1 64 TRP 64 61 61 TRP TRP A . n 
A 1 65 CYS 65 62 62 CYS CYS A . n 
A 1 66 TYR 66 63 63 TYR TYR A . n 
A 1 67 THR 67 64 64 THR THR A . n 
A 1 68 THR 68 65 65 THR THR A . n 
A 1 69 ASP 69 66 66 ASP ASP A . n 
A 1 70 PRO 70 67 67 PRO PRO A . n 
A 1 71 GLU 71 68 68 GLU GLU A . n 
A 1 72 LYS 72 69 69 LYS LYS A . n 
A 1 73 ARG 73 70 70 ARG ARG A . n 
A 1 74 TYR 74 71 71 TYR TYR A . n 
A 1 75 ASP 75 72 72 ASP ASP A . n 
A 1 76 TYR 76 73 73 TYR TYR A . n 
A 1 77 CYS 77 74 74 CYS CYS A . n 
A 1 78 ASP 78 75 75 ASP ASP A . n 
A 1 79 ILE 79 76 76 ILE ILE A . n 
A 1 80 LEU 80 77 77 LEU LEU A . n 
A 1 81 GLU 81 78 78 GLU GLU A . n 
A 1 82 CYS 82 79 79 CYS CYS A . n 
A 1 83 GLU 83 80 ?  ?   ?   A . n 
A 1 84 GLU 84 81 ?  ?   ?   A . n 
A 1 85 GLU 85 82 ?  ?   ?   A . n 
A 1 86 CYS 86 83 ?  ?   ?   A . n 
A 1 87 MET 87 84 ?  ?   ?   A . n 
A 1 88 HIS 88 85 ?  ?   ?   A . n 
B 1 1  LEU 1  -1 ?  ?   ?   B . n 
B 1 2  SER 2  0  ?  ?   ?   B . n 
B 1 3  GLU 3  1  1  GLU GLU B A n 
B 1 4  CYS 4  1  1  CYS CYS B . n 
B 1 5  LYS 5  2  2  LYS LYS B . n 
B 1 6  THR 6  3  3  THR THR B . n 
B 1 7  GLY 7  4  4  GLY GLY B . n 
B 1 8  ASN 8  5  5  ASN ASN B . n 
B 1 9  GLY 9  6  6  GLY GLY B . n 
B 1 10 LYS 10 7  7  LYS LYS B . n 
B 1 11 ASN 11 8  8  ASN ASN B . n 
B 1 12 TYR 12 9  9  TYR TYR B . n 
B 1 13 ARG 13 10 10 ARG ARG B . n 
B 1 14 GLY 14 11 11 GLY GLY B . n 
B 1 15 THR 15 12 12 THR THR B . n 
B 1 16 MET 16 13 13 MET MET B . n 
B 1 17 SER 17 14 14 SER SER B . n 
B 1 18 LYS 18 15 15 LYS LYS B . n 
B 1 19 THR 19 16 16 THR THR B . n 
B 1 20 LYS 20 17 17 LYS LYS B . n 
B 1 21 ASN 21 18 18 ASN ASN B . n 
B 1 22 GLY 22 19 19 GLY GLY B . n 
B 1 23 ILE 23 20 20 ILE ILE B . n 
B 1 24 THR 24 21 21 THR THR B . n 
B 1 25 CYS 25 22 22 CYS CYS B . n 
B 1 26 GLN 26 23 23 GLN GLN B . n 
B 1 27 LYS 27 24 24 LYS LYS B . n 
B 1 28 TRP 28 25 25 TRP TRP B . n 
B 1 29 SER 29 26 26 SER SER B . n 
B 1 30 SER 30 27 27 SER SER B . n 
B 1 31 THR 31 28 28 THR THR B . n 
B 1 32 SER 32 29 29 SER SER B . n 
B 1 33 PRO 33 30 30 PRO PRO B . n 
B 1 34 HIS 34 31 31 HIS HIS B . n 
B 1 35 ARG 35 32 32 ARG ARG B . n 
B 1 36 PRO 36 33 33 PRO PRO B . n 
B 1 37 ARG 37 34 34 ARG ARG B . n 
B 1 38 PHE 38 35 35 PHE PHE B . n 
B 1 39 SER 39 36 36 SER SER B . n 
B 1 40 PRO 40 37 37 PRO PRO B . n 
B 1 41 ALA 41 38 38 ALA ALA B . n 
B 1 42 THR 42 39 39 THR THR B . n 
B 1 43 HIS 43 40 40 HIS HIS B . n 
B 1 44 PRO 44 41 41 PRO PRO B . n 
B 1 45 SER 45 42 42 SER SER B . n 
B 1 46 GLU 46 43 43 GLU GLU B . n 
B 1 47 GLY 47 44 44 GLY GLY B . n 
B 1 48 LEU 48 45 45 LEU LEU B . n 
B 1 49 GLU 49 46 46 GLU GLU B . n 
B 1 50 GLU 50 47 47 GLU GLU B . n 
B 1 51 ASN 51 48 48 ASN ASN B . n 
B 1 52 TYR 52 49 49 TYR TYR B . n 
B 1 53 CYS 53 50 50 CYS CYS B . n 
B 1 54 ARG 54 51 51 ARG ARG B . n 
B 1 55 ASN 55 52 52 ASN ASN B . n 
B 1 56 PRO 56 53 53 PRO PRO B . n 
B 1 57 ASP 57 54 54 ASP ASP B . n 
B 1 58 ASN 58 55 55 ASN ASN B . n 
B 1 59 ASP 59 56 56 ASP ASP B . n 
B 1 60 PRO 60 57 57 PRO PRO B . n 
B 1 61 GLN 61 58 58 GLN GLN B . n 
B 1 62 GLY 62 59 59 GLY GLY B . n 
B 1 63 PRO 63 60 60 PRO PRO B . n 
B 1 64 TRP 64 61 61 TRP TRP B . n 
B 1 65 CYS 65 62 62 CYS CYS B . n 
B 1 66 TYR 66 63 63 TYR TYR B . n 
B 1 67 THR 67 64 64 THR THR B . n 
B 1 68 THR 68 65 65 THR THR B . n 
B 1 69 ASP 69 66 66 ASP ASP B . n 
B 1 70 PRO 70 67 67 PRO PRO B . n 
B 1 71 GLU 71 68 68 GLU GLU B . n 
B 1 72 LYS 72 69 69 LYS LYS B . n 
B 1 73 ARG 73 70 70 ARG ARG B . n 
B 1 74 TYR 74 71 71 TYR TYR B . n 
B 1 75 ASP 75 72 72 ASP ASP B . n 
B 1 76 TYR 76 73 73 TYR TYR B . n 
B 1 77 CYS 77 74 74 CYS CYS B . n 
B 1 78 ASP 78 75 75 ASP ASP B . n 
B 1 79 ILE 79 76 76 ILE ILE B . n 
B 1 80 LEU 80 77 77 LEU LEU B . n 
B 1 81 GLU 81 78 78 GLU GLU B . n 
B 1 82 CYS 82 79 79 CYS CYS B . n 
B 1 83 GLU 83 80 ?  ?   ?   B . n 
B 1 84 GLU 84 81 ?  ?   ?   B . n 
B 1 85 GLU 85 82 ?  ?   ?   B . n 
B 1 86 CYS 86 83 ?  ?   ?   B . n 
B 1 87 MET 87 84 ?  ?   ?   B . n 
B 1 88 HIS 88 85 ?  ?   ?   B . n 
# 
loop_
_pdbx_nonpoly_scheme.asym_id 
_pdbx_nonpoly_scheme.entity_id 
_pdbx_nonpoly_scheme.mon_id 
_pdbx_nonpoly_scheme.ndb_seq_num 
_pdbx_nonpoly_scheme.pdb_seq_num 
_pdbx_nonpoly_scheme.auth_seq_num 
_pdbx_nonpoly_scheme.pdb_mon_id 
_pdbx_nonpoly_scheme.auth_mon_id 
_pdbx_nonpoly_scheme.pdb_strand_id 
_pdbx_nonpoly_scheme.pdb_ins_code 
C 2 ACA 1  90  90  ACA ACA A . 
D 2 ACA 1  90  90  ACA ACA B . 
E 3 HOH 1  201 201 HOH HOH A . 
E 3 HOH 2  203 203 HOH HOH A . 
E 3 HOH 3  204 204 HOH HOH A . 
E 3 HOH 4  210 210 HOH HOH A . 
E 3 HOH 5  212 212 HOH HOH A . 
E 3 HOH 6  214 214 HOH HOH A . 
E 3 HOH 7  217 217 HOH HOH A . 
E 3 HOH 8  219 219 HOH HOH A . 
E 3 HOH 9  220 220 HOH HOH A . 
E 3 HOH 10 224 224 HOH HOH A . 
E 3 HOH 11 225 225 HOH HOH A . 
E 3 HOH 12 226 226 HOH HOH A . 
E 3 HOH 13 228 228 HOH HOH A . 
E 3 HOH 14 229 229 HOH HOH A . 
E 3 HOH 15 230 230 HOH HOH A . 
E 3 HOH 16 233 233 HOH HOH A . 
E 3 HOH 17 234 234 HOH HOH A . 
E 3 HOH 18 235 235 HOH HOH A . 
E 3 HOH 19 239 239 HOH HOH A . 
E 3 HOH 20 240 240 HOH HOH A . 
E 3 HOH 21 241 241 HOH HOH A . 
E 3 HOH 22 242 242 HOH HOH A . 
E 3 HOH 23 247 247 HOH HOH A . 
E 3 HOH 24 250 250 HOH HOH A . 
E 3 HOH 25 252 252 HOH HOH A . 
E 3 HOH 26 253 253 HOH HOH A . 
E 3 HOH 27 254 254 HOH HOH A . 
E 3 HOH 28 257 257 HOH HOH A . 
E 3 HOH 29 260 260 HOH HOH A . 
E 3 HOH 30 261 261 HOH HOH A . 
E 3 HOH 31 262 262 HOH HOH A . 
E 3 HOH 32 267 267 HOH HOH A . 
E 3 HOH 33 270 270 HOH HOH A . 
E 3 HOH 34 275 275 HOH HOH A . 
E 3 HOH 35 277 277 HOH HOH A . 
E 3 HOH 36 279 279 HOH HOH A . 
E 3 HOH 37 280 280 HOH HOH A . 
E 3 HOH 38 281 281 HOH HOH A . 
E 3 HOH 39 282 282 HOH HOH A . 
E 3 HOH 40 283 283 HOH HOH A . 
E 3 HOH 41 285 285 HOH HOH A . 
E 3 HOH 42 286 286 HOH HOH A . 
E 3 HOH 43 289 289 HOH HOH A . 
E 3 HOH 44 292 292 HOH HOH A . 
E 3 HOH 45 297 297 HOH HOH A . 
E 3 HOH 46 298 298 HOH HOH A . 
E 3 HOH 47 306 306 HOH HOH A . 
E 3 HOH 48 307 307 HOH HOH A . 
E 3 HOH 49 308 308 HOH HOH A . 
E 3 HOH 50 310 310 HOH HOH A . 
E 3 HOH 51 313 313 HOH HOH A . 
E 3 HOH 52 314 314 HOH HOH A . 
E 3 HOH 53 317 317 HOH HOH A . 
E 3 HOH 54 318 318 HOH HOH A . 
E 3 HOH 55 319 319 HOH HOH A . 
E 3 HOH 56 320 320 HOH HOH A . 
E 3 HOH 57 324 324 HOH HOH A . 
E 3 HOH 58 325 325 HOH HOH A . 
E 3 HOH 59 326 326 HOH HOH A . 
E 3 HOH 60 332 332 HOH HOH A . 
E 3 HOH 61 333 333 HOH HOH A . 
E 3 HOH 62 334 334 HOH HOH A . 
E 3 HOH 63 336 336 HOH HOH A . 
E 3 HOH 64 338 338 HOH HOH A . 
E 3 HOH 65 340 340 HOH HOH A . 
E 3 HOH 66 341 341 HOH HOH A . 
E 3 HOH 67 346 346 HOH HOH A . 
E 3 HOH 68 347 347 HOH HOH A . 
E 3 HOH 69 352 352 HOH HOH A . 
E 3 HOH 70 354 354 HOH HOH A . 
E 3 HOH 71 357 357 HOH HOH A . 
E 3 HOH 72 369 369 HOH HOH A . 
E 3 HOH 73 370 370 HOH HOH A . 
E 3 HOH 74 373 373 HOH HOH A . 
E 3 HOH 75 374 374 HOH HOH A . 
F 3 HOH 1  202 202 HOH HOH B . 
F 3 HOH 2  205 205 HOH HOH B . 
F 3 HOH 3  206 206 HOH HOH B . 
F 3 HOH 4  207 207 HOH HOH B . 
F 3 HOH 5  208 208 HOH HOH B . 
F 3 HOH 6  209 209 HOH HOH B . 
F 3 HOH 7  211 211 HOH HOH B . 
F 3 HOH 8  213 213 HOH HOH B . 
F 3 HOH 9  215 215 HOH HOH B . 
F 3 HOH 10 216 216 HOH HOH B . 
F 3 HOH 11 221 221 HOH HOH B . 
F 3 HOH 12 222 222 HOH HOH B . 
F 3 HOH 13 223 223 HOH HOH B . 
F 3 HOH 14 227 227 HOH HOH B . 
F 3 HOH 15 231 231 HOH HOH B . 
F 3 HOH 16 232 232 HOH HOH B . 
F 3 HOH 17 236 236 HOH HOH B . 
F 3 HOH 18 237 237 HOH HOH B . 
F 3 HOH 19 238 238 HOH HOH B . 
F 3 HOH 20 243 243 HOH HOH B . 
F 3 HOH 21 244 244 HOH HOH B . 
F 3 HOH 22 245 245 HOH HOH B . 
F 3 HOH 23 246 246 HOH HOH B . 
F 3 HOH 24 248 248 HOH HOH B . 
F 3 HOH 25 249 249 HOH HOH B . 
F 3 HOH 26 251 251 HOH HOH B . 
F 3 HOH 27 255 255 HOH HOH B . 
F 3 HOH 28 256 256 HOH HOH B . 
F 3 HOH 29 259 259 HOH HOH B . 
F 3 HOH 30 264 264 HOH HOH B . 
F 3 HOH 31 265 265 HOH HOH B . 
F 3 HOH 32 266 266 HOH HOH B . 
F 3 HOH 33 268 268 HOH HOH B . 
F 3 HOH 34 269 269 HOH HOH B . 
F 3 HOH 35 271 271 HOH HOH B . 
F 3 HOH 36 272 272 HOH HOH B . 
F 3 HOH 37 276 276 HOH HOH B . 
F 3 HOH 38 278 278 HOH HOH B . 
F 3 HOH 39 284 284 HOH HOH B . 
F 3 HOH 40 287 287 HOH HOH B . 
F 3 HOH 41 288 288 HOH HOH B . 
F 3 HOH 42 294 294 HOH HOH B . 
F 3 HOH 43 295 295 HOH HOH B . 
F 3 HOH 44 296 296 HOH HOH B . 
F 3 HOH 45 299 299 HOH HOH B . 
F 3 HOH 46 301 301 HOH HOH B . 
F 3 HOH 47 302 302 HOH HOH B . 
F 3 HOH 48 303 303 HOH HOH B . 
F 3 HOH 49 304 304 HOH HOH B . 
F 3 HOH 50 305 305 HOH HOH B . 
F 3 HOH 51 309 309 HOH HOH B . 
F 3 HOH 52 311 311 HOH HOH B . 
F 3 HOH 53 312 312 HOH HOH B . 
F 3 HOH 54 315 315 HOH HOH B . 
F 3 HOH 55 316 316 HOH HOH B . 
F 3 HOH 56 323 323 HOH HOH B . 
F 3 HOH 57 328 328 HOH HOH B . 
F 3 HOH 58 329 329 HOH HOH B . 
F 3 HOH 59 330 330 HOH HOH B . 
F 3 HOH 60 331 331 HOH HOH B . 
F 3 HOH 61 335 335 HOH HOH B . 
F 3 HOH 62 337 337 HOH HOH B . 
F 3 HOH 63 342 342 HOH HOH B . 
F 3 HOH 64 345 345 HOH HOH B . 
F 3 HOH 65 348 348 HOH HOH B . 
F 3 HOH 66 353 353 HOH HOH B . 
F 3 HOH 67 356 356 HOH HOH B . 
F 3 HOH 68 360 360 HOH HOH B . 
F 3 HOH 69 362 362 HOH HOH B . 
F 3 HOH 70 363 363 HOH HOH B . 
F 3 HOH 71 368 368 HOH HOH B . 
F 3 HOH 72 371 371 HOH HOH B . 
F 3 HOH 73 372 372 HOH HOH B . 
# 
loop_
_pdbx_unobs_or_zero_occ_atoms.id 
_pdbx_unobs_or_zero_occ_atoms.PDB_model_num 
_pdbx_unobs_or_zero_occ_atoms.polymer_flag 
_pdbx_unobs_or_zero_occ_atoms.occupancy_flag 
_pdbx_unobs_or_zero_occ_atoms.auth_asym_id 
_pdbx_unobs_or_zero_occ_atoms.auth_comp_id 
_pdbx_unobs_or_zero_occ_atoms.auth_seq_id 
_pdbx_unobs_or_zero_occ_atoms.PDB_ins_code 
_pdbx_unobs_or_zero_occ_atoms.auth_atom_id 
_pdbx_unobs_or_zero_occ_atoms.label_alt_id 
_pdbx_unobs_or_zero_occ_atoms.label_asym_id 
_pdbx_unobs_or_zero_occ_atoms.label_comp_id 
_pdbx_unobs_or_zero_occ_atoms.label_seq_id 
_pdbx_unobs_or_zero_occ_atoms.label_atom_id 
1 1 Y 1 A ARG 34 ? CG  ? A ARG 37 CG  
2 1 Y 1 A ARG 34 ? CD  ? A ARG 37 CD  
3 1 Y 1 A ARG 34 ? NE  ? A ARG 37 NE  
4 1 Y 1 A ARG 34 ? CZ  ? A ARG 37 CZ  
5 1 Y 1 A ARG 34 ? NH1 ? A ARG 37 NH1 
6 1 Y 1 A ARG 34 ? NH2 ? A ARG 37 NH2 
# 
loop_
_software.name 
_software.classification 
_software.version 
_software.citation_id 
_software.pdbx_ordinal 
RAXIS  'data collection' . ? 1 
PROLSQ refinement        . ? 2 
R-AXIS 'data reduction'  . ? 3 
# 
_cell.entry_id           1CEA 
_cell.length_a           34.500 
_cell.length_b           51.600 
_cell.length_c           46.500 
_cell.angle_alpha        90.00 
_cell.angle_beta         112.00 
_cell.angle_gamma        90.00 
_cell.Z_PDB              4 
_cell.pdbx_unique_axis   ? 
# 
_symmetry.entry_id                         1CEA 
_symmetry.space_group_name_H-M             'P 1 21 1' 
_symmetry.pdbx_full_space_group_name_H-M   ? 
_symmetry.cell_setting                     ? 
_symmetry.Int_Tables_number                4 
# 
_exptl.entry_id          1CEA 
_exptl.method            'X-RAY DIFFRACTION' 
_exptl.crystals_number   ? 
# 
_exptl_crystal.id                    1 
_exptl_crystal.density_meas          ? 
_exptl_crystal.density_Matthews      1.89 
_exptl_crystal.density_percent_sol   34.78 
_exptl_crystal.description           ? 
# 
_diffrn.id                     1 
_diffrn.ambient_temp           295 
_diffrn.ambient_temp_details   ? 
_diffrn.crystal_id             1 
# 
_diffrn_detector.diffrn_id              1 
_diffrn_detector.detector               'IMAGE PLATE' 
_diffrn_detector.type                   'RIGAKU RAXIS IIC' 
_diffrn_detector.pdbx_collection_date   ? 
_diffrn_detector.details                ? 
# 
_diffrn_radiation.diffrn_id                        1 
_diffrn_radiation.wavelength_id                    1 
_diffrn_radiation.pdbx_monochromatic_or_laue_m_l   M 
_diffrn_radiation.monochromator                    ? 
_diffrn_radiation.pdbx_diffrn_protocol             ? 
_diffrn_radiation.pdbx_scattering_type             x-ray 
# 
_diffrn_radiation_wavelength.id           1 
_diffrn_radiation_wavelength.wavelength   1.5418 
_diffrn_radiation_wavelength.wt           1.0 
# 
_diffrn_source.diffrn_id                   1 
_diffrn_source.source                      'ROTATING ANODE' 
_diffrn_source.type                        'RIGAKU RU200' 
_diffrn_source.pdbx_synchrotron_site       ? 
_diffrn_source.pdbx_synchrotron_beamline   ? 
_diffrn_source.pdbx_wavelength             1.5418 
_diffrn_source.pdbx_wavelength_list        ? 
# 
_reflns.entry_id                     1CEA 
_reflns.observed_criterion_sigma_I   2.06 
_reflns.observed_criterion_sigma_F   ? 
_reflns.d_resolution_low             ? 
_reflns.d_resolution_high            ? 
_reflns.number_obs                   9309 
_reflns.number_all                   ? 
_reflns.percent_possible_obs         93.9 
_reflns.pdbx_Rmerge_I_obs            0.0763 
_reflns.pdbx_Rsym_value              ? 
_reflns.pdbx_netI_over_sigmaI        1.0 
_reflns.B_iso_Wilson_estimate        ? 
_reflns.pdbx_redundancy              4.2 
_reflns.pdbx_diffrn_id               1 
_reflns.pdbx_ordinal                 1 
# 
_refine.entry_id                                 1CEA 
_refine.ls_number_reflns_obs                     8461 
_refine.ls_number_reflns_all                     ? 
_refine.pdbx_ls_sigma_I                          ? 
_refine.pdbx_ls_sigma_F                          3.0 
_refine.pdbx_data_cutoff_high_absF               ? 
_refine.pdbx_data_cutoff_low_absF                ? 
_refine.pdbx_data_cutoff_high_rms_absF           ? 
_refine.ls_d_res_low                             7.0 
_refine.ls_d_res_high                            2.06 
_refine.ls_percent_reflns_obs                    83.4 
_refine.ls_R_factor_obs                          0.168 
_refine.ls_R_factor_all                          ? 
_refine.ls_R_factor_R_work                       ? 
_refine.ls_R_factor_R_free                       ? 
_refine.ls_R_factor_R_free_error                 ? 
_refine.ls_R_factor_R_free_error_details         ? 
_refine.ls_percent_reflns_R_free                 ? 
_refine.ls_number_reflns_R_free                  ? 
_refine.ls_number_parameters                     ? 
_refine.ls_number_restraints                     ? 
_refine.occupancy_min                            ? 
_refine.occupancy_max                            ? 
_refine.B_iso_mean                               ? 
_refine.aniso_B[1][1]                            ? 
_refine.aniso_B[2][2]                            ? 
_refine.aniso_B[3][3]                            ? 
_refine.aniso_B[1][2]                            ? 
_refine.aniso_B[1][3]                            ? 
_refine.aniso_B[2][3]                            ? 
_refine.solvent_model_details                    ? 
_refine.solvent_model_param_ksol                 ? 
_refine.solvent_model_param_bsol                 ? 
_refine.pdbx_ls_cross_valid_method               ? 
_refine.details                                  
;NO ELECTRON DENSITY WAS OBSERVED FOR THE INTERKRINGLE
RESIDUES 3A - 2A AND 80 - 86 IN BOTH MOLECULES.  ARG A 34
HAS NO SIDE CHAIN ATOMS BEYOND CB DUE TO WEAK ELECTRON
DENSITY.
;
_refine.pdbx_starting_model                      ? 
_refine.pdbx_method_to_determine_struct          ? 
_refine.pdbx_isotropic_thermal_model             ? 
_refine.pdbx_stereochemistry_target_values       ? 
_refine.pdbx_stereochem_target_val_spec_case     ? 
_refine.pdbx_R_Free_selection_details            ? 
_refine.pdbx_overall_ESU_R                       ? 
_refine.pdbx_overall_ESU_R_Free                  ? 
_refine.overall_SU_ML                            ? 
_refine.overall_SU_B                             ? 
_refine.pdbx_refine_id                           'X-RAY DIFFRACTION' 
_refine.pdbx_diffrn_id                           1 
_refine.pdbx_TLS_residual_ADP_flag               ? 
_refine.correlation_coeff_Fo_to_Fc               ? 
_refine.correlation_coeff_Fo_to_Fc_free          ? 
_refine.pdbx_solvent_vdw_probe_radii             ? 
_refine.pdbx_solvent_ion_probe_radii             ? 
_refine.pdbx_solvent_shrinkage_radii             ? 
_refine.pdbx_overall_phase_error                 ? 
_refine.overall_SU_R_Cruickshank_DPI             ? 
_refine.pdbx_overall_SU_R_free_Cruickshank_DPI   ? 
_refine.pdbx_overall_SU_R_Blow_DPI               ? 
_refine.pdbx_overall_SU_R_free_Blow_DPI          ? 
# 
_refine_hist.pdbx_refine_id                   'X-RAY DIFFRACTION' 
_refine_hist.cycle_id                         LAST 
_refine_hist.pdbx_number_atoms_protein        1278 
_refine_hist.pdbx_number_atoms_nucleic_acid   0 
_refine_hist.pdbx_number_atoms_ligand         18 
_refine_hist.number_atoms_solvent             148 
_refine_hist.number_atoms_total               1444 
_refine_hist.d_res_high                       2.06 
_refine_hist.d_res_low                        7.0 
# 
loop_
_refine_ls_restr.type 
_refine_ls_restr.dev_ideal 
_refine_ls_restr.dev_ideal_target 
_refine_ls_restr.weight 
_refine_ls_restr.number 
_refine_ls_restr.pdbx_refine_id 
_refine_ls_restr.pdbx_restraint_function 
p_bond_d            0.02 0.02 ? ? 'X-RAY DIFFRACTION' ? 
p_angle_d           0.05 0.04 ? ? 'X-RAY DIFFRACTION' ? 
p_angle_deg         ?    ?    ? ? 'X-RAY DIFFRACTION' ? 
p_planar_d          0.06 0.06 ? ? 'X-RAY DIFFRACTION' ? 
p_hb_or_metal_coord ?    ?    ? ? 'X-RAY DIFFRACTION' ? 
p_mcbond_it         1.2  1.5  ? ? 'X-RAY DIFFRACTION' ? 
p_mcangle_it        1.7  2.0  ? ? 'X-RAY DIFFRACTION' ? 
p_scbond_it         2.5  2.5  ? ? 'X-RAY DIFFRACTION' ? 
p_scangle_it        3.1  3.0  ? ? 'X-RAY DIFFRACTION' ? 
p_plane_restr       0.04 0.04 ? ? 'X-RAY DIFFRACTION' ? 
p_chiral_restr      0.06 0.15 ? ? 'X-RAY DIFFRACTION' ? 
p_singtor_nbd       0.23 0.60 ? ? 'X-RAY DIFFRACTION' ? 
p_multtor_nbd       0.28 0.60 ? ? 'X-RAY DIFFRACTION' ? 
p_xhyhbond_nbd      0.32 0.60 ? ? 'X-RAY DIFFRACTION' ? 
p_xyhbond_nbd       ?    ?    ? ? 'X-RAY DIFFRACTION' ? 
p_planar_tor        3.8  3.0  ? ? 'X-RAY DIFFRACTION' ? 
p_staggered_tor     22.0 15.0 ? ? 'X-RAY DIFFRACTION' ? 
p_orthonormal_tor   25.6 20.0 ? ? 'X-RAY DIFFRACTION' ? 
p_transverse_tor    ?    ?    ? ? 'X-RAY DIFFRACTION' ? 
p_special_tor       ?    ?    ? ? 'X-RAY DIFFRACTION' ? 
# 
_struct_ncs_oper.id             1 
_struct_ncs_oper.code           given 
_struct_ncs_oper.details        ? 
_struct_ncs_oper.matrix[1][1]   0.77287570 
_struct_ncs_oper.matrix[1][2]   0.27440513 
_struct_ncs_oper.matrix[1][3]   -0.57220839 
_struct_ncs_oper.matrix[2][1]   0.27278697 
_struct_ncs_oper.matrix[2][2]   -0.95777534 
_struct_ncs_oper.matrix[2][3]   -0.09093318 
_struct_ncs_oper.matrix[3][1]   -0.57291166 
_struct_ncs_oper.matrix[3][2]   -0.08580513 
_struct_ncs_oper.matrix[3][3]   -0.81510036 
_struct_ncs_oper.vector[1]      21.87355 
_struct_ncs_oper.vector[2]      3.37620 
_struct_ncs_oper.vector[3]      -7.03924 
# 
_struct.entry_id                  1CEA 
_struct.title                     
;THE STRUCTURE OF THE NON-COVALENT COMPLEX OF RECOMBINANT KRINGLE 1 DOMAIN OF HUMAN PLASMINOGEN WITH EACA (EPSILON-AMINOCAPROIC ACID)
;
_struct.pdbx_model_details        ? 
_struct.pdbx_CASP_flag            ? 
_struct.pdbx_model_type_details   ? 
# 
_struct_keywords.entry_id        1CEA 
_struct_keywords.pdbx_keywords   'SERINE PROTEASE' 
_struct_keywords.text            'SERINE PROTEASE' 
# 
loop_
_struct_asym.id 
_struct_asym.pdbx_blank_PDB_chainid_flag 
_struct_asym.pdbx_modified 
_struct_asym.entity_id 
_struct_asym.details 
A N N 1 ? 
B N N 1 ? 
C N N 2 ? 
D N N 2 ? 
E N N 3 ? 
F N N 3 ? 
# 
_struct_ref.id                         1 
_struct_ref.db_name                    UNP 
_struct_ref.db_code                    PLMN_HUMAN 
_struct_ref.entity_id                  1 
_struct_ref.pdbx_db_accession          P00747 
_struct_ref.pdbx_align_begin           1 
_struct_ref.pdbx_seq_one_letter_code   
;MEHKEVVLLLLLFLKSGQGEPLDDYVNTQGASLFSVTKKQLGAGSIEECAAKCEEDEEFTCRAFQYHSKEQQCVIMAENR
KSSIIIRMRDVVLFEKKVYLSECKTGNGKNYRGTMSKTKNGITCQKWSSTSPHRPRFSPATHPSEGLEENYCRNPDNDPQ
GPWCYTTDPEKRYDYCDILECEEECMHCSGENYDGKISKTMSGLECQAWDSQSPHAHGYIPSKFPNKNLKKNYCRNPDRE
LRPWCFTTDPNKRWELCDIPRCTTPPPSSGPTYQCLKGTGENYRGNVAVTVSGHTCQHWSAQTPHTHNRTPENFPCKNLD
ENYCRNPDGKRAPWCHTTNSQVRWEYCKIPSCDSSPVSTEQLAPTAPPELTPVVQDCYHGDGQSYRGTSSTTTTGKKCQS
WSSMTPHRHQKTPENYPNAGLTMNYCRNPDADKGPWCFTTDPSVRWEYCNLKKCSGTEASVVAPPPVVLLPDVETPSEED
CMFGNGKGYRGKRATTVTGTPCQDWAAQEPHRHSIFTPETNPRAGLEKNYCRNPDGDVGGPWCYTTNPRKLYDYCDVPQC
AAPSFDCGKPQVEPKKCPGRVVGGCVAHPHSWPWQVSLRTRFGMHFCGGTLISPEWVLTAAHCLEKSPRPSSYKVILGAH
QEVNLEPHVQEIEVSRLFLEPTRKDIALLKLSSPAVITDKVIPACLPSPNYVVADRTECFITGWGETQGTFGAGLLKEAQ
LPVIENKVCNRYEFLNGRVQSTELCAGHLAGGTDSCQGDSGGPLVCFEKDKYILQGVTSWGLGCARPNKPGVYVRVSRFV
TWIEGVMRNN
;
_struct_ref.pdbx_db_isoform            ? 
# 
loop_
_struct_ref_seq.align_id 
_struct_ref_seq.ref_id 
_struct_ref_seq.pdbx_PDB_id_code 
_struct_ref_seq.pdbx_strand_id 
_struct_ref_seq.seq_align_beg 
_struct_ref_seq.pdbx_seq_align_beg_ins_code 
_struct_ref_seq.seq_align_end 
_struct_ref_seq.pdbx_seq_align_end_ins_code 
_struct_ref_seq.pdbx_db_accession 
_struct_ref_seq.db_align_beg 
_struct_ref_seq.pdbx_db_align_beg_ins_code 
_struct_ref_seq.db_align_end 
_struct_ref_seq.pdbx_db_align_end_ins_code 
_struct_ref_seq.pdbx_auth_seq_align_beg 
_struct_ref_seq.pdbx_auth_seq_align_end 
1 1 1CEA A 1 ? 88 ? P00747 100 ? 187 ? -1 85 
2 1 1CEA B 1 ? 88 ? P00747 100 ? 187 ? -1 85 
# 
loop_
_pdbx_struct_assembly.id 
_pdbx_struct_assembly.details 
_pdbx_struct_assembly.method_details 
_pdbx_struct_assembly.oligomeric_details 
_pdbx_struct_assembly.oligomeric_count 
1 author_defined_assembly ? monomeric 1 
2 author_defined_assembly ? monomeric 1 
# 
loop_
_pdbx_struct_assembly_gen.assembly_id 
_pdbx_struct_assembly_gen.oper_expression 
_pdbx_struct_assembly_gen.asym_id_list 
1 1 B,D,F 
2 1 A,C,E 
# 
_pdbx_struct_oper_list.id                   1 
_pdbx_struct_oper_list.type                 'identity operation' 
_pdbx_struct_oper_list.name                 1_555 
_pdbx_struct_oper_list.symmetry_operation   x,y,z 
_pdbx_struct_oper_list.matrix[1][1]         1.0000000000 
_pdbx_struct_oper_list.matrix[1][2]         0.0000000000 
_pdbx_struct_oper_list.matrix[1][3]         0.0000000000 
_pdbx_struct_oper_list.vector[1]            0.0000000000 
_pdbx_struct_oper_list.matrix[2][1]         0.0000000000 
_pdbx_struct_oper_list.matrix[2][2]         1.0000000000 
_pdbx_struct_oper_list.matrix[2][3]         0.0000000000 
_pdbx_struct_oper_list.vector[2]            0.0000000000 
_pdbx_struct_oper_list.matrix[3][1]         0.0000000000 
_pdbx_struct_oper_list.matrix[3][2]         0.0000000000 
_pdbx_struct_oper_list.matrix[3][3]         1.0000000000 
_pdbx_struct_oper_list.vector[3]            0.0000000000 
# 
loop_
_struct_biol.id 
1 
2 
# 
_struct_conf.conf_type_id            HELX_P 
_struct_conf.id                      HELX_P1 
_struct_conf.pdbx_PDB_helix_id       1 
_struct_conf.beg_label_comp_id       HIS 
_struct_conf.beg_label_asym_id       A 
_struct_conf.beg_label_seq_id        43 
_struct_conf.pdbx_beg_PDB_ins_code   ? 
_struct_conf.end_label_comp_id       GLY 
_struct_conf.end_label_asym_id       A 
_struct_conf.end_label_seq_id        47 
_struct_conf.pdbx_end_PDB_ins_code   ? 
_struct_conf.beg_auth_comp_id        HIS 
_struct_conf.beg_auth_asym_id        A 
_struct_conf.beg_auth_seq_id         40 
_struct_conf.end_auth_comp_id        GLY 
_struct_conf.end_auth_asym_id        A 
_struct_conf.end_auth_seq_id         44 
_struct_conf.pdbx_PDB_helix_class    5 
_struct_conf.details                 ? 
_struct_conf.pdbx_PDB_helix_length   5 
# 
_struct_conf_type.id          HELX_P 
_struct_conf_type.criteria    ? 
_struct_conf_type.reference   ? 
# 
loop_
_struct_conn.id 
_struct_conn.conn_type_id 
_struct_conn.pdbx_leaving_atom_flag 
_struct_conn.pdbx_PDB_id 
_struct_conn.ptnr1_label_asym_id 
_struct_conn.ptnr1_label_comp_id 
_struct_conn.ptnr1_label_seq_id 
_struct_conn.ptnr1_label_atom_id 
_struct_conn.pdbx_ptnr1_label_alt_id 
_struct_conn.pdbx_ptnr1_PDB_ins_code 
_struct_conn.pdbx_ptnr1_standard_comp_id 
_struct_conn.ptnr1_symmetry 
_struct_conn.ptnr2_label_asym_id 
_struct_conn.ptnr2_label_comp_id 
_struct_conn.ptnr2_label_seq_id 
_struct_conn.ptnr2_label_atom_id 
_struct_conn.pdbx_ptnr2_label_alt_id 
_struct_conn.pdbx_ptnr2_PDB_ins_code 
_struct_conn.ptnr1_auth_asym_id 
_struct_conn.ptnr1_auth_comp_id 
_struct_conn.ptnr1_auth_seq_id 
_struct_conn.ptnr2_auth_asym_id 
_struct_conn.ptnr2_auth_comp_id 
_struct_conn.ptnr2_auth_seq_id 
_struct_conn.ptnr2_symmetry 
_struct_conn.pdbx_ptnr3_label_atom_id 
_struct_conn.pdbx_ptnr3_label_seq_id 
_struct_conn.pdbx_ptnr3_label_comp_id 
_struct_conn.pdbx_ptnr3_label_asym_id 
_struct_conn.pdbx_ptnr3_label_alt_id 
_struct_conn.pdbx_ptnr3_PDB_ins_code 
_struct_conn.details 
_struct_conn.pdbx_dist_value 
_struct_conn.pdbx_value_order 
_struct_conn.pdbx_role 
disulf1 disulf ? ? A CYS 4  SG ? ? ? 1_555 A CYS 82 SG ? ? A CYS 1  A CYS 79 1_555 ? ? ? ? ? ? ? 1.972 ? ? 
disulf2 disulf ? ? A CYS 25 SG ? ? ? 1_555 A CYS 65 SG ? ? A CYS 22 A CYS 62 1_555 ? ? ? ? ? ? ? 2.142 ? ? 
disulf3 disulf ? ? A CYS 53 SG ? ? ? 1_555 A CYS 77 SG ? ? A CYS 50 A CYS 74 1_555 ? ? ? ? ? ? ? 2.024 ? ? 
disulf4 disulf ? ? B CYS 4  SG ? ? ? 1_555 B CYS 82 SG ? ? B CYS 1  B CYS 79 1_555 ? ? ? ? ? ? ? 2.019 ? ? 
disulf5 disulf ? ? B CYS 25 SG ? ? ? 1_555 B CYS 65 SG ? ? B CYS 22 B CYS 62 1_555 ? ? ? ? ? ? ? 2.022 ? ? 
disulf6 disulf ? ? B CYS 53 SG ? ? ? 1_555 B CYS 77 SG ? ? B CYS 50 B CYS 74 1_555 ? ? ? ? ? ? ? 2.014 ? ? 
# 
_struct_conn_type.id          disulf 
_struct_conn_type.criteria    ? 
_struct_conn_type.reference   ? 
# 
loop_
_pdbx_modification_feature.ordinal 
_pdbx_modification_feature.label_comp_id 
_pdbx_modification_feature.label_asym_id 
_pdbx_modification_feature.label_seq_id 
_pdbx_modification_feature.label_alt_id 
_pdbx_modification_feature.modified_residue_label_comp_id 
_pdbx_modification_feature.modified_residue_label_asym_id 
_pdbx_modification_feature.modified_residue_label_seq_id 
_pdbx_modification_feature.modified_residue_label_alt_id 
_pdbx_modification_feature.auth_comp_id 
_pdbx_modification_feature.auth_asym_id 
_pdbx_modification_feature.auth_seq_id 
_pdbx_modification_feature.PDB_ins_code 
_pdbx_modification_feature.symmetry 
_pdbx_modification_feature.modified_residue_auth_comp_id 
_pdbx_modification_feature.modified_residue_auth_asym_id 
_pdbx_modification_feature.modified_residue_auth_seq_id 
_pdbx_modification_feature.modified_residue_PDB_ins_code 
_pdbx_modification_feature.modified_residue_symmetry 
_pdbx_modification_feature.comp_id_linking_atom 
_pdbx_modification_feature.modified_residue_id_linking_atom 
_pdbx_modification_feature.modified_residue_id 
_pdbx_modification_feature.ref_pcm_id 
_pdbx_modification_feature.ref_comp_id 
_pdbx_modification_feature.type 
_pdbx_modification_feature.category 
1 CYS A 4  ? CYS A 82 ? CYS A 1  ? 1_555 CYS A 79 ? 1_555 SG SG . . . None 'Disulfide bridge' 
2 CYS A 25 ? CYS A 65 ? CYS A 22 ? 1_555 CYS A 62 ? 1_555 SG SG . . . None 'Disulfide bridge' 
3 CYS A 53 ? CYS A 77 ? CYS A 50 ? 1_555 CYS A 74 ? 1_555 SG SG . . . None 'Disulfide bridge' 
4 CYS B 4  ? CYS B 82 ? CYS B 1  ? 1_555 CYS B 79 ? 1_555 SG SG . . . None 'Disulfide bridge' 
5 CYS B 25 ? CYS B 65 ? CYS B 22 ? 1_555 CYS B 62 ? 1_555 SG SG . . . None 'Disulfide bridge' 
6 CYS B 53 ? CYS B 77 ? CYS B 50 ? 1_555 CYS B 74 ? 1_555 SG SG . . . None 'Disulfide bridge' 
# 
loop_
_struct_mon_prot_cis.pdbx_id 
_struct_mon_prot_cis.label_comp_id 
_struct_mon_prot_cis.label_seq_id 
_struct_mon_prot_cis.label_asym_id 
_struct_mon_prot_cis.label_alt_id 
_struct_mon_prot_cis.pdbx_PDB_ins_code 
_struct_mon_prot_cis.auth_comp_id 
_struct_mon_prot_cis.auth_seq_id 
_struct_mon_prot_cis.auth_asym_id 
_struct_mon_prot_cis.pdbx_label_comp_id_2 
_struct_mon_prot_cis.pdbx_label_seq_id_2 
_struct_mon_prot_cis.pdbx_label_asym_id_2 
_struct_mon_prot_cis.pdbx_PDB_ins_code_2 
_struct_mon_prot_cis.pdbx_auth_comp_id_2 
_struct_mon_prot_cis.pdbx_auth_seq_id_2 
_struct_mon_prot_cis.pdbx_auth_asym_id_2 
_struct_mon_prot_cis.pdbx_PDB_model_num 
_struct_mon_prot_cis.pdbx_omega_angle 
1 SER 32 A . ? SER 29 A PRO 33 A ? PRO 30 A 1 -0.64 
2 SER 32 B . ? SER 29 B PRO 33 B ? PRO 30 B 1 2.66  
# 
loop_
_struct_sheet.id 
_struct_sheet.type 
_struct_sheet.number_strands 
_struct_sheet.details 
SA1 ? 2 ? 
SA2 ? 2 ? 
SB1 ? 2 ? 
SB2 ? 2 ? 
# 
loop_
_struct_sheet_order.sheet_id 
_struct_sheet_order.range_id_1 
_struct_sheet_order.range_id_2 
_struct_sheet_order.offset 
_struct_sheet_order.sense 
SA1 1 2 ? anti-parallel 
SA2 1 2 ? anti-parallel 
SB1 1 2 ? anti-parallel 
SB2 1 2 ? anti-parallel 
# 
loop_
_struct_sheet_range.sheet_id 
_struct_sheet_range.id 
_struct_sheet_range.beg_label_comp_id 
_struct_sheet_range.beg_label_asym_id 
_struct_sheet_range.beg_label_seq_id 
_struct_sheet_range.pdbx_beg_PDB_ins_code 
_struct_sheet_range.end_label_comp_id 
_struct_sheet_range.end_label_asym_id 
_struct_sheet_range.end_label_seq_id 
_struct_sheet_range.pdbx_end_PDB_ins_code 
_struct_sheet_range.beg_auth_comp_id 
_struct_sheet_range.beg_auth_asym_id 
_struct_sheet_range.beg_auth_seq_id 
_struct_sheet_range.end_auth_comp_id 
_struct_sheet_range.end_auth_asym_id 
_struct_sheet_range.end_auth_seq_id 
SA1 1 SER A 17 ? THR A 19 ? SER A 14 THR A 16 
SA1 2 ILE A 23 ? CYS A 25 ? ILE A 20 CYS A 22 
SA2 1 GLN A 26 ? TRP A 28 ? GLN A 23 TRP A 25 
SA2 2 GLU A 50 ? TYR A 52 ? GLU A 47 TYR A 49 
SB1 1 SER B 17 ? THR B 19 ? SER B 14 THR B 16 
SB1 2 ILE B 23 ? CYS B 25 ? ILE B 20 CYS B 22 
SB2 1 GLN B 26 ? TRP B 28 ? GLN B 23 TRP B 25 
SB2 2 GLU B 50 ? TYR B 52 ? GLU B 47 TYR B 49 
# 
loop_
_struct_site.id 
_struct_site.pdbx_evidence_code 
_struct_site.pdbx_auth_asym_id 
_struct_site.pdbx_auth_comp_id 
_struct_site.pdbx_auth_seq_id 
_struct_site.pdbx_auth_ins_code 
_struct_site.pdbx_num_residues 
_struct_site.details 
AC1 Software A ACA 90 ? 7 'BINDING SITE FOR RESIDUE ACA A 90' 
AC2 Software B ACA 90 ? 9 'BINDING SITE FOR RESIDUE ACA B 90' 
# 
loop_
_struct_site_gen.id 
_struct_site_gen.site_id 
_struct_site_gen.pdbx_num_res 
_struct_site_gen.label_comp_id 
_struct_site_gen.label_asym_id 
_struct_site_gen.label_seq_id 
_struct_site_gen.pdbx_auth_ins_code 
_struct_site_gen.auth_comp_id 
_struct_site_gen.auth_asym_id 
_struct_site_gen.auth_seq_id 
_struct_site_gen.label_atom_id 
_struct_site_gen.label_alt_id 
_struct_site_gen.symmetry 
_struct_site_gen.details 
1  AC1 7 ARG A 37 ? ARG A 34 . ? 1_555 ? 
2  AC1 7 ASP A 57 ? ASP A 54 . ? 1_555 ? 
3  AC1 7 ASP A 59 ? ASP A 56 . ? 1_555 ? 
4  AC1 7 TRP A 64 ? TRP A 61 . ? 1_555 ? 
5  AC1 7 TYR A 66 ? TYR A 63 . ? 1_555 ? 
6  AC1 7 ARG A 73 ? ARG A 70 . ? 1_555 ? 
7  AC1 7 THR B 15 ? THR B 12 . ? 1_555 ? 
8  AC2 9 THR A 15 ? THR A 12 . ? 1_554 ? 
9  AC2 9 ARG B 37 ? ARG B 34 . ? 1_555 ? 
10 AC2 9 PHE B 38 ? PHE B 35 . ? 1_555 ? 
11 AC2 9 ASP B 57 ? ASP B 54 . ? 1_555 ? 
12 AC2 9 ASP B 59 ? ASP B 56 . ? 1_555 ? 
13 AC2 9 TRP B 64 ? TRP B 61 . ? 1_555 ? 
14 AC2 9 TYR B 66 ? TYR B 63 . ? 1_555 ? 
15 AC2 9 ARG B 73 ? ARG B 70 . ? 1_555 ? 
16 AC2 9 TYR B 74 ? TYR B 71 . ? 1_555 ? 
# 
_pdbx_entry_details.entry_id                   1CEA 
_pdbx_entry_details.compound_details           ? 
_pdbx_entry_details.source_details             ? 
_pdbx_entry_details.nonpolymer_details         ? 
_pdbx_entry_details.sequence_details           ? 
_pdbx_entry_details.has_ligand_of_interest     ? 
_pdbx_entry_details.has_protein_modification   Y 
# 
_pdbx_validate_close_contact.id               1 
_pdbx_validate_close_contact.PDB_model_num    1 
_pdbx_validate_close_contact.auth_atom_id_1   OD1 
_pdbx_validate_close_contact.auth_asym_id_1   A 
_pdbx_validate_close_contact.auth_comp_id_1   ASN 
_pdbx_validate_close_contact.auth_seq_id_1    18 
_pdbx_validate_close_contact.PDB_ins_code_1   ? 
_pdbx_validate_close_contact.label_alt_id_1   ? 
_pdbx_validate_close_contact.auth_atom_id_2   OD2 
_pdbx_validate_close_contact.auth_asym_id_2   A 
_pdbx_validate_close_contact.auth_comp_id_2   ASP 
_pdbx_validate_close_contact.auth_seq_id_2    72 
_pdbx_validate_close_contact.PDB_ins_code_2   ? 
_pdbx_validate_close_contact.label_alt_id_2   ? 
_pdbx_validate_close_contact.dist             2.19 
# 
_pdbx_validate_rmsd_bond.id                        1 
_pdbx_validate_rmsd_bond.PDB_model_num             1 
_pdbx_validate_rmsd_bond.auth_atom_id_1            CG 
_pdbx_validate_rmsd_bond.auth_asym_id_1            A 
_pdbx_validate_rmsd_bond.auth_comp_id_1            GLU 
_pdbx_validate_rmsd_bond.auth_seq_id_1             46 
_pdbx_validate_rmsd_bond.PDB_ins_code_1            ? 
_pdbx_validate_rmsd_bond.label_alt_id_1            ? 
_pdbx_validate_rmsd_bond.auth_atom_id_2            CD 
_pdbx_validate_rmsd_bond.auth_asym_id_2            A 
_pdbx_validate_rmsd_bond.auth_comp_id_2            GLU 
_pdbx_validate_rmsd_bond.auth_seq_id_2             46 
_pdbx_validate_rmsd_bond.PDB_ins_code_2            ? 
_pdbx_validate_rmsd_bond.label_alt_id_2            ? 
_pdbx_validate_rmsd_bond.bond_value                1.607 
_pdbx_validate_rmsd_bond.bond_target_value         1.515 
_pdbx_validate_rmsd_bond.bond_deviation            0.092 
_pdbx_validate_rmsd_bond.bond_standard_deviation   0.015 
_pdbx_validate_rmsd_bond.linker_flag               N 
# 
loop_
_pdbx_validate_rmsd_angle.id 
_pdbx_validate_rmsd_angle.PDB_model_num 
_pdbx_validate_rmsd_angle.auth_atom_id_1 
_pdbx_validate_rmsd_angle.auth_asym_id_1 
_pdbx_validate_rmsd_angle.auth_comp_id_1 
_pdbx_validate_rmsd_angle.auth_seq_id_1 
_pdbx_validate_rmsd_angle.PDB_ins_code_1 
_pdbx_validate_rmsd_angle.label_alt_id_1 
_pdbx_validate_rmsd_angle.auth_atom_id_2 
_pdbx_validate_rmsd_angle.auth_asym_id_2 
_pdbx_validate_rmsd_angle.auth_comp_id_2 
_pdbx_validate_rmsd_angle.auth_seq_id_2 
_pdbx_validate_rmsd_angle.PDB_ins_code_2 
_pdbx_validate_rmsd_angle.label_alt_id_2 
_pdbx_validate_rmsd_angle.auth_atom_id_3 
_pdbx_validate_rmsd_angle.auth_asym_id_3 
_pdbx_validate_rmsd_angle.auth_comp_id_3 
_pdbx_validate_rmsd_angle.auth_seq_id_3 
_pdbx_validate_rmsd_angle.PDB_ins_code_3 
_pdbx_validate_rmsd_angle.label_alt_id_3 
_pdbx_validate_rmsd_angle.angle_value 
_pdbx_validate_rmsd_angle.angle_target_value 
_pdbx_validate_rmsd_angle.angle_deviation 
_pdbx_validate_rmsd_angle.angle_standard_deviation 
_pdbx_validate_rmsd_angle.linker_flag 
1  1 CA  A GLU 1  A ? CB  A GLU 1  A ? CG  A GLU 1  A ? 135.15 113.40 21.75  2.20 N 
2  1 CB  A LYS 2  ? ? CA  A LYS 2  ? ? C   A LYS 2  ? ? 97.21  110.40 -13.19 2.00 N 
3  1 CD  A ARG 10 ? ? NE  A ARG 10 ? ? CZ  A ARG 10 ? ? 147.71 123.60 24.11  1.40 N 
4  1 NE  A ARG 10 ? ? CZ  A ARG 10 ? ? NH1 A ARG 10 ? ? 125.17 120.30 4.87   0.50 N 
5  1 NE  A ARG 10 ? ? CZ  A ARG 10 ? ? NH2 A ARG 10 ? ? 113.45 120.30 -6.85  0.50 N 
6  1 N   A SER 14 ? ? CA  A SER 14 ? ? CB  A SER 14 ? ? 101.44 110.50 -9.06  1.50 N 
7  1 CB  A SER 27 ? ? CA  A SER 27 ? ? C   A SER 27 ? ? 124.41 110.10 14.31  1.90 N 
8  1 CD  A ARG 32 ? ? NE  A ARG 32 ? ? CZ  A ARG 32 ? ? 137.29 123.60 13.69  1.40 N 
9  1 N   A THR 39 ? ? CA  A THR 39 ? ? CB  A THR 39 ? ? 97.74  110.30 -12.56 1.90 N 
10 1 CA  A THR 39 ? ? CB  A THR 39 ? ? CG2 A THR 39 ? ? 124.46 112.40 12.06  1.40 N 
11 1 OE1 A GLU 46 ? ? CD  A GLU 46 ? ? OE2 A GLU 46 ? ? 115.17 123.30 -8.13  1.20 N 
12 1 NE  A ARG 51 ? ? CZ  A ARG 51 ? ? NH1 A ARG 51 ? ? 125.72 120.30 5.42   0.50 N 
13 1 CB  A TYR 63 ? ? CG  A TYR 63 ? ? CD1 A TYR 63 ? ? 117.29 121.00 -3.71  0.60 N 
14 1 C   A TYR 63 ? ? N   A THR 64 ? ? CA  A THR 64 ? ? 140.33 121.70 18.63  2.50 Y 
15 1 CB  A ASP 66 ? ? CG  A ASP 66 ? ? OD2 A ASP 66 ? ? 127.29 118.30 8.99   0.90 N 
16 1 CD  A ARG 70 ? ? NE  A ARG 70 ? ? CZ  A ARG 70 ? ? 133.20 123.60 9.60   1.40 N 
17 1 NE  A ARG 70 ? ? CZ  A ARG 70 ? ? NH1 A ARG 70 ? ? 128.25 120.30 7.95   0.50 N 
18 1 CB  A TYR 71 ? ? CG  A TYR 71 ? ? CD2 A TYR 71 ? ? 117.20 121.00 -3.80  0.60 N 
19 1 CB  A TYR 73 ? ? CG  A TYR 73 ? ? CD2 A TYR 73 ? ? 114.28 121.00 -6.72  0.60 N 
20 1 CB  A ASP 75 ? ? CG  A ASP 75 ? ? OD2 A ASP 75 ? ? 109.22 118.30 -9.08  0.90 N 
21 1 CB  A LEU 77 ? ? CA  A LEU 77 ? ? C   A LEU 77 ? ? 125.76 110.20 15.56  1.90 N 
22 1 CA  A CYS 79 ? ? CB  A CYS 79 ? ? SG  A CYS 79 ? ? 123.16 114.20 8.96   1.10 N 
23 1 CB  B ASN 8  ? ? CG  B ASN 8  ? ? OD1 B ASN 8  ? ? 108.70 121.60 -12.90 2.00 N 
24 1 CG  B TYR 9  ? ? CD2 B TYR 9  ? ? CE2 B TYR 9  ? ? 126.36 121.30 5.06   0.80 N 
25 1 CZ  B TYR 9  ? ? CE2 B TYR 9  ? ? CD2 B TYR 9  ? ? 114.15 119.80 -5.65  0.90 N 
26 1 CD  B ARG 10 ? ? NE  B ARG 10 ? ? CZ  B ARG 10 ? ? 138.82 123.60 15.22  1.40 N 
27 1 NE  B ARG 10 ? ? CZ  B ARG 10 ? ? NH1 B ARG 10 ? ? 130.45 120.30 10.15  0.50 N 
28 1 NE  B ARG 10 ? ? CZ  B ARG 10 ? ? NH2 B ARG 10 ? ? 107.77 120.30 -12.53 0.50 N 
29 1 C   B ARG 10 ? ? N   B GLY 11 ? ? CA  B GLY 11 ? ? 136.26 122.30 13.96  2.10 Y 
30 1 CA  B MET 13 ? ? CB  B MET 13 ? ? CG  B MET 13 ? ? 126.04 113.30 12.74  1.70 N 
31 1 O   B CYS 22 ? ? C   B CYS 22 ? ? N   B GLN 23 ? ? 136.91 122.70 14.21  1.60 Y 
32 1 N   B SER 27 ? ? CA  B SER 27 ? ? CB  B SER 27 ? ? 99.33  110.50 -11.17 1.50 N 
33 1 NE  B ARG 32 ? ? CZ  B ARG 32 ? ? NH1 B ARG 32 ? ? 117.02 120.30 -3.28  0.50 N 
34 1 NE  B ARG 34 ? ? CZ  B ARG 34 ? ? NH1 B ARG 34 ? ? 130.25 120.30 9.95   0.50 N 
35 1 NE  B ARG 34 ? ? CZ  B ARG 34 ? ? NH2 B ARG 34 ? ? 111.29 120.30 -9.01  0.50 N 
36 1 N   B THR 39 ? ? CA  B THR 39 ? ? CB  B THR 39 ? ? 95.70  110.30 -14.60 1.90 N 
37 1 OG1 B THR 39 ? ? CB  B THR 39 ? ? CG2 B THR 39 ? ? 124.24 110.00 14.24  2.30 N 
38 1 C   B LEU 45 ? ? N   B GLU 46 ? ? CA  B GLU 46 ? ? 139.54 121.70 17.84  2.50 Y 
39 1 CB  B GLU 46 ? ? CG  B GLU 46 ? ? CD  B GLU 46 ? ? 134.72 114.20 20.52  2.70 N 
40 1 OE1 B GLU 46 ? ? CD  B GLU 46 ? ? OE2 B GLU 46 ? ? 115.74 123.30 -7.56  1.20 N 
41 1 CG  B GLU 46 ? ? CD  B GLU 46 ? ? OE1 B GLU 46 ? ? 133.22 118.30 14.92  2.00 N 
42 1 CB  B TYR 49 ? ? CG  B TYR 49 ? ? CD2 B TYR 49 ? ? 116.54 121.00 -4.46  0.60 N 
43 1 NE  B ARG 51 ? ? CZ  B ARG 51 ? ? NH1 B ARG 51 ? ? 127.70 120.30 7.40   0.50 N 
44 1 NE  B ARG 51 ? ? CZ  B ARG 51 ? ? NH2 B ARG 51 ? ? 113.06 120.30 -7.24  0.50 N 
45 1 CB  B ASP 56 ? ? CG  B ASP 56 ? ? OD1 B ASP 56 ? ? 127.05 118.30 8.75   0.90 N 
46 1 NE  B ARG 70 ? ? CZ  B ARG 70 ? ? NH2 B ARG 70 ? ? 124.55 120.30 4.25   0.50 N 
47 1 CB  B TYR 73 ? ? CG  B TYR 73 ? ? CD2 B TYR 73 ? ? 117.22 121.00 -3.78  0.60 N 
48 1 CB  B ASP 75 ? ? CA  B ASP 75 ? ? C   B ASP 75 ? ? 93.98  110.40 -16.42 2.00 N 
49 1 OD1 B ASP 75 ? ? CG  B ASP 75 ? ? OD2 B ASP 75 ? ? 139.71 123.30 16.41  1.90 N 
50 1 CB  B ASP 75 ? ? CG  B ASP 75 ? ? OD1 B ASP 75 ? ? 110.89 118.30 -7.41  0.90 N 
51 1 CB  B ASP 75 ? ? CG  B ASP 75 ? ? OD2 B ASP 75 ? ? 109.23 118.30 -9.07  0.90 N 
# 
loop_
_pdbx_validate_torsion.id 
_pdbx_validate_torsion.PDB_model_num 
_pdbx_validate_torsion.auth_comp_id 
_pdbx_validate_torsion.auth_asym_id 
_pdbx_validate_torsion.auth_seq_id 
_pdbx_validate_torsion.PDB_ins_code 
_pdbx_validate_torsion.label_alt_id 
_pdbx_validate_torsion.phi 
_pdbx_validate_torsion.psi 
1 1 ARG A 10 ? ? -142.23 45.37   
2 1 GLU A 47 ? ? 39.33   -128.97 
3 1 GLU B 47 ? ? 54.57   -127.39 
# 
loop_
_pdbx_validate_planes.id 
_pdbx_validate_planes.PDB_model_num 
_pdbx_validate_planes.auth_comp_id 
_pdbx_validate_planes.auth_asym_id 
_pdbx_validate_planes.auth_seq_id 
_pdbx_validate_planes.PDB_ins_code 
_pdbx_validate_planes.label_alt_id 
_pdbx_validate_planes.rmsd 
_pdbx_validate_planes.type 
1 1 TYR A 9  ? ? 0.059 'SIDE CHAIN' 
2 1 ASN A 48 ? ? 0.073 'SIDE CHAIN' 
# 
loop_
_pdbx_validate_main_chain_plane.id 
_pdbx_validate_main_chain_plane.PDB_model_num 
_pdbx_validate_main_chain_plane.auth_comp_id 
_pdbx_validate_main_chain_plane.auth_asym_id 
_pdbx_validate_main_chain_plane.auth_seq_id 
_pdbx_validate_main_chain_plane.PDB_ins_code 
_pdbx_validate_main_chain_plane.label_alt_id 
_pdbx_validate_main_chain_plane.improper_torsion_angle 
1  1 GLU A 1  A ? -11.17 
2  1 GLY A 6  ? ? 12.21  
3  1 THR A 28 ? ? -10.91 
4  1 GLN A 58 ? ? 11.80  
5  1 THR A 65 ? ? 11.39  
6  1 ARG B 10 ? ? -12.93 
7  1 TRP B 25 ? ? 10.35  
8  1 PRO B 30 ? ? 10.58  
9  1 GLU B 47 ? ? 11.52  
10 1 TYR B 49 ? ? -12.11 
11 1 ARG B 70 ? ? -10.55 
# 
loop_
_pdbx_unobs_or_zero_occ_residues.id 
_pdbx_unobs_or_zero_occ_residues.PDB_model_num 
_pdbx_unobs_or_zero_occ_residues.polymer_flag 
_pdbx_unobs_or_zero_occ_residues.occupancy_flag 
_pdbx_unobs_or_zero_occ_residues.auth_asym_id 
_pdbx_unobs_or_zero_occ_residues.auth_comp_id 
_pdbx_unobs_or_zero_occ_residues.auth_seq_id 
_pdbx_unobs_or_zero_occ_residues.PDB_ins_code 
_pdbx_unobs_or_zero_occ_residues.label_asym_id 
_pdbx_unobs_or_zero_occ_residues.label_comp_id 
_pdbx_unobs_or_zero_occ_residues.label_seq_id 
1  1 Y 1 A LEU -1 ? A LEU 1  
2  1 Y 1 A SER 0  ? A SER 2  
3  1 Y 1 A GLU 80 ? A GLU 83 
4  1 Y 1 A GLU 81 ? A GLU 84 
5  1 Y 1 A GLU 82 ? A GLU 85 
6  1 Y 1 A CYS 83 ? A CYS 86 
7  1 Y 1 A MET 84 ? A MET 87 
8  1 Y 1 A HIS 85 ? A HIS 88 
9  1 Y 1 B LEU -1 ? B LEU 1  
10 1 Y 1 B SER 0  ? B SER 2  
11 1 Y 1 B GLU 80 ? B GLU 83 
12 1 Y 1 B GLU 81 ? B GLU 84 
13 1 Y 1 B GLU 82 ? B GLU 85 
14 1 Y 1 B CYS 83 ? B CYS 86 
15 1 Y 1 B MET 84 ? B MET 87 
16 1 Y 1 B HIS 85 ? B HIS 88 
# 
loop_
_chem_comp_atom.comp_id 
_chem_comp_atom.atom_id 
_chem_comp_atom.type_symbol 
_chem_comp_atom.pdbx_aromatic_flag 
_chem_comp_atom.pdbx_stereo_config 
_chem_comp_atom.pdbx_ordinal 
ACA C    C N N 1   
ACA O    O N N 2   
ACA OXT  O N N 3   
ACA C2   C N N 4   
ACA C3   C N N 5   
ACA C4   C N N 6   
ACA C5   C N N 7   
ACA C6   C N N 8   
ACA N    N N N 9   
ACA HXT  H N N 10  
ACA H21  H N N 11  
ACA H22  H N N 12  
ACA H31  H N N 13  
ACA H32  H N N 14  
ACA H41  H N N 15  
ACA H42  H N N 16  
ACA H51  H N N 17  
ACA H52  H N N 18  
ACA H61  H N N 19  
ACA H62  H N N 20  
ACA H    H N N 21  
ACA H2   H N N 22  
ALA N    N N N 23  
ALA CA   C N S 24  
ALA C    C N N 25  
ALA O    O N N 26  
ALA CB   C N N 27  
ALA OXT  O N N 28  
ALA H    H N N 29  
ALA H2   H N N 30  
ALA HA   H N N 31  
ALA HB1  H N N 32  
ALA HB2  H N N 33  
ALA HB3  H N N 34  
ALA HXT  H N N 35  
ARG N    N N N 36  
ARG CA   C N S 37  
ARG C    C N N 38  
ARG O    O N N 39  
ARG CB   C N N 40  
ARG CG   C N N 41  
ARG CD   C N N 42  
ARG NE   N N N 43  
ARG CZ   C N N 44  
ARG NH1  N N N 45  
ARG NH2  N N N 46  
ARG OXT  O N N 47  
ARG H    H N N 48  
ARG H2   H N N 49  
ARG HA   H N N 50  
ARG HB2  H N N 51  
ARG HB3  H N N 52  
ARG HG2  H N N 53  
ARG HG3  H N N 54  
ARG HD2  H N N 55  
ARG HD3  H N N 56  
ARG HE   H N N 57  
ARG HH11 H N N 58  
ARG HH12 H N N 59  
ARG HH21 H N N 60  
ARG HH22 H N N 61  
ARG HXT  H N N 62  
ASN N    N N N 63  
ASN CA   C N S 64  
ASN C    C N N 65  
ASN O    O N N 66  
ASN CB   C N N 67  
ASN CG   C N N 68  
ASN OD1  O N N 69  
ASN ND2  N N N 70  
ASN OXT  O N N 71  
ASN H    H N N 72  
ASN H2   H N N 73  
ASN HA   H N N 74  
ASN HB2  H N N 75  
ASN HB3  H N N 76  
ASN HD21 H N N 77  
ASN HD22 H N N 78  
ASN HXT  H N N 79  
ASP N    N N N 80  
ASP CA   C N S 81  
ASP C    C N N 82  
ASP O    O N N 83  
ASP CB   C N N 84  
ASP CG   C N N 85  
ASP OD1  O N N 86  
ASP OD2  O N N 87  
ASP OXT  O N N 88  
ASP H    H N N 89  
ASP H2   H N N 90  
ASP HA   H N N 91  
ASP HB2  H N N 92  
ASP HB3  H N N 93  
ASP HD2  H N N 94  
ASP HXT  H N N 95  
CYS N    N N N 96  
CYS CA   C N R 97  
CYS C    C N N 98  
CYS O    O N N 99  
CYS CB   C N N 100 
CYS SG   S N N 101 
CYS OXT  O N N 102 
CYS H    H N N 103 
CYS H2   H N N 104 
CYS HA   H N N 105 
CYS HB2  H N N 106 
CYS HB3  H N N 107 
CYS HG   H N N 108 
CYS HXT  H N N 109 
GLN N    N N N 110 
GLN CA   C N S 111 
GLN C    C N N 112 
GLN O    O N N 113 
GLN CB   C N N 114 
GLN CG   C N N 115 
GLN CD   C N N 116 
GLN OE1  O N N 117 
GLN NE2  N N N 118 
GLN OXT  O N N 119 
GLN H    H N N 120 
GLN H2   H N N 121 
GLN HA   H N N 122 
GLN HB2  H N N 123 
GLN HB3  H N N 124 
GLN HG2  H N N 125 
GLN HG3  H N N 126 
GLN HE21 H N N 127 
GLN HE22 H N N 128 
GLN HXT  H N N 129 
GLU N    N N N 130 
GLU CA   C N S 131 
GLU C    C N N 132 
GLU O    O N N 133 
GLU CB   C N N 134 
GLU CG   C N N 135 
GLU CD   C N N 136 
GLU OE1  O N N 137 
GLU OE2  O N N 138 
GLU OXT  O N N 139 
GLU H    H N N 140 
GLU H2   H N N 141 
GLU HA   H N N 142 
GLU HB2  H N N 143 
GLU HB3  H N N 144 
GLU HG2  H N N 145 
GLU HG3  H N N 146 
GLU HE2  H N N 147 
GLU HXT  H N N 148 
GLY N    N N N 149 
GLY CA   C N N 150 
GLY C    C N N 151 
GLY O    O N N 152 
GLY OXT  O N N 153 
GLY H    H N N 154 
GLY H2   H N N 155 
GLY HA2  H N N 156 
GLY HA3  H N N 157 
GLY HXT  H N N 158 
HIS N    N N N 159 
HIS CA   C N S 160 
HIS C    C N N 161 
HIS O    O N N 162 
HIS CB   C N N 163 
HIS CG   C Y N 164 
HIS ND1  N Y N 165 
HIS CD2  C Y N 166 
HIS CE1  C Y N 167 
HIS NE2  N Y N 168 
HIS OXT  O N N 169 
HIS H    H N N 170 
HIS H2   H N N 171 
HIS HA   H N N 172 
HIS HB2  H N N 173 
HIS HB3  H N N 174 
HIS HD1  H N N 175 
HIS HD2  H N N 176 
HIS HE1  H N N 177 
HIS HE2  H N N 178 
HIS HXT  H N N 179 
HOH O    O N N 180 
HOH H1   H N N 181 
HOH H2   H N N 182 
ILE N    N N N 183 
ILE CA   C N S 184 
ILE C    C N N 185 
ILE O    O N N 186 
ILE CB   C N S 187 
ILE CG1  C N N 188 
ILE CG2  C N N 189 
ILE CD1  C N N 190 
ILE OXT  O N N 191 
ILE H    H N N 192 
ILE H2   H N N 193 
ILE HA   H N N 194 
ILE HB   H N N 195 
ILE HG12 H N N 196 
ILE HG13 H N N 197 
ILE HG21 H N N 198 
ILE HG22 H N N 199 
ILE HG23 H N N 200 
ILE HD11 H N N 201 
ILE HD12 H N N 202 
ILE HD13 H N N 203 
ILE HXT  H N N 204 
LEU N    N N N 205 
LEU CA   C N S 206 
LEU C    C N N 207 
LEU O    O N N 208 
LEU CB   C N N 209 
LEU CG   C N N 210 
LEU CD1  C N N 211 
LEU CD2  C N N 212 
LEU OXT  O N N 213 
LEU H    H N N 214 
LEU H2   H N N 215 
LEU HA   H N N 216 
LEU HB2  H N N 217 
LEU HB3  H N N 218 
LEU HG   H N N 219 
LEU HD11 H N N 220 
LEU HD12 H N N 221 
LEU HD13 H N N 222 
LEU HD21 H N N 223 
LEU HD22 H N N 224 
LEU HD23 H N N 225 
LEU HXT  H N N 226 
LYS N    N N N 227 
LYS CA   C N S 228 
LYS C    C N N 229 
LYS O    O N N 230 
LYS CB   C N N 231 
LYS CG   C N N 232 
LYS CD   C N N 233 
LYS CE   C N N 234 
LYS NZ   N N N 235 
LYS OXT  O N N 236 
LYS H    H N N 237 
LYS H2   H N N 238 
LYS HA   H N N 239 
LYS HB2  H N N 240 
LYS HB3  H N N 241 
LYS HG2  H N N 242 
LYS HG3  H N N 243 
LYS HD2  H N N 244 
LYS HD3  H N N 245 
LYS HE2  H N N 246 
LYS HE3  H N N 247 
LYS HZ1  H N N 248 
LYS HZ2  H N N 249 
LYS HZ3  H N N 250 
LYS HXT  H N N 251 
MET N    N N N 252 
MET CA   C N S 253 
MET C    C N N 254 
MET O    O N N 255 
MET CB   C N N 256 
MET CG   C N N 257 
MET SD   S N N 258 
MET CE   C N N 259 
MET OXT  O N N 260 
MET H    H N N 261 
MET H2   H N N 262 
MET HA   H N N 263 
MET HB2  H N N 264 
MET HB3  H N N 265 
MET HG2  H N N 266 
MET HG3  H N N 267 
MET HE1  H N N 268 
MET HE2  H N N 269 
MET HE3  H N N 270 
MET HXT  H N N 271 
PHE N    N N N 272 
PHE CA   C N S 273 
PHE C    C N N 274 
PHE O    O N N 275 
PHE CB   C N N 276 
PHE CG   C Y N 277 
PHE CD1  C Y N 278 
PHE CD2  C Y N 279 
PHE CE1  C Y N 280 
PHE CE2  C Y N 281 
PHE CZ   C Y N 282 
PHE OXT  O N N 283 
PHE H    H N N 284 
PHE H2   H N N 285 
PHE HA   H N N 286 
PHE HB2  H N N 287 
PHE HB3  H N N 288 
PHE HD1  H N N 289 
PHE HD2  H N N 290 
PHE HE1  H N N 291 
PHE HE2  H N N 292 
PHE HZ   H N N 293 
PHE HXT  H N N 294 
PRO N    N N N 295 
PRO CA   C N S 296 
PRO C    C N N 297 
PRO O    O N N 298 
PRO CB   C N N 299 
PRO CG   C N N 300 
PRO CD   C N N 301 
PRO OXT  O N N 302 
PRO H    H N N 303 
PRO HA   H N N 304 
PRO HB2  H N N 305 
PRO HB3  H N N 306 
PRO HG2  H N N 307 
PRO HG3  H N N 308 
PRO HD2  H N N 309 
PRO HD3  H N N 310 
PRO HXT  H N N 311 
SER N    N N N 312 
SER CA   C N S 313 
SER C    C N N 314 
SER O    O N N 315 
SER CB   C N N 316 
SER OG   O N N 317 
SER OXT  O N N 318 
SER H    H N N 319 
SER H2   H N N 320 
SER HA   H N N 321 
SER HB2  H N N 322 
SER HB3  H N N 323 
SER HG   H N N 324 
SER HXT  H N N 325 
THR N    N N N 326 
THR CA   C N S 327 
THR C    C N N 328 
THR O    O N N 329 
THR CB   C N R 330 
THR OG1  O N N 331 
THR CG2  C N N 332 
THR OXT  O N N 333 
THR H    H N N 334 
THR H2   H N N 335 
THR HA   H N N 336 
THR HB   H N N 337 
THR HG1  H N N 338 
THR HG21 H N N 339 
THR HG22 H N N 340 
THR HG23 H N N 341 
THR HXT  H N N 342 
TRP N    N N N 343 
TRP CA   C N S 344 
TRP C    C N N 345 
TRP O    O N N 346 
TRP CB   C N N 347 
TRP CG   C Y N 348 
TRP CD1  C Y N 349 
TRP CD2  C Y N 350 
TRP NE1  N Y N 351 
TRP CE2  C Y N 352 
TRP CE3  C Y N 353 
TRP CZ2  C Y N 354 
TRP CZ3  C Y N 355 
TRP CH2  C Y N 356 
TRP OXT  O N N 357 
TRP H    H N N 358 
TRP H2   H N N 359 
TRP HA   H N N 360 
TRP HB2  H N N 361 
TRP HB3  H N N 362 
TRP HD1  H N N 363 
TRP HE1  H N N 364 
TRP HE3  H N N 365 
TRP HZ2  H N N 366 
TRP HZ3  H N N 367 
TRP HH2  H N N 368 
TRP HXT  H N N 369 
TYR N    N N N 370 
TYR CA   C N S 371 
TYR C    C N N 372 
TYR O    O N N 373 
TYR CB   C N N 374 
TYR CG   C Y N 375 
TYR CD1  C Y N 376 
TYR CD2  C Y N 377 
TYR CE1  C Y N 378 
TYR CE2  C Y N 379 
TYR CZ   C Y N 380 
TYR OH   O N N 381 
TYR OXT  O N N 382 
TYR H    H N N 383 
TYR H2   H N N 384 
TYR HA   H N N 385 
TYR HB2  H N N 386 
TYR HB3  H N N 387 
TYR HD1  H N N 388 
TYR HD2  H N N 389 
TYR HE1  H N N 390 
TYR HE2  H N N 391 
TYR HH   H N N 392 
TYR HXT  H N N 393 
# 
loop_
_chem_comp_bond.comp_id 
_chem_comp_bond.atom_id_1 
_chem_comp_bond.atom_id_2 
_chem_comp_bond.value_order 
_chem_comp_bond.pdbx_aromatic_flag 
_chem_comp_bond.pdbx_stereo_config 
_chem_comp_bond.pdbx_ordinal 
ACA C   O    doub N N 1   
ACA C   OXT  sing N N 2   
ACA C   C2   sing N N 3   
ACA OXT HXT  sing N N 4   
ACA C2  C3   sing N N 5   
ACA C2  H21  sing N N 6   
ACA C2  H22  sing N N 7   
ACA C3  C4   sing N N 8   
ACA C3  H31  sing N N 9   
ACA C3  H32  sing N N 10  
ACA C4  C5   sing N N 11  
ACA C4  H41  sing N N 12  
ACA C4  H42  sing N N 13  
ACA C5  C6   sing N N 14  
ACA C5  H51  sing N N 15  
ACA C5  H52  sing N N 16  
ACA C6  N    sing N N 17  
ACA C6  H61  sing N N 18  
ACA C6  H62  sing N N 19  
ACA N   H    sing N N 20  
ACA N   H2   sing N N 21  
ALA N   CA   sing N N 22  
ALA N   H    sing N N 23  
ALA N   H2   sing N N 24  
ALA CA  C    sing N N 25  
ALA CA  CB   sing N N 26  
ALA CA  HA   sing N N 27  
ALA C   O    doub N N 28  
ALA C   OXT  sing N N 29  
ALA CB  HB1  sing N N 30  
ALA CB  HB2  sing N N 31  
ALA CB  HB3  sing N N 32  
ALA OXT HXT  sing N N 33  
ARG N   CA   sing N N 34  
ARG N   H    sing N N 35  
ARG N   H2   sing N N 36  
ARG CA  C    sing N N 37  
ARG CA  CB   sing N N 38  
ARG CA  HA   sing N N 39  
ARG C   O    doub N N 40  
ARG C   OXT  sing N N 41  
ARG CB  CG   sing N N 42  
ARG CB  HB2  sing N N 43  
ARG CB  HB3  sing N N 44  
ARG CG  CD   sing N N 45  
ARG CG  HG2  sing N N 46  
ARG CG  HG3  sing N N 47  
ARG CD  NE   sing N N 48  
ARG CD  HD2  sing N N 49  
ARG CD  HD3  sing N N 50  
ARG NE  CZ   sing N N 51  
ARG NE  HE   sing N N 52  
ARG CZ  NH1  sing N N 53  
ARG CZ  NH2  doub N N 54  
ARG NH1 HH11 sing N N 55  
ARG NH1 HH12 sing N N 56  
ARG NH2 HH21 sing N N 57  
ARG NH2 HH22 sing N N 58  
ARG OXT HXT  sing N N 59  
ASN N   CA   sing N N 60  
ASN N   H    sing N N 61  
ASN N   H2   sing N N 62  
ASN CA  C    sing N N 63  
ASN CA  CB   sing N N 64  
ASN CA  HA   sing N N 65  
ASN C   O    doub N N 66  
ASN C   OXT  sing N N 67  
ASN CB  CG   sing N N 68  
ASN CB  HB2  sing N N 69  
ASN CB  HB3  sing N N 70  
ASN CG  OD1  doub N N 71  
ASN CG  ND2  sing N N 72  
ASN ND2 HD21 sing N N 73  
ASN ND2 HD22 sing N N 74  
ASN OXT HXT  sing N N 75  
ASP N   CA   sing N N 76  
ASP N   H    sing N N 77  
ASP N   H2   sing N N 78  
ASP CA  C    sing N N 79  
ASP CA  CB   sing N N 80  
ASP CA  HA   sing N N 81  
ASP C   O    doub N N 82  
ASP C   OXT  sing N N 83  
ASP CB  CG   sing N N 84  
ASP CB  HB2  sing N N 85  
ASP CB  HB3  sing N N 86  
ASP CG  OD1  doub N N 87  
ASP CG  OD2  sing N N 88  
ASP OD2 HD2  sing N N 89  
ASP OXT HXT  sing N N 90  
CYS N   CA   sing N N 91  
CYS N   H    sing N N 92  
CYS N   H2   sing N N 93  
CYS CA  C    sing N N 94  
CYS CA  CB   sing N N 95  
CYS CA  HA   sing N N 96  
CYS C   O    doub N N 97  
CYS C   OXT  sing N N 98  
CYS CB  SG   sing N N 99  
CYS CB  HB2  sing N N 100 
CYS CB  HB3  sing N N 101 
CYS SG  HG   sing N N 102 
CYS OXT HXT  sing N N 103 
GLN N   CA   sing N N 104 
GLN N   H    sing N N 105 
GLN N   H2   sing N N 106 
GLN CA  C    sing N N 107 
GLN CA  CB   sing N N 108 
GLN CA  HA   sing N N 109 
GLN C   O    doub N N 110 
GLN C   OXT  sing N N 111 
GLN CB  CG   sing N N 112 
GLN CB  HB2  sing N N 113 
GLN CB  HB3  sing N N 114 
GLN CG  CD   sing N N 115 
GLN CG  HG2  sing N N 116 
GLN CG  HG3  sing N N 117 
GLN CD  OE1  doub N N 118 
GLN CD  NE2  sing N N 119 
GLN NE2 HE21 sing N N 120 
GLN NE2 HE22 sing N N 121 
GLN OXT HXT  sing N N 122 
GLU N   CA   sing N N 123 
GLU N   H    sing N N 124 
GLU N   H2   sing N N 125 
GLU CA  C    sing N N 126 
GLU CA  CB   sing N N 127 
GLU CA  HA   sing N N 128 
GLU C   O    doub N N 129 
GLU C   OXT  sing N N 130 
GLU CB  CG   sing N N 131 
GLU CB  HB2  sing N N 132 
GLU CB  HB3  sing N N 133 
GLU CG  CD   sing N N 134 
GLU CG  HG2  sing N N 135 
GLU CG  HG3  sing N N 136 
GLU CD  OE1  doub N N 137 
GLU CD  OE2  sing N N 138 
GLU OE2 HE2  sing N N 139 
GLU OXT HXT  sing N N 140 
GLY N   CA   sing N N 141 
GLY N   H    sing N N 142 
GLY N   H2   sing N N 143 
GLY CA  C    sing N N 144 
GLY CA  HA2  sing N N 145 
GLY CA  HA3  sing N N 146 
GLY C   O    doub N N 147 
GLY C   OXT  sing N N 148 
GLY OXT HXT  sing N N 149 
HIS N   CA   sing N N 150 
HIS N   H    sing N N 151 
HIS N   H2   sing N N 152 
HIS CA  C    sing N N 153 
HIS CA  CB   sing N N 154 
HIS CA  HA   sing N N 155 
HIS C   O    doub N N 156 
HIS C   OXT  sing N N 157 
HIS CB  CG   sing N N 158 
HIS CB  HB2  sing N N 159 
HIS CB  HB3  sing N N 160 
HIS CG  ND1  sing Y N 161 
HIS CG  CD2  doub Y N 162 
HIS ND1 CE1  doub Y N 163 
HIS ND1 HD1  sing N N 164 
HIS CD2 NE2  sing Y N 165 
HIS CD2 HD2  sing N N 166 
HIS CE1 NE2  sing Y N 167 
HIS CE1 HE1  sing N N 168 
HIS NE2 HE2  sing N N 169 
HIS OXT HXT  sing N N 170 
HOH O   H1   sing N N 171 
HOH O   H2   sing N N 172 
ILE N   CA   sing N N 173 
ILE N   H    sing N N 174 
ILE N   H2   sing N N 175 
ILE CA  C    sing N N 176 
ILE CA  CB   sing N N 177 
ILE CA  HA   sing N N 178 
ILE C   O    doub N N 179 
ILE C   OXT  sing N N 180 
ILE CB  CG1  sing N N 181 
ILE CB  CG2  sing N N 182 
ILE CB  HB   sing N N 183 
ILE CG1 CD1  sing N N 184 
ILE CG1 HG12 sing N N 185 
ILE CG1 HG13 sing N N 186 
ILE CG2 HG21 sing N N 187 
ILE CG2 HG22 sing N N 188 
ILE CG2 HG23 sing N N 189 
ILE CD1 HD11 sing N N 190 
ILE CD1 HD12 sing N N 191 
ILE CD1 HD13 sing N N 192 
ILE OXT HXT  sing N N 193 
LEU N   CA   sing N N 194 
LEU N   H    sing N N 195 
LEU N   H2   sing N N 196 
LEU CA  C    sing N N 197 
LEU CA  CB   sing N N 198 
LEU CA  HA   sing N N 199 
LEU C   O    doub N N 200 
LEU C   OXT  sing N N 201 
LEU CB  CG   sing N N 202 
LEU CB  HB2  sing N N 203 
LEU CB  HB3  sing N N 204 
LEU CG  CD1  sing N N 205 
LEU CG  CD2  sing N N 206 
LEU CG  HG   sing N N 207 
LEU CD1 HD11 sing N N 208 
LEU CD1 HD12 sing N N 209 
LEU CD1 HD13 sing N N 210 
LEU CD2 HD21 sing N N 211 
LEU CD2 HD22 sing N N 212 
LEU CD2 HD23 sing N N 213 
LEU OXT HXT  sing N N 214 
LYS N   CA   sing N N 215 
LYS N   H    sing N N 216 
LYS N   H2   sing N N 217 
LYS CA  C    sing N N 218 
LYS CA  CB   sing N N 219 
LYS CA  HA   sing N N 220 
LYS C   O    doub N N 221 
LYS C   OXT  sing N N 222 
LYS CB  CG   sing N N 223 
LYS CB  HB2  sing N N 224 
LYS CB  HB3  sing N N 225 
LYS CG  CD   sing N N 226 
LYS CG  HG2  sing N N 227 
LYS CG  HG3  sing N N 228 
LYS CD  CE   sing N N 229 
LYS CD  HD2  sing N N 230 
LYS CD  HD3  sing N N 231 
LYS CE  NZ   sing N N 232 
LYS CE  HE2  sing N N 233 
LYS CE  HE3  sing N N 234 
LYS NZ  HZ1  sing N N 235 
LYS NZ  HZ2  sing N N 236 
LYS NZ  HZ3  sing N N 237 
LYS OXT HXT  sing N N 238 
MET N   CA   sing N N 239 
MET N   H    sing N N 240 
MET N   H2   sing N N 241 
MET CA  C    sing N N 242 
MET CA  CB   sing N N 243 
MET CA  HA   sing N N 244 
MET C   O    doub N N 245 
MET C   OXT  sing N N 246 
MET CB  CG   sing N N 247 
MET CB  HB2  sing N N 248 
MET CB  HB3  sing N N 249 
MET CG  SD   sing N N 250 
MET CG  HG2  sing N N 251 
MET CG  HG3  sing N N 252 
MET SD  CE   sing N N 253 
MET CE  HE1  sing N N 254 
MET CE  HE2  sing N N 255 
MET CE  HE3  sing N N 256 
MET OXT HXT  sing N N 257 
PHE N   CA   sing N N 258 
PHE N   H    sing N N 259 
PHE N   H2   sing N N 260 
PHE CA  C    sing N N 261 
PHE CA  CB   sing N N 262 
PHE CA  HA   sing N N 263 
PHE C   O    doub N N 264 
PHE C   OXT  sing N N 265 
PHE CB  CG   sing N N 266 
PHE CB  HB2  sing N N 267 
PHE CB  HB3  sing N N 268 
PHE CG  CD1  doub Y N 269 
PHE CG  CD2  sing Y N 270 
PHE CD1 CE1  sing Y N 271 
PHE CD1 HD1  sing N N 272 
PHE CD2 CE2  doub Y N 273 
PHE CD2 HD2  sing N N 274 
PHE CE1 CZ   doub Y N 275 
PHE CE1 HE1  sing N N 276 
PHE CE2 CZ   sing Y N 277 
PHE CE2 HE2  sing N N 278 
PHE CZ  HZ   sing N N 279 
PHE OXT HXT  sing N N 280 
PRO N   CA   sing N N 281 
PRO N   CD   sing N N 282 
PRO N   H    sing N N 283 
PRO CA  C    sing N N 284 
PRO CA  CB   sing N N 285 
PRO CA  HA   sing N N 286 
PRO C   O    doub N N 287 
PRO C   OXT  sing N N 288 
PRO CB  CG   sing N N 289 
PRO CB  HB2  sing N N 290 
PRO CB  HB3  sing N N 291 
PRO CG  CD   sing N N 292 
PRO CG  HG2  sing N N 293 
PRO CG  HG3  sing N N 294 
PRO CD  HD2  sing N N 295 
PRO CD  HD3  sing N N 296 
PRO OXT HXT  sing N N 297 
SER N   CA   sing N N 298 
SER N   H    sing N N 299 
SER N   H2   sing N N 300 
SER CA  C    sing N N 301 
SER CA  CB   sing N N 302 
SER CA  HA   sing N N 303 
SER C   O    doub N N 304 
SER C   OXT  sing N N 305 
SER CB  OG   sing N N 306 
SER CB  HB2  sing N N 307 
SER CB  HB3  sing N N 308 
SER OG  HG   sing N N 309 
SER OXT HXT  sing N N 310 
THR N   CA   sing N N 311 
THR N   H    sing N N 312 
THR N   H2   sing N N 313 
THR CA  C    sing N N 314 
THR CA  CB   sing N N 315 
THR CA  HA   sing N N 316 
THR C   O    doub N N 317 
THR C   OXT  sing N N 318 
THR CB  OG1  sing N N 319 
THR CB  CG2  sing N N 320 
THR CB  HB   sing N N 321 
THR OG1 HG1  sing N N 322 
THR CG2 HG21 sing N N 323 
THR CG2 HG22 sing N N 324 
THR CG2 HG23 sing N N 325 
THR OXT HXT  sing N N 326 
TRP N   CA   sing N N 327 
TRP N   H    sing N N 328 
TRP N   H2   sing N N 329 
TRP CA  C    sing N N 330 
TRP CA  CB   sing N N 331 
TRP CA  HA   sing N N 332 
TRP C   O    doub N N 333 
TRP C   OXT  sing N N 334 
TRP CB  CG   sing N N 335 
TRP CB  HB2  sing N N 336 
TRP CB  HB3  sing N N 337 
TRP CG  CD1  doub Y N 338 
TRP CG  CD2  sing Y N 339 
TRP CD1 NE1  sing Y N 340 
TRP CD1 HD1  sing N N 341 
TRP CD2 CE2  doub Y N 342 
TRP CD2 CE3  sing Y N 343 
TRP NE1 CE2  sing Y N 344 
TRP NE1 HE1  sing N N 345 
TRP CE2 CZ2  sing Y N 346 
TRP CE3 CZ3  doub Y N 347 
TRP CE3 HE3  sing N N 348 
TRP CZ2 CH2  doub Y N 349 
TRP CZ2 HZ2  sing N N 350 
TRP CZ3 CH2  sing Y N 351 
TRP CZ3 HZ3  sing N N 352 
TRP CH2 HH2  sing N N 353 
TRP OXT HXT  sing N N 354 
TYR N   CA   sing N N 355 
TYR N   H    sing N N 356 
TYR N   H2   sing N N 357 
TYR CA  C    sing N N 358 
TYR CA  CB   sing N N 359 
TYR CA  HA   sing N N 360 
TYR C   O    doub N N 361 
TYR C   OXT  sing N N 362 
TYR CB  CG   sing N N 363 
TYR CB  HB2  sing N N 364 
TYR CB  HB3  sing N N 365 
TYR CG  CD1  doub Y N 366 
TYR CG  CD2  sing Y N 367 
TYR CD1 CE1  sing Y N 368 
TYR CD1 HD1  sing N N 369 
TYR CD2 CE2  doub Y N 370 
TYR CD2 HD2  sing N N 371 
TYR CE1 CZ   doub Y N 372 
TYR CE1 HE1  sing N N 373 
TYR CE2 CZ   sing Y N 374 
TYR CE2 HE2  sing N N 375 
TYR CZ  OH   sing N N 376 
TYR OH  HH   sing N N 377 
TYR OXT HXT  sing N N 378 
# 
_atom_sites.entry_id                    1CEA 
_atom_sites.fract_transf_matrix[1][1]   -0.00870480 
_atom_sites.fract_transf_matrix[1][2]   0.02612445 
_atom_sites.fract_transf_matrix[1][3]   -0.01480119 
_atom_sites.fract_transf_matrix[2][1]   0.00364275 
_atom_sites.fract_transf_matrix[2][2]   0.01028739 
_atom_sites.fract_transf_matrix[2][3]   0.01601513 
_atom_sites.fract_transf_matrix[3][1]   0.01783599 
_atom_sites.fract_transf_matrix[3][2]   0.01029512 
_atom_sites.fract_transf_matrix[3][3]   -0.01067003 
_atom_sites.fract_transf_vector[1]      0.493605 
_atom_sites.fract_transf_vector[2]      0.003370 
_atom_sites.fract_transf_vector[3]      -0.820363 
# 
loop_
_atom_sites_footnote.id 
_atom_sites_footnote.text 
1 'CIS PROLINE - PRO A    30' 
2 'CIS PROLINE - PRO B    30' 
# 
loop_
_atom_type.symbol 
C 
N 
O 
S 
# 
loop_
_atom_site.group_PDB 
_atom_site.id 
_atom_site.type_symbol 
_atom_site.label_atom_id 
_atom_site.label_alt_id 
_atom_site.label_comp_id 
_atom_site.label_asym_id 
_atom_site.label_entity_id 
_atom_site.label_seq_id 
_atom_site.pdbx_PDB_ins_code 
_atom_site.Cartn_x 
_atom_site.Cartn_y 
_atom_site.Cartn_z 
_atom_site.occupancy 
_atom_site.B_iso_or_equiv 
_atom_site.pdbx_formal_charge 
_atom_site.auth_seq_id 
_atom_site.auth_comp_id 
_atom_site.auth_asym_id 
_atom_site.auth_atom_id 
_atom_site.pdbx_PDB_model_num 
ATOM   1    N N   . GLU A 1 3  A 21.069  -5.232  -5.074  1.00 35.97 ? 1   GLU A N   1 
ATOM   2    C CA  . GLU A 1 3  A 20.625  -5.914  -3.852  1.00 35.84 ? 1   GLU A CA  1 
ATOM   3    C C   . GLU A 1 3  A 19.283  -6.611  -4.128  1.00 35.22 ? 1   GLU A C   1 
ATOM   4    O O   . GLU A 1 3  A 18.315  -5.929  -4.542  1.00 37.28 ? 1   GLU A O   1 
ATOM   5    C CB  . GLU A 1 3  A 20.232  -5.077  -2.673  1.00 37.35 ? 1   GLU A CB  1 
ATOM   6    C CG  . GLU A 1 3  A 20.922  -4.596  -1.443  1.00 37.98 ? 1   GLU A CG  1 
ATOM   7    C CD  . GLU A 1 3  A 21.787  -5.724  -0.936  1.00 41.37 ? 1   GLU A CD  1 
ATOM   8    O OE1 . GLU A 1 3  A 22.878  -5.827  -1.469  1.00 41.21 ? 1   GLU A OE1 1 
ATOM   9    O OE2 . GLU A 1 3  A 21.252  -6.429  -0.056  1.00 42.37 ? 1   GLU A OE2 1 
ATOM   10   N N   . CYS A 1 4  ? 19.086  -7.764  -3.548  1.00 33.09 ? 1   CYS A N   1 
ATOM   11   C CA  . CYS A 1 4  ? 17.794  -8.441  -3.747  1.00 30.64 ? 1   CYS A CA  1 
ATOM   12   C C   . CYS A 1 4  ? 16.849  -8.089  -2.603  1.00 28.74 ? 1   CYS A C   1 
ATOM   13   O O   . CYS A 1 4  ? 17.085  -7.432  -1.598  1.00 27.67 ? 1   CYS A O   1 
ATOM   14   C CB  . CYS A 1 4  ? 18.210  -9.876  -3.887  1.00 29.52 ? 1   CYS A CB  1 
ATOM   15   S SG  . CYS A 1 4  ? 19.235  -10.344 -2.516  1.00 29.06 ? 1   CYS A SG  1 
ATOM   16   N N   . LYS A 1 5  ? 15.639  -8.533  -2.758  1.00 28.13 ? 2   LYS A N   1 
ATOM   17   C CA  . LYS A 1 5  ? 14.410  -8.407  -2.019  1.00 27.00 ? 2   LYS A CA  1 
ATOM   18   C C   . LYS A 1 5  ? 13.847  -9.671  -1.402  1.00 26.55 ? 2   LYS A C   1 
ATOM   19   O O   . LYS A 1 5  ? 13.567  -10.527 -2.292  1.00 27.16 ? 2   LYS A O   1 
ATOM   20   C CB  . LYS A 1 5  ? 13.300  -8.214  -3.125  1.00 24.78 ? 2   LYS A CB  1 
ATOM   21   C CG  . LYS A 1 5  ? 12.136  -7.343  -2.689  1.00 26.10 ? 2   LYS A CG  1 
ATOM   22   C CD  . LYS A 1 5  ? 10.837  -7.627  -3.429  1.00 25.54 ? 2   LYS A CD  1 
ATOM   23   C CE  . LYS A 1 5  ? 10.382  -9.036  -3.284  1.00 26.41 ? 2   LYS A CE  1 
ATOM   24   N NZ  . LYS A 1 5  ? 9.409   -9.543  -4.311  1.00 28.42 ? 2   LYS A NZ  1 
ATOM   25   N N   . THR A 1 6  ? 13.466  -9.730  -0.139  1.00 25.43 ? 3   THR A N   1 
ATOM   26   C CA  . THR A 1 6  ? 12.742  -10.976 0.225   1.00 26.18 ? 3   THR A CA  1 
ATOM   27   C C   . THR A 1 6  ? 11.326  -10.594 0.699   1.00 25.33 ? 3   THR A C   1 
ATOM   28   O O   . THR A 1 6  ? 11.140  -9.540  1.289   1.00 24.03 ? 3   THR A O   1 
ATOM   29   C CB  . THR A 1 6  ? 13.500  -11.940 1.209   1.00 26.46 ? 3   THR A CB  1 
ATOM   30   O OG1 . THR A 1 6  ? 12.767  -13.220 1.011   1.00 29.97 ? 3   THR A OG1 1 
ATOM   31   C CG2 . THR A 1 6  ? 13.420  -11.358 2.598   1.00 27.36 ? 3   THR A CG2 1 
ATOM   32   N N   . GLY A 1 7  ? 10.351  -11.397 0.296   1.00 26.37 ? 4   GLY A N   1 
ATOM   33   C CA  . GLY A 1 7  ? 8.911   -11.249 0.576   1.00 26.26 ? 4   GLY A CA  1 
ATOM   34   C C   . GLY A 1 7  ? 8.369   -10.058 -0.224  1.00 26.62 ? 4   GLY A C   1 
ATOM   35   O O   . GLY A 1 7  ? 8.469   -10.084 -1.457  1.00 27.68 ? 4   GLY A O   1 
ATOM   36   N N   . ASN A 1 8  ? 7.911   -9.056  0.464   1.00 25.66 ? 5   ASN A N   1 
ATOM   37   C CA  . ASN A 1 8  ? 7.379   -7.775  0.014   1.00 25.52 ? 5   ASN A CA  1 
ATOM   38   C C   . ASN A 1 8  ? 8.404   -6.629  0.039   1.00 24.72 ? 5   ASN A C   1 
ATOM   39   O O   . ASN A 1 8  ? 8.154   -5.481  -0.372  1.00 25.13 ? 5   ASN A O   1 
ATOM   40   C CB  . ASN A 1 8  ? 6.061   -7.572  0.822   1.00 27.78 ? 5   ASN A CB  1 
ATOM   41   C CG  . ASN A 1 8  ? 6.429   -6.910  2.138   1.00 30.29 ? 5   ASN A CG  1 
ATOM   42   O OD1 . ASN A 1 8  ? 5.912   -5.830  2.466   1.00 30.04 ? 5   ASN A OD1 1 
ATOM   43   N ND2 . ASN A 1 8  ? 7.349   -7.512  2.925   1.00 30.35 ? 5   ASN A ND2 1 
ATOM   44   N N   . GLY A 1 9  ? 9.661   -6.881  0.380   1.00 23.83 ? 6   GLY A N   1 
ATOM   45   C CA  . GLY A 1 9  ? 10.828  -6.055  0.450   1.00 21.70 ? 6   GLY A CA  1 
ATOM   46   C C   . GLY A 1 9  ? 11.006  -5.013  1.493   1.00 21.13 ? 6   GLY A C   1 
ATOM   47   O O   . GLY A 1 9  ? 11.411  -3.892  1.199   1.00 20.28 ? 6   GLY A O   1 
ATOM   48   N N   . LYS A 1 10 ? 10.305  -5.151  2.614   1.00 21.02 ? 7   LYS A N   1 
ATOM   49   C CA  . LYS A 1 10 ? 10.311  -4.267  3.792   1.00 20.44 ? 7   LYS A CA  1 
ATOM   50   C C   . LYS A 1 10 ? 11.673  -3.790  4.284   1.00 17.85 ? 7   LYS A C   1 
ATOM   51   O O   . LYS A 1 10 ? 11.893  -2.662  4.799   1.00 18.62 ? 7   LYS A O   1 
ATOM   52   C CB  . LYS A 1 10 ? 9.579   -5.139  4.838   1.00 20.63 ? 7   LYS A CB  1 
ATOM   53   C CG  . LYS A 1 10 ? 9.419   -4.730  6.246   1.00 22.14 ? 7   LYS A CG  1 
ATOM   54   C CD  . LYS A 1 10 ? 8.813   -3.315  6.259   1.00 24.22 ? 7   LYS A CD  1 
ATOM   55   C CE  . LYS A 1 10 ? 8.642   -2.792  7.685   1.00 23.26 ? 7   LYS A CE  1 
ATOM   56   N NZ  . LYS A 1 10 ? 8.148   -1.427  7.561   1.00 23.53 ? 7   LYS A NZ  1 
ATOM   57   N N   . ASN A 1 11 ? 12.612  -4.687  4.324   1.00 16.18 ? 8   ASN A N   1 
ATOM   58   C CA  . ASN A 1 11 ? 13.968  -4.495  4.780   1.00 15.95 ? 8   ASN A CA  1 
ATOM   59   C C   . ASN A 1 11 ? 14.968  -4.167  3.659   1.00 14.88 ? 8   ASN A C   1 
ATOM   60   O O   . ASN A 1 11 ? 16.219  -4.258  3.877   1.00 13.19 ? 8   ASN A O   1 
ATOM   61   C CB  . ASN A 1 11 ? 14.337  -5.664  5.698   1.00 18.48 ? 8   ASN A CB  1 
ATOM   62   C CG  . ASN A 1 11 ? 13.497  -5.628  6.982   1.00 19.55 ? 8   ASN A CG  1 
ATOM   63   O OD1 . ASN A 1 11 ? 13.465  -6.602  7.750   1.00 24.08 ? 8   ASN A OD1 1 
ATOM   64   N ND2 . ASN A 1 11 ? 13.060  -4.514  7.506   1.00 25.47 ? 8   ASN A ND2 1 
ATOM   65   N N   . TYR A 1 12 ? 14.431  -3.962  2.470   1.00 15.45 ? 9   TYR A N   1 
ATOM   66   C CA  . TYR A 1 12 ? 15.207  -3.667  1.243   1.00 17.19 ? 9   TYR A CA  1 
ATOM   67   C C   . TYR A 1 12 ? 15.961  -2.361  1.366   1.00 17.14 ? 9   TYR A C   1 
ATOM   68   O O   . TYR A 1 12 ? 15.486  -1.267  1.726   1.00 17.66 ? 9   TYR A O   1 
ATOM   69   C CB  . TYR A 1 12 ? 14.288  -3.710  -0.013  1.00 16.73 ? 9   TYR A CB  1 
ATOM   70   C CG  . TYR A 1 12 ? 15.060  -3.305  -1.253  1.00 13.83 ? 9   TYR A CG  1 
ATOM   71   C CD1 . TYR A 1 12 ? 15.950  -4.174  -1.837  1.00 14.26 ? 9   TYR A CD1 1 
ATOM   72   C CD2 . TYR A 1 12 ? 14.901  -2.029  -1.767  1.00 15.64 ? 9   TYR A CD2 1 
ATOM   73   C CE1 . TYR A 1 12 ? 16.659  -3.819  -3.005  1.00 15.86 ? 9   TYR A CE1 1 
ATOM   74   C CE2 . TYR A 1 12 ? 15.681  -1.582  -2.858  1.00 14.45 ? 9   TYR A CE2 1 
ATOM   75   C CZ  . TYR A 1 12 ? 16.661  -2.488  -3.356  1.00 12.37 ? 9   TYR A CZ  1 
ATOM   76   O OH  . TYR A 1 12 ? 17.228  -2.081  -4.511  1.00 11.80 ? 9   TYR A OH  1 
ATOM   77   N N   . ARG A 1 13 ? 17.267  -2.443  1.129   1.00 17.99 ? 10  ARG A N   1 
ATOM   78   C CA  . ARG A 1 13 ? 18.177  -1.276  1.257   1.00 16.55 ? 10  ARG A CA  1 
ATOM   79   C C   . ARG A 1 13 ? 19.249  -1.338  0.120   1.00 16.14 ? 10  ARG A C   1 
ATOM   80   O O   . ARG A 1 13 ? 20.351  -0.856  0.353   1.00 13.99 ? 10  ARG A O   1 
ATOM   81   C CB  . ARG A 1 13 ? 18.871  -1.069  2.573   1.00 16.84 ? 10  ARG A CB  1 
ATOM   82   C CG  . ARG A 1 13 ? 18.071  -1.310  3.849   1.00 20.81 ? 10  ARG A CG  1 
ATOM   83   C CD  . ARG A 1 13 ? 16.924  -0.347  3.748   1.00 24.95 ? 10  ARG A CD  1 
ATOM   84   N NE  . ARG A 1 13 ? 15.927  -0.477  4.768   1.00 26.46 ? 10  ARG A NE  1 
ATOM   85   C CZ  . ARG A 1 13 ? 14.731  -0.836  5.083   1.00 23.03 ? 10  ARG A CZ  1 
ATOM   86   N NH1 . ARG A 1 13 ? 13.838  -1.366  4.238   1.00 22.12 ? 10  ARG A NH1 1 
ATOM   87   N NH2 . ARG A 1 13 ? 14.340  -0.401  6.312   1.00 22.72 ? 10  ARG A NH2 1 
ATOM   88   N N   . GLY A 1 14 ? 18.696  -1.619  -1.037  1.00 16.27 ? 11  GLY A N   1 
ATOM   89   C CA  . GLY A 1 14 ? 19.406  -1.634  -2.314  1.00 17.55 ? 11  GLY A CA  1 
ATOM   90   C C   . GLY A 1 14 ? 19.376  -0.218  -2.875  1.00 18.14 ? 11  GLY A C   1 
ATOM   91   O O   . GLY A 1 14 ? 18.886  0.778   -2.247  1.00 19.44 ? 11  GLY A O   1 
ATOM   92   N N   . THR A 1 15 ? 19.963  -0.050  -4.056  1.00 17.83 ? 12  THR A N   1 
ATOM   93   C CA  . THR A 1 15 ? 20.055  1.224   -4.717  1.00 18.73 ? 12  THR A CA  1 
ATOM   94   C C   . THR A 1 15 ? 19.261  1.388   -6.002  1.00 19.12 ? 12  THR A C   1 
ATOM   95   O O   . THR A 1 15 ? 19.736  2.255   -6.791  1.00 18.34 ? 12  THR A O   1 
ATOM   96   C CB  . THR A 1 15 ? 21.590  1.653   -4.911  1.00 20.31 ? 12  THR A CB  1 
ATOM   97   O OG1 . THR A 1 15 ? 22.295  0.747   -5.837  1.00 17.73 ? 12  THR A OG1 1 
ATOM   98   C CG2 . THR A 1 15 ? 22.243  1.668   -3.490  1.00 16.71 ? 12  THR A CG2 1 
ATOM   99   N N   . MET A 1 16 ? 18.167  0.672   -6.201  1.00 18.60 ? 13  MET A N   1 
ATOM   100  C CA  . MET A 1 16 ? 17.387  0.889   -7.436  1.00 17.46 ? 13  MET A CA  1 
ATOM   101  C C   . MET A 1 16 ? 16.818  2.287   -7.173  1.00 17.02 ? 13  MET A C   1 
ATOM   102  O O   . MET A 1 16 ? 16.379  2.568   -6.022  1.00 15.90 ? 13  MET A O   1 
ATOM   103  C CB  . MET A 1 16 ? 16.351  -0.167  -7.765  1.00 21.75 ? 13  MET A CB  1 
ATOM   104  C CG  . MET A 1 16 ? 16.682  -1.259  -8.713  1.00 28.06 ? 13  MET A CG  1 
ATOM   105  S SD  . MET A 1 16 ? 16.570  -0.854  -10.510 1.00 30.61 ? 13  MET A SD  1 
ATOM   106  C CE  . MET A 1 16 ? 15.457  0.531   -10.471 1.00 29.48 ? 13  MET A CE  1 
ATOM   107  N N   . SER A 1 17 ? 16.919  3.107   -8.245  1.00 14.73 ? 14  SER A N   1 
ATOM   108  C CA  . SER A 1 17 ? 16.435  4.485   -8.143  1.00 14.98 ? 14  SER A CA  1 
ATOM   109  C C   . SER A 1 17 ? 15.439  4.830   -9.212  1.00 15.17 ? 14  SER A C   1 
ATOM   110  O O   . SER A 1 17 ? 15.133  6.015   -9.458  1.00 15.88 ? 14  SER A O   1 
ATOM   111  C CB  . SER A 1 17 ? 17.762  5.277   -8.157  1.00 15.32 ? 14  SER A CB  1 
ATOM   112  O OG  . SER A 1 17 ? 18.469  5.030   -9.385  1.00 12.64 ? 14  SER A OG  1 
ATOM   113  N N   . LYS A 1 18 ? 15.052  3.840   -10.033 1.00 15.60 ? 15  LYS A N   1 
ATOM   114  C CA  . LYS A 1 18 ? 14.137  3.937   -11.160 1.00 15.86 ? 15  LYS A CA  1 
ATOM   115  C C   . LYS A 1 18 ? 12.938  2.953   -11.014 1.00 16.33 ? 15  LYS A C   1 
ATOM   116  O O   . LYS A 1 18 ? 13.152  1.845   -10.475 1.00 16.13 ? 15  LYS A O   1 
ATOM   117  C CB  . LYS A 1 18 ? 14.784  3.590   -12.489 1.00 19.65 ? 15  LYS A CB  1 
ATOM   118  C CG  . LYS A 1 18 ? 14.720  4.492   -13.676 1.00 23.63 ? 15  LYS A CG  1 
ATOM   119  C CD  . LYS A 1 18 ? 15.860  5.494   -13.692 1.00 26.91 ? 15  LYS A CD  1 
ATOM   120  C CE  . LYS A 1 18 ? 17.084  4.780   -14.331 1.00 26.67 ? 15  LYS A CE  1 
ATOM   121  N NZ  . LYS A 1 18 ? 16.764  3.315   -14.149 1.00 25.76 ? 15  LYS A NZ  1 
ATOM   122  N N   . THR A 1 19 ? 11.822  3.297   -11.644 1.00 15.34 ? 16  THR A N   1 
ATOM   123  C CA  . THR A 1 19 ? 10.597  2.484   -11.529 1.00 15.50 ? 16  THR A CA  1 
ATOM   124  C C   . THR A 1 19 ? 10.634  1.299   -12.479 1.00 15.29 ? 16  THR A C   1 
ATOM   125  O O   . THR A 1 19 ? 11.692  1.061   -13.091 1.00 14.96 ? 16  THR A O   1 
ATOM   126  C CB  . THR A 1 19 ? 9.262   3.322   -11.718 1.00 12.51 ? 16  THR A CB  1 
ATOM   127  O OG1 . THR A 1 19 ? 9.258   3.757   -13.108 1.00 12.48 ? 16  THR A OG1 1 
ATOM   128  C CG2 . THR A 1 19 ? 9.292   4.552   -10.808 1.00 12.61 ? 16  THR A CG2 1 
ATOM   129  N N   . LYS A 1 20 ? 9.523   0.523   -12.348 1.00 15.72 ? 17  LYS A N   1 
ATOM   130  C CA  . LYS A 1 20 ? 9.271   -0.634  -13.220 1.00 16.27 ? 17  LYS A CA  1 
ATOM   131  C C   . LYS A 1 20 ? 9.119   -0.126  -14.661 1.00 17.55 ? 17  LYS A C   1 
ATOM   132  O O   . LYS A 1 20 ? 9.551   -0.785  -15.626 1.00 18.16 ? 17  LYS A O   1 
ATOM   133  C CB  . LYS A 1 20 ? 7.988   -1.376  -12.714 1.00 19.69 ? 17  LYS A CB  1 
ATOM   134  C CG  . LYS A 1 20 ? 6.685   -1.139  -13.550 1.00 21.54 ? 17  LYS A CG  1 
ATOM   135  C CD  . LYS A 1 20 ? 5.416   -0.809  -12.681 1.00 23.46 ? 17  LYS A CD  1 
ATOM   136  C CE  . LYS A 1 20 ? 4.059   -1.439  -13.138 1.00 24.03 ? 17  LYS A CE  1 
ATOM   137  N NZ  . LYS A 1 20 ? 2.994   -0.646  -13.838 1.00 24.85 ? 17  LYS A NZ  1 
ATOM   138  N N   . ASN A 1 21 ? 8.599   1.121   -14.812 1.00 15.75 ? 18  ASN A N   1 
ATOM   139  C CA  . ASN A 1 21 ? 8.498   1.861   -16.040 1.00 17.58 ? 18  ASN A CA  1 
ATOM   140  C C   . ASN A 1 21 ? 9.748   2.687   -16.461 1.00 16.17 ? 18  ASN A C   1 
ATOM   141  O O   . ASN A 1 21 ? 9.600   3.573   -17.296 1.00 15.53 ? 18  ASN A O   1 
ATOM   142  C CB  . ASN A 1 21 ? 7.200   2.754   -16.052 1.00 17.68 ? 18  ASN A CB  1 
ATOM   143  C CG  . ASN A 1 21 ? 6.027   1.965   -15.530 1.00 20.80 ? 18  ASN A CG  1 
ATOM   144  O OD1 . ASN A 1 21 ? 5.334   2.356   -14.553 1.00 23.04 ? 18  ASN A OD1 1 
ATOM   145  N ND2 . ASN A 1 21 ? 5.746   0.817   -16.134 1.00 22.63 ? 18  ASN A ND2 1 
ATOM   146  N N   . GLY A 1 22 ? 10.879  2.636   -15.823 1.00 15.26 ? 19  GLY A N   1 
ATOM   147  C CA  . GLY A 1 22 ? 12.127  3.293   -16.154 1.00 16.96 ? 19  GLY A CA  1 
ATOM   148  C C   . GLY A 1 22 ? 12.216  4.727   -15.652 1.00 17.70 ? 19  GLY A C   1 
ATOM   149  O O   . GLY A 1 22 ? 13.347  5.245   -15.852 1.00 18.85 ? 19  GLY A O   1 
ATOM   150  N N   . ILE A 1 23 ? 11.146  5.205   -14.988 1.00 16.00 ? 20  ILE A N   1 
ATOM   151  C CA  . ILE A 1 23 ? 11.197  6.623   -14.470 1.00 14.27 ? 20  ILE A CA  1 
ATOM   152  C C   . ILE A 1 23 ? 11.971  6.841   -13.181 1.00 14.00 ? 20  ILE A C   1 
ATOM   153  O O   . ILE A 1 23 ? 11.938  6.141   -12.157 1.00 13.93 ? 20  ILE A O   1 
ATOM   154  C CB  . ILE A 1 23 ? 9.780   7.215   -14.618 1.00 12.46 ? 20  ILE A CB  1 
ATOM   155  C CG1 . ILE A 1 23 ? 9.455   8.193   -13.452 1.00 14.73 ? 20  ILE A CG1 1 
ATOM   156  C CG2 . ILE A 1 23 ? 8.648   6.264   -15.073 1.00 17.69 ? 20  ILE A CG2 1 
ATOM   157  C CD1 . ILE A 1 23 ? 10.126  9.538   -13.899 1.00 10.00 ? 20  ILE A CD1 1 
ATOM   158  N N   . THR A 1 24 ? 12.797  7.908   -13.292 1.00 14.17 ? 21  THR A N   1 
ATOM   159  C CA  . THR A 1 24 ? 13.723  8.240   -12.169 1.00 13.77 ? 21  THR A CA  1 
ATOM   160  C C   . THR A 1 24 ? 13.011  8.715   -10.968 1.00 13.02 ? 21  THR A C   1 
ATOM   161  O O   . THR A 1 24 ? 12.064  9.535   -10.906 1.00 13.43 ? 21  THR A O   1 
ATOM   162  C CB  . THR A 1 24 ? 14.987  8.996   -12.884 1.00 16.16 ? 21  THR A CB  1 
ATOM   163  O OG1 . THR A 1 24 ? 15.691  9.614   -11.785 1.00 18.68 ? 21  THR A OG1 1 
ATOM   164  C CG2 . THR A 1 24 ? 14.553  9.906   -13.976 1.00 21.34 ? 21  THR A CG2 1 
ATOM   165  N N   . CYS A 1 25 ? 13.489  8.090   -9.810  1.00 10.92 ? 22  CYS A N   1 
ATOM   166  C CA  . CYS A 1 25 ? 12.778  8.437   -8.597  1.00 12.36 ? 22  CYS A CA  1 
ATOM   167  C C   . CYS A 1 25 ? 13.016  9.817   -8.043  1.00 12.53 ? 22  CYS A C   1 
ATOM   168  O O   . CYS A 1 25 ? 14.097  10.395  -8.317  1.00 11.14 ? 22  CYS A O   1 
ATOM   169  C CB  . CYS A 1 25 ? 13.144  7.402   -7.494  1.00 11.38 ? 22  CYS A CB  1 
ATOM   170  S SG  . CYS A 1 25 ? 12.547  5.768   -7.851  1.00 10.38 ? 22  CYS A SG  1 
ATOM   171  N N   . GLN A 1 26 ? 12.126  10.159  -7.169  1.00 12.31 ? 23  GLN A N   1 
ATOM   172  C CA  . GLN A 1 26 ? 12.308  11.415  -6.408  1.00 13.75 ? 23  GLN A CA  1 
ATOM   173  C C   . GLN A 1 26 ? 12.947  10.944  -5.078  1.00 14.39 ? 23  GLN A C   1 
ATOM   174  O O   . GLN A 1 26 ? 12.974  9.768   -4.645  1.00 14.65 ? 23  GLN A O   1 
ATOM   175  C CB  . GLN A 1 26 ? 11.067  12.195  -6.184  1.00 17.25 ? 23  GLN A CB  1 
ATOM   176  C CG  . GLN A 1 26 ? 10.981  13.632  -5.790  1.00 15.67 ? 23  GLN A CG  1 
ATOM   177  C CD  . GLN A 1 26 ? 9.584   13.891  -5.108  1.00 14.40 ? 23  GLN A CD  1 
ATOM   178  O OE1 . GLN A 1 26 ? 8.652   13.987  -5.848  1.00 12.36 ? 23  GLN A OE1 1 
ATOM   179  N NE2 . GLN A 1 26 ? 9.691   14.050  -3.795  1.00 10.00 ? 23  GLN A NE2 1 
ATOM   180  N N   . LYS A 1 27 ? 13.769  11.858  -4.566  1.00 15.45 ? 24  LYS A N   1 
ATOM   181  C CA  . LYS A 1 27 ? 14.484  11.726  -3.303  1.00 15.23 ? 24  LYS A CA  1 
ATOM   182  C C   . LYS A 1 27 ? 13.373  11.842  -2.240  1.00 14.61 ? 24  LYS A C   1 
ATOM   183  O O   . LYS A 1 27 ? 12.418  12.596  -2.421  1.00 14.52 ? 24  LYS A O   1 
ATOM   184  C CB  . LYS A 1 27 ? 15.583  12.720  -3.082  1.00 13.42 ? 24  LYS A CB  1 
ATOM   185  C CG  . LYS A 1 27 ? 16.209  13.210  -4.402  1.00 19.20 ? 24  LYS A CG  1 
ATOM   186  C CD  . LYS A 1 27 ? 17.529  13.944  -4.421  1.00 18.92 ? 24  LYS A CD  1 
ATOM   187  C CE  . LYS A 1 27 ? 18.723  12.967  -4.629  1.00 18.93 ? 24  LYS A CE  1 
ATOM   188  N NZ  . LYS A 1 27 ? 19.788  13.807  -4.002  1.00 20.49 ? 24  LYS A NZ  1 
ATOM   189  N N   . TRP A 1 28 ? 13.507  11.053  -1.201  1.00 14.10 ? 25  TRP A N   1 
ATOM   190  C CA  . TRP A 1 28 ? 12.455  11.134  -0.101  1.00 15.41 ? 25  TRP A CA  1 
ATOM   191  C C   . TRP A 1 28 ? 12.534  12.426  0.690   1.00 15.37 ? 25  TRP A C   1 
ATOM   192  O O   . TRP A 1 28 ? 11.761  12.715  1.650   1.00 15.77 ? 25  TRP A O   1 
ATOM   193  C CB  . TRP A 1 28 ? 12.688  9.904   0.710   1.00 12.38 ? 25  TRP A CB  1 
ATOM   194  C CG  . TRP A 1 28 ? 12.689  8.591   0.041   1.00 11.95 ? 25  TRP A CG  1 
ATOM   195  C CD1 . TRP A 1 28 ? 13.772  7.986   -0.570  1.00 11.64 ? 25  TRP A CD1 1 
ATOM   196  C CD2 . TRP A 1 28 ? 11.523  7.793   -0.291  1.00 10.00 ? 25  TRP A CD2 1 
ATOM   197  N NE1 . TRP A 1 28 ? 13.416  6.741   -1.015  1.00 10.28 ? 25  TRP A NE1 1 
ATOM   198  C CE2 . TRP A 1 28 ? 12.041  6.631   -0.888  1.00 13.00 ? 25  TRP A CE2 1 
ATOM   199  C CE3 . TRP A 1 28 ? 10.188  7.855   0.099   1.00 12.05 ? 25  TRP A CE3 1 
ATOM   200  C CZ2 . TRP A 1 28 ? 11.212  5.543   -1.178  1.00 14.03 ? 25  TRP A CZ2 1 
ATOM   201  C CZ3 . TRP A 1 28 ? 9.324   6.797   -0.181  1.00 10.86 ? 25  TRP A CZ3 1 
ATOM   202  C CH2 . TRP A 1 28 ? 9.853   5.664   -0.797  1.00 13.11 ? 25  TRP A CH2 1 
ATOM   203  N N   . SER A 1 29 ? 13.659  13.130  0.497   1.00 16.07 ? 26  SER A N   1 
ATOM   204  C CA  . SER A 1 29 ? 13.885  14.367  1.287   1.00 16.69 ? 26  SER A CA  1 
ATOM   205  C C   . SER A 1 29 ? 13.579  15.630  0.476   1.00 17.29 ? 26  SER A C   1 
ATOM   206  O O   . SER A 1 29 ? 13.897  16.747  0.953   1.00 17.10 ? 26  SER A O   1 
ATOM   207  C CB  . SER A 1 29 ? 15.273  14.337  1.915   1.00 22.06 ? 26  SER A CB  1 
ATOM   208  O OG  . SER A 1 29 ? 16.239  13.976  0.896   1.00 26.42 ? 26  SER A OG  1 
ATOM   209  N N   . SER A 1 30 ? 13.136  15.386  -0.755  1.00 15.19 ? 27  SER A N   1 
ATOM   210  C CA  . SER A 1 30 ? 12.731  16.561  -1.617  1.00 16.19 ? 27  SER A CA  1 
ATOM   211  C C   . SER A 1 30 ? 11.202  16.660  -1.495  1.00 16.80 ? 27  SER A C   1 
ATOM   212  O O   . SER A 1 30 ? 10.482  15.843  -0.860  1.00 12.91 ? 27  SER A O   1 
ATOM   213  C CB  . SER A 1 30 ? 13.462  16.285  -2.894  1.00 19.56 ? 27  SER A CB  1 
ATOM   214  O OG  . SER A 1 30 ? 12.836  16.370  -4.116  1.00 23.51 ? 27  SER A OG  1 
ATOM   215  N N   . THR A 1 31 ? 10.688  17.856  -1.801  1.00 19.05 ? 28  THR A N   1 
ATOM   216  C CA  . THR A 1 31 ? 9.228   18.036  -1.805  1.00 20.93 ? 28  THR A CA  1 
ATOM   217  C C   . THR A 1 31 ? 8.820   18.602  -3.159  1.00 21.02 ? 28  THR A C   1 
ATOM   218  O O   . THR A 1 31 ? 7.779   19.217  -3.231  1.00 21.88 ? 28  THR A O   1 
ATOM   219  C CB  . THR A 1 31 ? 8.542   18.600  -0.504  1.00 23.64 ? 28  THR A CB  1 
ATOM   220  O OG1 . THR A 1 31 ? 9.569   19.220  0.341   1.00 23.36 ? 28  THR A OG1 1 
ATOM   221  C CG2 . THR A 1 31 ? 7.871   17.430  0.284   1.00 20.57 ? 28  THR A CG2 1 
ATOM   222  N N   . SER A 1 32 ? 9.432   17.995  -4.185  1.00 21.12 ? 29  SER A N   1 
ATOM   223  C CA  . SER A 1 32 ? 9.123   18.315  -5.583  1.00 21.18 ? 29  SER A CA  1 
ATOM   224  C C   . SER A 1 32 ? 9.650   17.223  -6.525  1.00 20.63 ? 29  SER A C   1 
ATOM   225  O O   . SER A 1 32 ? 10.808  16.715  -6.494  1.00 20.49 ? 29  SER A O   1 
ATOM   226  C CB  . SER A 1 32 ? 9.585   19.712  -5.984  1.00 24.46 ? 29  SER A CB  1 
ATOM   227  O OG  . SER A 1 32 ? 9.823   19.770  -7.401  1.00 24.79 ? 29  SER A OG  1 
ATOM   228  N N   . PRO A 1 33 ? 8.803   16.892  -7.557  1.00 19.37 ? 30  PRO A N   1 
ATOM   229  C CA  . PRO A 1 33 ? 7.485   17.445  -7.839  1.00 17.09 ? 30  PRO A CA  1 
ATOM   230  C C   . PRO A 1 33 ? 6.386   17.231  -6.767  1.00 17.02 ? 30  PRO A C   1 
ATOM   231  O O   . PRO A 1 33 ? 5.408   17.974  -6.686  1.00 16.32 ? 30  PRO A O   1 
ATOM   232  C CB  . PRO A 1 33 ? 7.057   16.657  -9.052  1.00 16.85 ? 30  PRO A CB  1 
ATOM   233  C CG  . PRO A 1 33 ? 7.999   15.537  -9.289  1.00 17.37 ? 30  PRO A CG  1 
ATOM   234  C CD  . PRO A 1 33 ? 9.230   15.839  -8.476  1.00 16.50 ? 30  PRO A CD  1 
ATOM   235  N N   . HIS A 1 34 ? 6.453   16.225  -5.973  1.00 15.96 ? 31  HIS A N   1 
ATOM   236  C CA  . HIS A 1 34 ? 5.574   15.666  -4.980  1.00 16.18 ? 31  HIS A CA  1 
ATOM   237  C C   . HIS A 1 34 ? 6.008   15.805  -3.533  1.00 17.38 ? 31  HIS A C   1 
ATOM   238  O O   . HIS A 1 34 ? 7.156   15.509  -3.049  1.00 17.34 ? 31  HIS A O   1 
ATOM   239  C CB  . HIS A 1 34 ? 5.426   14.154  -5.349  1.00 16.52 ? 31  HIS A CB  1 
ATOM   240  C CG  . HIS A 1 34 ? 5.023   13.876  -6.771  1.00 16.18 ? 31  HIS A CG  1 
ATOM   241  N ND1 . HIS A 1 34 ? 5.706   13.059  -7.653  1.00 16.88 ? 31  HIS A ND1 1 
ATOM   242  C CD2 . HIS A 1 34 ? 3.889   14.213  -7.415  1.00 13.25 ? 31  HIS A CD2 1 
ATOM   243  C CE1 . HIS A 1 34 ? 5.086   13.063  -8.824  1.00 13.79 ? 31  HIS A CE1 1 
ATOM   244  N NE2 . HIS A 1 34 ? 4.010   13.810  -8.726  1.00 14.55 ? 31  HIS A NE2 1 
ATOM   245  N N   . ARG A 1 35 ? 5.015   16.236  -2.714  1.00 17.64 ? 32  ARG A N   1 
ATOM   246  C CA  . ARG A 1 35 ? 5.362   16.313  -1.209  1.00 18.20 ? 32  ARG A CA  1 
ATOM   247  C C   . ARG A 1 35 ? 5.133   14.950  -0.600  1.00 18.09 ? 32  ARG A C   1 
ATOM   248  O O   . ARG A 1 35 ? 3.940   14.568  -0.451  1.00 20.12 ? 32  ARG A O   1 
ATOM   249  C CB  . ARG A 1 35 ? 4.595   17.476  -0.683  1.00 23.30 ? 32  ARG A CB  1 
ATOM   250  C CG  . ARG A 1 35 ? 5.056   18.265  0.540   1.00 28.03 ? 32  ARG A CG  1 
ATOM   251  C CD  . ARG A 1 35 ? 4.997   19.715  0.042   1.00 31.60 ? 32  ARG A CD  1 
ATOM   252  N NE  . ARG A 1 35 ? 4.723   20.679  1.043   1.00 33.55 ? 32  ARG A NE  1 
ATOM   253  C CZ  . ARG A 1 35 ? 5.416   21.404  1.920   1.00 34.35 ? 32  ARG A CZ  1 
ATOM   254  N NH1 . ARG A 1 35 ? 6.728   21.320  1.986   1.00 35.01 ? 32  ARG A NH1 1 
ATOM   255  N NH2 . ARG A 1 35 ? 4.750   22.327  2.654   1.00 34.06 ? 32  ARG A NH2 1 
ATOM   256  N N   . PRO A 1 36 ? 6.159   14.210  -0.181  1.00 16.90 ? 33  PRO A N   1 
ATOM   257  C CA  . PRO A 1 36 ? 6.011   12.875  0.313   1.00 18.48 ? 33  PRO A CA  1 
ATOM   258  C C   . PRO A 1 36 ? 5.198   12.740  1.616   1.00 18.25 ? 33  PRO A C   1 
ATOM   259  O O   . PRO A 1 36 ? 5.356   13.643  2.404   1.00 19.05 ? 33  PRO A O   1 
ATOM   260  C CB  . PRO A 1 36 ? 7.416   12.294  0.511   1.00 18.00 ? 33  PRO A CB  1 
ATOM   261  C CG  . PRO A 1 36 ? 8.394   13.277  -0.090  1.00 17.49 ? 33  PRO A CG  1 
ATOM   262  C CD  . PRO A 1 36 ? 7.591   14.581  -0.307  1.00 17.67 ? 33  PRO A CD  1 
ATOM   263  N N   . ARG A 1 37 ? 4.476   11.734  1.862   1.00 18.52 ? 34  ARG A N   1 
ATOM   264  C CA  . ARG A 1 37 ? 3.707   11.315  3.048   1.00 18.08 ? 34  ARG A CA  1 
ATOM   265  C C   . ARG A 1 37 ? 4.654   10.520  3.975   1.00 16.22 ? 34  ARG A C   1 
ATOM   266  O O   . ARG A 1 37 ? 4.544   10.561  5.216   1.00 16.33 ? 34  ARG A O   1 
ATOM   267  C CB  . ARG A 1 37 ? 2.519   10.456  2.582   1.00 21.06 ? 34  ARG A CB  1 
ATOM   268  N N   . PHE A 1 38 ? 5.541   9.842   3.297   1.00 15.43 ? 35  PHE A N   1 
ATOM   269  C CA  . PHE A 1 38 ? 6.591   9.017   3.883   1.00 16.46 ? 35  PHE A CA  1 
ATOM   270  C C   . PHE A 1 38 ? 7.940   9.656   3.584   1.00 14.31 ? 35  PHE A C   1 
ATOM   271  O O   . PHE A 1 38 ? 8.288   9.848   2.405   1.00 13.03 ? 35  PHE A O   1 
ATOM   272  C CB  . PHE A 1 38 ? 6.604   7.638   3.243   1.00 16.97 ? 35  PHE A CB  1 
ATOM   273  C CG  . PHE A 1 38 ? 5.429   6.736   3.591   1.00 19.33 ? 35  PHE A CG  1 
ATOM   274  C CD1 . PHE A 1 38 ? 5.430   6.023   4.791   1.00 18.42 ? 35  PHE A CD1 1 
ATOM   275  C CD2 . PHE A 1 38 ? 4.361   6.615   2.698   1.00 20.13 ? 35  PHE A CD2 1 
ATOM   276  C CE1 . PHE A 1 38 ? 4.373   5.162   5.086   1.00 21.63 ? 35  PHE A CE1 1 
ATOM   277  C CE2 . PHE A 1 38 ? 3.300   5.759   2.995   1.00 22.00 ? 35  PHE A CE2 1 
ATOM   278  C CZ  . PHE A 1 38 ? 3.310   5.024   4.186   1.00 22.61 ? 35  PHE A CZ  1 
ATOM   279  N N   . SER A 1 39 ? 8.708   9.954   4.601   1.00 13.67 ? 36  SER A N   1 
ATOM   280  C CA  . SER A 1 39 ? 10.039  10.559  4.420   1.00 16.15 ? 36  SER A CA  1 
ATOM   281  C C   . SER A 1 39 ? 10.837  10.435  5.710   1.00 15.25 ? 36  SER A C   1 
ATOM   282  O O   . SER A 1 39 ? 10.299  10.008  6.739   1.00 16.26 ? 36  SER A O   1 
ATOM   283  C CB  . SER A 1 39 ? 9.886   12.037  4.027   1.00 17.56 ? 36  SER A CB  1 
ATOM   284  O OG  . SER A 1 39 ? 9.591   12.828  5.168   1.00 14.41 ? 36  SER A OG  1 
ATOM   285  N N   . PRO A 1 40 ? 12.163  10.816  5.735   1.00 15.86 ? 37  PRO A N   1 
ATOM   286  C CA  . PRO A 1 40 ? 13.041  10.675  6.871   1.00 15.68 ? 37  PRO A CA  1 
ATOM   287  C C   . PRO A 1 40 ? 12.545  11.389  8.106   1.00 15.95 ? 37  PRO A C   1 
ATOM   288  O O   . PRO A 1 40 ? 12.544  10.919  9.232   1.00 15.46 ? 37  PRO A O   1 
ATOM   289  C CB  . PRO A 1 40 ? 14.498  11.110  6.447   1.00 15.56 ? 37  PRO A CB  1 
ATOM   290  C CG  . PRO A 1 40 ? 14.377  11.273  4.940   1.00 14.63 ? 37  PRO A CG  1 
ATOM   291  C CD  . PRO A 1 40 ? 12.917  11.284  4.552   1.00 15.31 ? 37  PRO A CD  1 
ATOM   292  N N   . ALA A 1 41 ? 11.897  12.503  7.908   1.00 17.89 ? 38  ALA A N   1 
ATOM   293  C CA  . ALA A 1 41 ? 11.434  13.275  9.070   1.00 18.93 ? 38  ALA A CA  1 
ATOM   294  C C   . ALA A 1 41 ? 10.406  12.486  9.846   1.00 20.21 ? 38  ALA A C   1 
ATOM   295  O O   . ALA A 1 41 ? 10.370  12.641  11.088  1.00 22.84 ? 38  ALA A O   1 
ATOM   296  C CB  . ALA A 1 41 ? 10.853  14.587  8.571   1.00 18.44 ? 38  ALA A CB  1 
ATOM   297  N N   . THR A 1 42 ? 9.645   11.655  9.184   1.00 19.58 ? 39  THR A N   1 
ATOM   298  C CA  . THR A 1 42 ? 8.520   10.844  9.635   1.00 16.70 ? 39  THR A CA  1 
ATOM   299  C C   . THR A 1 42 ? 8.736   9.393   9.915   1.00 16.53 ? 39  THR A C   1 
ATOM   300  O O   . THR A 1 42 ? 8.192   8.858   10.923  1.00 15.39 ? 39  THR A O   1 
ATOM   301  C CB  . THR A 1 42 ? 7.515   11.206  8.470   1.00 17.84 ? 39  THR A CB  1 
ATOM   302  O OG1 . THR A 1 42 ? 6.929   12.478  8.994   1.00 22.54 ? 39  THR A OG1 1 
ATOM   303  C CG2 . THR A 1 42 ? 6.490   10.282  7.929   1.00 19.09 ? 39  THR A CG2 1 
ATOM   304  N N   . HIS A 1 43 ? 9.468   8.661   9.139   1.00 14.99 ? 40  HIS A N   1 
ATOM   305  C CA  . HIS A 1 43 ? 9.793   7.265   9.123   1.00 16.28 ? 40  HIS A CA  1 
ATOM   306  C C   . HIS A 1 43 ? 11.319  6.987   9.078   1.00 17.40 ? 40  HIS A C   1 
ATOM   307  O O   . HIS A 1 43 ? 11.864  6.484   8.093   1.00 18.17 ? 40  HIS A O   1 
ATOM   308  C CB  . HIS A 1 43 ? 9.142   6.597   7.856   1.00 15.14 ? 40  HIS A CB  1 
ATOM   309  C CG  . HIS A 1 43 ? 7.683   6.864   7.794   1.00 13.35 ? 40  HIS A CG  1 
ATOM   310  N ND1 . HIS A 1 43 ? 7.063   8.014   7.440   1.00 15.74 ? 40  HIS A ND1 1 
ATOM   311  C CD2 . HIS A 1 43 ? 6.659   5.994   8.101   1.00 14.96 ? 40  HIS A CD2 1 
ATOM   312  C CE1 . HIS A 1 43 ? 5.740   7.915   7.479   1.00 14.81 ? 40  HIS A CE1 1 
ATOM   313  N NE2 . HIS A 1 43 ? 5.485   6.687   7.928   1.00 15.57 ? 40  HIS A NE2 1 
ATOM   314  N N   . PRO A 1 44 ? 11.987  7.297   10.178  1.00 17.77 ? 41  PRO A N   1 
ATOM   315  C CA  . PRO A 1 44 ? 13.464  7.217   10.256  1.00 19.13 ? 41  PRO A CA  1 
ATOM   316  C C   . PRO A 1 44 ? 14.073  5.824   10.275  1.00 19.17 ? 41  PRO A C   1 
ATOM   317  O O   . PRO A 1 44 ? 15.270  5.708   10.039  1.00 19.07 ? 41  PRO A O   1 
ATOM   318  C CB  . PRO A 1 44 ? 13.866  8.025   11.468  1.00 18.61 ? 41  PRO A CB  1 
ATOM   319  C CG  . PRO A 1 44 ? 12.640  8.446   12.149  1.00 19.86 ? 41  PRO A CG  1 
ATOM   320  C CD  . PRO A 1 44 ? 11.445  8.055   11.288  1.00 18.33 ? 41  PRO A CD  1 
ATOM   321  N N   . SER A 1 45 ? 13.288  4.813   10.562  1.00 20.03 ? 42  SER A N   1 
ATOM   322  C CA  . SER A 1 45 ? 13.792  3.422   10.617  1.00 21.74 ? 42  SER A CA  1 
ATOM   323  C C   . SER A 1 45 ? 13.469  2.624   9.374   1.00 22.18 ? 42  SER A C   1 
ATOM   324  O O   . SER A 1 45 ? 13.512  1.388   9.365   1.00 23.72 ? 42  SER A O   1 
ATOM   325  C CB  . SER A 1 45 ? 13.097  2.821   11.827  1.00 23.49 ? 42  SER A CB  1 
ATOM   326  O OG  . SER A 1 45 ? 12.125  3.911   12.059  1.00 30.12 ? 42  SER A OG  1 
ATOM   327  N N   . GLU A 1 46 ? 13.223  3.377   8.314   1.00 22.18 ? 43  GLU A N   1 
ATOM   328  C CA  . GLU A 1 46 ? 12.762  2.842   7.029   1.00 20.81 ? 43  GLU A CA  1 
ATOM   329  C C   . GLU A 1 46 ? 13.818  2.974   5.959   1.00 19.97 ? 43  GLU A C   1 
ATOM   330  O O   . GLU A 1 46 ? 13.438  2.586   4.829   1.00 19.43 ? 43  GLU A O   1 
ATOM   331  C CB  . GLU A 1 46 ? 11.458  3.575   6.650   1.00 19.17 ? 43  GLU A CB  1 
ATOM   332  C CG  . GLU A 1 46 ? 10.246  3.157   7.554   1.00 20.66 ? 43  GLU A CG  1 
ATOM   333  C CD  . GLU A 1 46 ? 10.095  1.668   7.688   1.00 23.42 ? 43  GLU A CD  1 
ATOM   334  O OE1 . GLU A 1 46 ? 10.421  0.910   6.787   1.00 21.83 ? 43  GLU A OE1 1 
ATOM   335  O OE2 . GLU A 1 46 ? 9.752   1.188   8.798   1.00 26.08 ? 43  GLU A OE2 1 
ATOM   336  N N   . GLY A 1 47 ? 14.995  3.532   6.317   1.00 16.68 ? 44  GLY A N   1 
ATOM   337  C CA  . GLY A 1 47 ? 16.038  3.663   5.252   1.00 15.42 ? 44  GLY A CA  1 
ATOM   338  C C   . GLY A 1 47 ? 15.582  4.422   4.018   1.00 14.50 ? 44  GLY A C   1 
ATOM   339  O O   . GLY A 1 47 ? 15.996  4.057   2.828   1.00 16.38 ? 44  GLY A O   1 
ATOM   340  N N   . LEU A 1 48 ? 14.950  5.560   4.171   1.00 13.34 ? 45  LEU A N   1 
ATOM   341  C CA  . LEU A 1 48 ? 14.450  6.372   3.037   1.00 16.29 ? 45  LEU A CA  1 
ATOM   342  C C   . LEU A 1 48 ? 15.650  7.234   2.582   1.00 17.34 ? 45  LEU A C   1 
ATOM   343  O O   . LEU A 1 48 ? 15.722  8.438   2.878   1.00 18.26 ? 45  LEU A O   1 
ATOM   344  C CB  . LEU A 1 48 ? 13.256  7.213   3.563   1.00 15.07 ? 45  LEU A CB  1 
ATOM   345  C CG  . LEU A 1 48 ? 11.832  6.815   3.102   1.00 14.77 ? 45  LEU A CG  1 
ATOM   346  C CD1 . LEU A 1 48 ? 11.692  5.328   2.734   1.00 11.63 ? 45  LEU A CD1 1 
ATOM   347  C CD2 . LEU A 1 48 ? 10.792  7.129   4.196   1.00 10.00 ? 45  LEU A CD2 1 
ATOM   348  N N   . GLU A 1 49 ? 16.589  6.593   1.848   1.00 18.10 ? 46  GLU A N   1 
ATOM   349  C CA  . GLU A 1 49 ? 17.839  7.297   1.495   1.00 17.40 ? 46  GLU A CA  1 
ATOM   350  C C   . GLU A 1 49 ? 17.840  7.659   -0.058  1.00 16.33 ? 46  GLU A C   1 
ATOM   351  O O   . GLU A 1 49 ? 17.295  6.958   -0.918  1.00 15.35 ? 46  GLU A O   1 
ATOM   352  C CB  . GLU A 1 49 ? 19.035  6.404   2.099   1.00 22.30 ? 46  GLU A CB  1 
ATOM   353  C CG  . GLU A 1 49 ? 19.231  5.009   1.451   1.00 26.86 ? 46  GLU A CG  1 
ATOM   354  C CD  . GLU A 1 49 ? 19.379  3.644   2.286   1.00 28.82 ? 46  GLU A CD  1 
ATOM   355  O OE1 . GLU A 1 49 ? 19.170  3.497   3.561   1.00 28.56 ? 46  GLU A OE1 1 
ATOM   356  O OE2 . GLU A 1 49 ? 19.743  2.584   1.668   1.00 32.39 ? 46  GLU A OE2 1 
ATOM   357  N N   . GLU A 1 50 ? 18.433  8.827   -0.371  1.00 14.83 ? 47  GLU A N   1 
ATOM   358  C CA  . GLU A 1 50 ? 18.482  9.386   -1.750  1.00 14.07 ? 47  GLU A CA  1 
ATOM   359  C C   . GLU A 1 50 ? 17.142  9.131   -2.449  1.00 12.17 ? 47  GLU A C   1 
ATOM   360  O O   . GLU A 1 50 ? 16.077  9.586   -1.980  1.00 10.88 ? 47  GLU A O   1 
ATOM   361  C CB  . GLU A 1 50 ? 19.609  8.762   -2.571  1.00 15.01 ? 47  GLU A CB  1 
ATOM   362  C CG  . GLU A 1 50 ? 20.969  8.829   -1.881  1.00 20.19 ? 47  GLU A CG  1 
ATOM   363  C CD  . GLU A 1 50 ? 21.654  10.196  -1.887  1.00 21.53 ? 47  GLU A CD  1 
ATOM   364  O OE1 . GLU A 1 50 ? 21.339  11.118  -2.744  1.00 22.54 ? 47  GLU A OE1 1 
ATOM   365  O OE2 . GLU A 1 50 ? 22.548  10.397  -1.021  1.00 17.57 ? 47  GLU A OE2 1 
ATOM   366  N N   . ASN A 1 51 ? 17.269  8.570   -3.632  1.00 10.15 ? 48  ASN A N   1 
ATOM   367  C CA  . ASN A 1 51 ? 15.983  8.345   -4.384  1.00 11.94 ? 48  ASN A CA  1 
ATOM   368  C C   . ASN A 1 51 ? 15.750  6.864   -4.498  1.00 12.26 ? 48  ASN A C   1 
ATOM   369  O O   . ASN A 1 51 ? 15.245  6.358   -5.531  1.00 15.98 ? 48  ASN A O   1 
ATOM   370  C CB  . ASN A 1 51 ? 15.993  9.250   -5.646  1.00 10.00 ? 48  ASN A CB  1 
ATOM   371  C CG  . ASN A 1 51 ? 17.134  8.735   -6.523  1.00 10.00 ? 48  ASN A CG  1 
ATOM   372  O OD1 . ASN A 1 51 ? 17.816  7.799   -6.096  1.00 12.55 ? 48  ASN A OD1 1 
ATOM   373  N ND2 . ASN A 1 51 ? 17.046  8.940   -7.814  1.00 12.77 ? 48  ASN A ND2 1 
ATOM   374  N N   . TYR A 1 52 ? 16.293  6.104   -3.579  1.00 11.68 ? 49  TYR A N   1 
ATOM   375  C CA  . TYR A 1 52 ? 16.218  4.621   -3.576  1.00 11.72 ? 49  TYR A CA  1 
ATOM   376  C C   . TYR A 1 52 ? 14.852  4.029   -3.216  1.00 10.78 ? 49  TYR A C   1 
ATOM   377  O O   . TYR A 1 52 ? 14.206  4.262   -2.185  1.00 11.14 ? 49  TYR A O   1 
ATOM   378  C CB  . TYR A 1 52 ? 17.424  4.049   -2.796  1.00 10.00 ? 49  TYR A CB  1 
ATOM   379  C CG  . TYR A 1 52 ? 18.813  4.616   -2.987  1.00 11.36 ? 49  TYR A CG  1 
ATOM   380  C CD1 . TYR A 1 52 ? 19.310  4.951   -4.247  1.00 11.12 ? 49  TYR A CD1 1 
ATOM   381  C CD2 . TYR A 1 52 ? 19.689  4.859   -1.909  1.00 10.69 ? 49  TYR A CD2 1 
ATOM   382  C CE1 . TYR A 1 52 ? 20.663  5.334   -4.485  1.00 10.00 ? 49  TYR A CE1 1 
ATOM   383  C CE2 . TYR A 1 52 ? 21.041  5.225   -2.077  1.00 10.00 ? 49  TYR A CE2 1 
ATOM   384  C CZ  . TYR A 1 52 ? 21.506  5.467   -3.397  1.00 10.89 ? 49  TYR A CZ  1 
ATOM   385  O OH  . TYR A 1 52 ? 22.741  5.939   -3.647  1.00 11.11 ? 49  TYR A OH  1 
ATOM   386  N N   . CYS A 1 53 ? 14.402  3.077   -4.106  1.00 12.01 ? 50  CYS A N   1 
ATOM   387  C CA  . CYS A 1 53 ? 13.177  2.284   -3.895  1.00 11.27 ? 50  CYS A CA  1 
ATOM   388  C C   . CYS A 1 53 ? 13.152  1.603   -2.524  1.00 11.71 ? 50  CYS A C   1 
ATOM   389  O O   . CYS A 1 53 ? 14.068  0.834   -2.119  1.00 11.04 ? 50  CYS A O   1 
ATOM   390  C CB  . CYS A 1 53 ? 13.036  1.204   -4.965  1.00 10.00 ? 50  CYS A CB  1 
ATOM   391  S SG  . CYS A 1 53 ? 12.927  1.938   -6.632  1.00 14.21 ? 50  CYS A SG  1 
ATOM   392  N N   . ARG A 1 54 ? 12.028  1.827   -1.799  1.00 11.25 ? 51  ARG A N   1 
ATOM   393  C CA  . ARG A 1 54 ? 11.735  1.244   -0.503  1.00 10.90 ? 51  ARG A CA  1 
ATOM   394  C C   . ARG A 1 54 ? 10.237  0.830   -0.400  1.00 12.13 ? 51  ARG A C   1 
ATOM   395  O O   . ARG A 1 54 ? 9.371   1.164   -1.267  1.00 13.53 ? 51  ARG A O   1 
ATOM   396  C CB  . ARG A 1 54 ? 12.123  2.184   0.635   1.00 10.00 ? 51  ARG A CB  1 
ATOM   397  C CG  . ARG A 1 54 ? 13.543  2.740   0.591   1.00 12.25 ? 51  ARG A CG  1 
ATOM   398  C CD  . ARG A 1 54 ? 14.449  1.595   1.116   1.00 10.00 ? 51  ARG A CD  1 
ATOM   399  N NE  . ARG A 1 54 ? 15.790  2.114   1.233   1.00 10.00 ? 51  ARG A NE  1 
ATOM   400  C CZ  . ARG A 1 54 ? 16.703  1.833   0.271   1.00 12.96 ? 51  ARG A CZ  1 
ATOM   401  N NH1 . ARG A 1 54 ? 16.453  1.176   -0.892  1.00 10.00 ? 51  ARG A NH1 1 
ATOM   402  N NH2 . ARG A 1 54 ? 17.953  2.235   0.407   1.00 10.00 ? 51  ARG A NH2 1 
ATOM   403  N N   . ASN A 1 55 ? 9.858   0.324   0.711   1.00 12.09 ? 52  ASN A N   1 
ATOM   404  C CA  . ASN A 1 55 ? 8.511   -0.159  1.067   1.00 12.51 ? 52  ASN A CA  1 
ATOM   405  C C   . ASN A 1 55 ? 8.188   0.258   2.510   1.00 13.14 ? 52  ASN A C   1 
ATOM   406  O O   . ASN A 1 55 ? 8.081   -0.590  3.420   1.00 14.88 ? 52  ASN A O   1 
ATOM   407  C CB  . ASN A 1 55 ? 8.422   -1.664  0.988   1.00 11.42 ? 52  ASN A CB  1 
ATOM   408  C CG  . ASN A 1 55 ? 7.021   -2.159  0.653   1.00 10.00 ? 52  ASN A CG  1 
ATOM   409  O OD1 . ASN A 1 55 ? 6.190   -1.223  0.761   1.00 10.00 ? 52  ASN A OD1 1 
ATOM   410  N ND2 . ASN A 1 55 ? 6.913   -3.380  0.192   1.00 10.00 ? 52  ASN A ND2 1 
ATOM   411  N N   . PRO A 1 56 ? 8.104   1.568   2.703   1.00 14.06 ? 53  PRO A N   1 
ATOM   412  C CA  . PRO A 1 56 ? 7.897   2.078   4.079   1.00 15.02 ? 53  PRO A CA  1 
ATOM   413  C C   . PRO A 1 56 ? 6.568   1.592   4.731   1.00 15.83 ? 53  PRO A C   1 
ATOM   414  O O   . PRO A 1 56 ? 6.518   1.629   6.001   1.00 17.39 ? 53  PRO A O   1 
ATOM   415  C CB  . PRO A 1 56 ? 7.908   3.574   3.941   1.00 13.73 ? 53  PRO A CB  1 
ATOM   416  C CG  . PRO A 1 56 ? 7.827   3.887   2.498   1.00 13.68 ? 53  PRO A CG  1 
ATOM   417  C CD  . PRO A 1 56 ? 8.139   2.632   1.733   1.00 13.59 ? 53  PRO A CD  1 
ATOM   418  N N   . ASP A 1 57 ? 5.672   1.101   3.917   1.00 15.99 ? 54  ASP A N   1 
ATOM   419  C CA  . ASP A 1 57 ? 4.334   0.671   4.359   1.00 15.10 ? 54  ASP A CA  1 
ATOM   420  C C   . ASP A 1 57 ? 4.093   -0.803  4.075   1.00 16.89 ? 54  ASP A C   1 
ATOM   421  O O   . ASP A 1 57 ? 2.933   -1.214  4.366   1.00 14.74 ? 54  ASP A O   1 
ATOM   422  C CB  . ASP A 1 57 ? 3.268   1.541   3.747   1.00 14.34 ? 54  ASP A CB  1 
ATOM   423  C CG  . ASP A 1 57 ? 3.180   1.526   2.233   1.00 15.18 ? 54  ASP A CG  1 
ATOM   424  O OD1 . ASP A 1 57 ? 4.178   1.101   1.576   1.00 12.55 ? 54  ASP A OD1 1 
ATOM   425  O OD2 . ASP A 1 57 ? 2.091   1.939   1.798   1.00 12.54 ? 54  ASP A OD2 1 
ATOM   426  N N   . ASN A 1 58 ? 5.200   -1.501  3.725   1.00 15.20 ? 55  ASN A N   1 
ATOM   427  C CA  . ASN A 1 58 ? 4.937   -2.943  3.483   1.00 16.74 ? 55  ASN A CA  1 
ATOM   428  C C   . ASN A 1 58 ? 3.835   -3.212  2.500   1.00 16.90 ? 55  ASN A C   1 
ATOM   429  O O   . ASN A 1 58 ? 2.847   -4.012  2.802   1.00 17.78 ? 55  ASN A O   1 
ATOM   430  C CB  . ASN A 1 58 ? 4.641   -3.531  4.907   1.00 18.90 ? 55  ASN A CB  1 
ATOM   431  C CG  . ASN A 1 58 ? 4.805   -5.016  4.937   1.00 17.72 ? 55  ASN A CG  1 
ATOM   432  O OD1 . ASN A 1 58 ? 3.787   -5.761  4.953   1.00 23.50 ? 55  ASN A OD1 1 
ATOM   433  N ND2 . ASN A 1 58 ? 5.961   -5.575  4.701   1.00 17.73 ? 55  ASN A ND2 1 
ATOM   434  N N   . ASP A 1 59 ? 3.923   -2.579  1.362   1.00 15.86 ? 56  ASP A N   1 
ATOM   435  C CA  . ASP A 1 59 ? 2.862   -2.809  0.304   1.00 16.30 ? 56  ASP A CA  1 
ATOM   436  C C   . ASP A 1 59 ? 3.145   -4.167  -0.252  1.00 17.05 ? 56  ASP A C   1 
ATOM   437  O O   . ASP A 1 59 ? 4.350   -4.473  -0.437  1.00 17.87 ? 56  ASP A O   1 
ATOM   438  C CB  . ASP A 1 59 ? 2.865   -1.598  -0.609  1.00 15.38 ? 56  ASP A CB  1 
ATOM   439  C CG  . ASP A 1 59 ? 1.966   -1.620  -1.825  1.00 15.62 ? 56  ASP A CG  1 
ATOM   440  O OD1 . ASP A 1 59 ? 1.607   -2.673  -2.372  1.00 15.25 ? 56  ASP A OD1 1 
ATOM   441  O OD2 . ASP A 1 59 ? 1.607   -0.563  -2.362  1.00 17.90 ? 56  ASP A OD2 1 
ATOM   442  N N   . PRO A 1 60 ? 2.163   -5.081  -0.340  1.00 17.78 ? 57  PRO A N   1 
ATOM   443  C CA  . PRO A 1 60 ? 2.431   -6.447  -0.891  1.00 15.34 ? 57  PRO A CA  1 
ATOM   444  C C   . PRO A 1 60 ? 3.035   -6.298  -2.283  1.00 15.31 ? 57  PRO A C   1 
ATOM   445  O O   . PRO A 1 60 ? 3.717   -7.226  -2.768  1.00 13.51 ? 57  PRO A O   1 
ATOM   446  C CB  . PRO A 1 60 ? 1.087   -7.201  -0.931  1.00 15.52 ? 57  PRO A CB  1 
ATOM   447  C CG  . PRO A 1 60 ? 0.083   -6.217  -0.458  1.00 14.80 ? 57  PRO A CG  1 
ATOM   448  C CD  . PRO A 1 60 ? 0.727   -4.886  -0.107  1.00 15.56 ? 57  PRO A CD  1 
ATOM   449  N N   . GLN A 1 61 ? 2.684   -5.148  -2.852  1.00 14.73 ? 58  GLN A N   1 
ATOM   450  C CA  . GLN A 1 61 ? 3.273   -4.899  -4.178  1.00 15.55 ? 58  GLN A CA  1 
ATOM   451  C C   . GLN A 1 61 ? 4.819   -4.748  -4.267  1.00 15.37 ? 58  GLN A C   1 
ATOM   452  O O   . GLN A 1 61 ? 5.253   -4.543  -5.477  1.00 11.84 ? 58  GLN A O   1 
ATOM   453  C CB  . GLN A 1 61 ? 2.555   -3.661  -4.821  1.00 15.06 ? 58  GLN A CB  1 
ATOM   454  C CG  . GLN A 1 61 ? 1.388   -4.293  -5.568  1.00 18.51 ? 58  GLN A CG  1 
ATOM   455  C CD  . GLN A 1 61 ? 0.810   -3.366  -6.603  1.00 19.95 ? 58  GLN A CD  1 
ATOM   456  O OE1 . GLN A 1 61 ? 1.325   -3.343  -7.709  1.00 21.01 ? 58  GLN A OE1 1 
ATOM   457  N NE2 . GLN A 1 61 ? -0.308  -2.730  -6.270  1.00 16.55 ? 58  GLN A NE2 1 
ATOM   458  N N   . GLY A 1 62 ? 5.490   -4.430  -3.160  1.00 13.83 ? 59  GLY A N   1 
ATOM   459  C CA  . GLY A 1 62 ? 6.947   -4.252  -3.210  1.00 13.58 ? 59  GLY A CA  1 
ATOM   460  C C   . GLY A 1 62 ? 7.395   -2.815  -3.257  1.00 13.91 ? 59  GLY A C   1 
ATOM   461  O O   . GLY A 1 62 ? 6.554   -1.902  -3.083  1.00 15.30 ? 59  GLY A O   1 
ATOM   462  N N   . PRO A 1 63 ? 8.730   -2.602  -3.186  1.00 13.90 ? 60  PRO A N   1 
ATOM   463  C CA  . PRO A 1 63 ? 9.329   -1.282  -3.253  1.00 13.14 ? 60  PRO A CA  1 
ATOM   464  C C   . PRO A 1 63 ? 8.726   -0.387  -4.313  1.00 13.00 ? 60  PRO A C   1 
ATOM   465  O O   . PRO A 1 63 ? 8.214   -0.840  -5.333  1.00 13.06 ? 60  PRO A O   1 
ATOM   466  C CB  . PRO A 1 63 ? 10.813  -1.485  -3.410  1.00 13.07 ? 60  PRO A CB  1 
ATOM   467  C CG  . PRO A 1 63 ? 11.086  -2.939  -3.056  1.00 12.94 ? 60  PRO A CG  1 
ATOM   468  C CD  . PRO A 1 63 ? 9.743   -3.672  -3.209  1.00 13.55 ? 60  PRO A CD  1 
ATOM   469  N N   . TRP A 1 64 ? 8.741   0.876   -3.971  1.00 12.91 ? 61  TRP A N   1 
ATOM   470  C CA  . TRP A 1 64 ? 8.261   1.966   -4.843  1.00 12.09 ? 61  TRP A CA  1 
ATOM   471  C C   . TRP A 1 64 ? 8.928   3.297   -4.484  1.00 10.25 ? 61  TRP A C   1 
ATOM   472  O O   . TRP A 1 64 ? 9.799   3.352   -3.564  1.00 10.00 ? 61  TRP A O   1 
ATOM   473  C CB  . TRP A 1 64 ? 6.689   1.952   -4.662  1.00 14.44 ? 61  TRP A CB  1 
ATOM   474  C CG  . TRP A 1 64 ? 6.349   2.060   -3.185  1.00 12.55 ? 61  TRP A CG  1 
ATOM   475  C CD1 . TRP A 1 64 ? 6.181   1.045   -2.295  1.00 13.76 ? 61  TRP A CD1 1 
ATOM   476  C CD2 . TRP A 1 64 ? 6.202   3.259   -2.428  1.00 14.58 ? 61  TRP A CD2 1 
ATOM   477  N NE1 . TRP A 1 64 ? 5.996   1.516   -1.060  1.00 12.49 ? 61  TRP A NE1 1 
ATOM   478  C CE2 . TRP A 1 64 ? 5.967   2.878   -1.088  1.00 13.17 ? 61  TRP A CE2 1 
ATOM   479  C CE3 . TRP A 1 64 ? 6.177   4.626   -2.787  1.00 13.23 ? 61  TRP A CE3 1 
ATOM   480  C CZ2 . TRP A 1 64 ? 5.789   3.836   -0.114  1.00 15.33 ? 61  TRP A CZ2 1 
ATOM   481  C CZ3 . TRP A 1 64 ? 5.962   5.551   -1.820  1.00 14.19 ? 61  TRP A CZ3 1 
ATOM   482  C CH2 . TRP A 1 64 ? 5.762   5.201   -0.503  1.00 13.67 ? 61  TRP A CH2 1 
ATOM   483  N N   . CYS A 1 65 ? 8.467   4.350   -5.195  1.00 10.00 ? 62  CYS A N   1 
ATOM   484  C CA  . CYS A 1 65 ? 8.968   5.679   -4.953  1.00 10.00 ? 62  CYS A CA  1 
ATOM   485  C C   . CYS A 1 65 ? 8.056   6.767   -5.515  1.00 10.63 ? 62  CYS A C   1 
ATOM   486  O O   . CYS A 1 65 ? 7.304   6.439   -6.458  1.00 10.24 ? 62  CYS A O   1 
ATOM   487  C CB  . CYS A 1 65 ? 10.354  5.839   -5.642  1.00 10.00 ? 62  CYS A CB  1 
ATOM   488  S SG  . CYS A 1 65 ? 10.438  5.761   -7.480  1.00 11.00 ? 62  CYS A SG  1 
ATOM   489  N N   . TYR A 1 66 ? 8.191   7.979   -4.980  1.00 11.52 ? 63  TYR A N   1 
ATOM   490  C CA  . TYR A 1 66 ? 7.580   9.160   -5.554  1.00 11.41 ? 63  TYR A CA  1 
ATOM   491  C C   . TYR A 1 66 ? 8.601   9.488   -6.700  1.00 11.95 ? 63  TYR A C   1 
ATOM   492  O O   . TYR A 1 66 ? 9.800   9.594   -6.515  1.00 11.09 ? 63  TYR A O   1 
ATOM   493  C CB  . TYR A 1 66 ? 7.431   10.379  -4.664  1.00 14.02 ? 63  TYR A CB  1 
ATOM   494  C CG  . TYR A 1 66 ? 6.645   10.174  -3.388  1.00 15.07 ? 63  TYR A CG  1 
ATOM   495  C CD1 . TYR A 1 66 ? 5.248   10.052  -3.502  1.00 13.82 ? 63  TYR A CD1 1 
ATOM   496  C CD2 . TYR A 1 66 ? 7.291   9.850   -2.148  1.00 13.96 ? 63  TYR A CD2 1 
ATOM   497  C CE1 . TYR A 1 66 ? 4.536   9.777   -2.337  1.00 13.32 ? 63  TYR A CE1 1 
ATOM   498  C CE2 . TYR A 1 66 ? 6.516   9.644   -0.966  1.00 11.98 ? 63  TYR A CE2 1 
ATOM   499  C CZ  . TYR A 1 66 ? 5.139   9.528   -1.132  1.00 12.96 ? 63  TYR A CZ  1 
ATOM   500  O OH  . TYR A 1 66 ? 4.315   9.223   -0.018  1.00 14.43 ? 63  TYR A OH  1 
ATOM   501  N N   . THR A 1 67 ? 8.185   9.518   -7.900  1.00 13.43 ? 64  THR A N   1 
ATOM   502  C CA  . THR A 1 67 ? 8.693   9.654   -9.261  1.00 12.51 ? 64  THR A CA  1 
ATOM   503  C C   . THR A 1 67 ? 8.916   11.093  -9.633  1.00 11.51 ? 64  THR A C   1 
ATOM   504  O O   . THR A 1 67 ? 8.070   11.850  -9.145  1.00 10.27 ? 64  THR A O   1 
ATOM   505  C CB  . THR A 1 67 ? 7.476   9.214   -10.225 1.00 10.73 ? 64  THR A CB  1 
ATOM   506  O OG1 . THR A 1 67 ? 7.352   7.798   -10.066 1.00 15.04 ? 64  THR A OG1 1 
ATOM   507  C CG2 . THR A 1 67 ? 7.464   9.840   -11.543 1.00 10.31 ? 64  THR A CG2 1 
ATOM   508  N N   . THR A 1 68 ? 9.822   11.294  -10.623 1.00 11.70 ? 65  THR A N   1 
ATOM   509  C CA  . THR A 1 68 ? 9.988   12.732  -11.009 1.00 14.83 ? 65  THR A CA  1 
ATOM   510  C C   . THR A 1 68 ? 8.968   13.199  -11.996 1.00 15.78 ? 65  THR A C   1 
ATOM   511  O O   . THR A 1 68 ? 9.205   14.153  -12.751 1.00 17.37 ? 65  THR A O   1 
ATOM   512  C CB  . THR A 1 68 ? 11.489  12.943  -11.477 1.00 14.94 ? 65  THR A CB  1 
ATOM   513  O OG1 . THR A 1 68 ? 11.582  11.923  -12.528 1.00 17.84 ? 65  THR A OG1 1 
ATOM   514  C CG2 . THR A 1 68 ? 12.407  12.659  -10.275 1.00 14.46 ? 65  THR A CG2 1 
ATOM   515  N N   . ASP A 1 69 ? 7.998   12.364  -12.361 1.00 17.75 ? 66  ASP A N   1 
ATOM   516  C CA  . ASP A 1 69 ? 6.918   12.734  -13.291 1.00 16.55 ? 66  ASP A CA  1 
ATOM   517  C C   . ASP A 1 69 ? 5.868   13.418  -12.385 1.00 16.12 ? 66  ASP A C   1 
ATOM   518  O O   . ASP A 1 69 ? 5.403   12.851  -11.410 1.00 15.88 ? 66  ASP A O   1 
ATOM   519  C CB  . ASP A 1 69 ? 6.442   11.538  -14.112 1.00 17.31 ? 66  ASP A CB  1 
ATOM   520  C CG  . ASP A 1 69 ? 5.298   11.883  -15.041 1.00 17.21 ? 66  ASP A CG  1 
ATOM   521  O OD1 . ASP A 1 69 ? 4.978   13.069  -15.092 1.00 16.92 ? 66  ASP A OD1 1 
ATOM   522  O OD2 . ASP A 1 69 ? 4.617   11.103  -15.707 1.00 20.16 ? 66  ASP A OD2 1 
ATOM   523  N N   . PRO A 1 70 ? 5.628   14.702  -12.651 1.00 16.09 ? 67  PRO A N   1 
ATOM   524  C CA  . PRO A 1 70 ? 4.678   15.426  -11.810 1.00 15.28 ? 67  PRO A CA  1 
ATOM   525  C C   . PRO A 1 70 ? 3.289   14.757  -11.845 1.00 15.78 ? 67  PRO A C   1 
ATOM   526  O O   . PRO A 1 70 ? 2.607   14.766  -10.821 1.00 15.71 ? 67  PRO A O   1 
ATOM   527  C CB  . PRO A 1 70 ? 4.838   16.883  -12.226 1.00 16.13 ? 67  PRO A CB  1 
ATOM   528  C CG  . PRO A 1 70 ? 5.827   16.934  -13.321 1.00 15.77 ? 67  PRO A CG  1 
ATOM   529  C CD  . PRO A 1 70 ? 6.304   15.505  -13.666 1.00 15.67 ? 67  PRO A CD  1 
ATOM   530  N N   . GLU A 1 71 ? 2.853   14.123  -12.880 1.00 15.35 ? 68  GLU A N   1 
ATOM   531  C CA  . GLU A 1 71 ? 1.616   13.520  -13.226 1.00 16.61 ? 68  GLU A CA  1 
ATOM   532  C C   . GLU A 1 71 ? 1.426   12.056  -12.877 1.00 15.41 ? 68  GLU A C   1 
ATOM   533  O O   . GLU A 1 71 ? 0.469   11.444  -13.274 1.00 16.00 ? 68  GLU A O   1 
ATOM   534  C CB  . GLU A 1 71 ? 1.350   13.618  -14.737 1.00 18.12 ? 68  GLU A CB  1 
ATOM   535  C CG  . GLU A 1 71 ? 0.761   14.927  -15.281 1.00 22.52 ? 68  GLU A CG  1 
ATOM   536  C CD  . GLU A 1 71 ? 1.924   15.875  -15.681 1.00 25.60 ? 68  GLU A CD  1 
ATOM   537  O OE1 . GLU A 1 71 ? 2.616   15.367  -16.586 1.00 23.16 ? 68  GLU A OE1 1 
ATOM   538  O OE2 . GLU A 1 71 ? 2.196   16.928  -15.127 1.00 25.23 ? 68  GLU A OE2 1 
ATOM   539  N N   . LYS A 1 72 ? 2.340   11.563  -12.134 1.00 15.98 ? 69  LYS A N   1 
ATOM   540  C CA  . LYS A 1 72 ? 2.604   10.274  -11.589 1.00 16.69 ? 69  LYS A CA  1 
ATOM   541  C C   . LYS A 1 72 ? 3.264   10.349  -10.225 1.00 16.49 ? 69  LYS A C   1 
ATOM   542  O O   . LYS A 1 72 ? 4.526   10.348  -9.984  1.00 18.04 ? 69  LYS A O   1 
ATOM   543  C CB  . LYS A 1 72 ? 3.467   9.620   -12.693 1.00 18.63 ? 69  LYS A CB  1 
ATOM   544  C CG  . LYS A 1 72 ? 4.292   8.469   -12.071 1.00 21.27 ? 69  LYS A CG  1 
ATOM   545  C CD  . LYS A 1 72 ? 3.269   7.331   -11.865 1.00 18.00 ? 69  LYS A CD  1 
ATOM   546  C CE  . LYS A 1 72 ? 3.792   6.051   -12.577 1.00 20.48 ? 69  LYS A CE  1 
ATOM   547  N NZ  . LYS A 1 72 ? 2.506   5.528   -13.243 1.00 19.27 ? 69  LYS A NZ  1 
ATOM   548  N N   . ARG A 1 73 ? 2.433   10.354  -9.196  1.00 14.86 ? 70  ARG A N   1 
ATOM   549  C CA  . ARG A 1 73 ? 2.898   10.498  -7.794  1.00 14.15 ? 70  ARG A CA  1 
ATOM   550  C C   . ARG A 1 73 ? 3.851   9.459   -7.327  1.00 12.94 ? 70  ARG A C   1 
ATOM   551  O O   . ARG A 1 73 ? 4.895   9.837   -6.698  1.00 12.75 ? 70  ARG A O   1 
ATOM   552  C CB  . ARG A 1 73 ? 1.747   10.698  -6.760  1.00 12.37 ? 70  ARG A CB  1 
ATOM   553  C CG  . ARG A 1 73 ? 2.145   11.091  -5.340  1.00 14.26 ? 70  ARG A CG  1 
ATOM   554  C CD  . ARG A 1 73 ? 0.984   11.209  -4.311  1.00 13.27 ? 70  ARG A CD  1 
ATOM   555  N NE  . ARG A 1 73 ? 1.581   11.531  -3.003  1.00 14.72 ? 70  ARG A NE  1 
ATOM   556  C CZ  . ARG A 1 73 ? 2.195   12.580  -2.538  1.00 17.26 ? 70  ARG A CZ  1 
ATOM   557  N NH1 . ARG A 1 73 ? 2.447   13.745  -3.165  1.00 17.44 ? 70  ARG A NH1 1 
ATOM   558  N NH2 . ARG A 1 73 ? 2.611   12.569  -1.230  1.00 19.60 ? 70  ARG A NH2 1 
ATOM   559  N N   . TYR A 1 74 ? 3.533   8.199   -7.481  1.00 14.18 ? 71  TYR A N   1 
ATOM   560  C CA  . TYR A 1 74 ? 4.469   7.114   -7.150  1.00 13.58 ? 71  TYR A CA  1 
ATOM   561  C C   . TYR A 1 74 ? 4.191   5.953   -8.142  1.00 14.84 ? 71  TYR A C   1 
ATOM   562  O O   . TYR A 1 74 ? 3.175   6.052   -8.855  1.00 14.09 ? 71  TYR A O   1 
ATOM   563  C CB  . TYR A 1 74 ? 4.382   6.687   -5.692  1.00 18.38 ? 71  TYR A CB  1 
ATOM   564  C CG  . TYR A 1 74 ? 3.217   5.714   -5.462  1.00 21.75 ? 71  TYR A CG  1 
ATOM   565  C CD1 . TYR A 1 74 ? 1.883   6.103   -5.579  1.00 22.74 ? 71  TYR A CD1 1 
ATOM   566  C CD2 . TYR A 1 74 ? 3.512   4.363   -5.461  1.00 21.89 ? 71  TYR A CD2 1 
ATOM   567  C CE1 . TYR A 1 74 ? 0.854   5.172   -5.479  1.00 23.88 ? 71  TYR A CE1 1 
ATOM   568  C CE2 . TYR A 1 74 ? 2.515   3.423   -5.348  1.00 23.05 ? 71  TYR A CE2 1 
ATOM   569  C CZ  . TYR A 1 74 ? 1.219   3.849   -5.323  1.00 23.76 ? 71  TYR A CZ  1 
ATOM   570  O OH  . TYR A 1 74 ? 0.270   2.852   -5.197  1.00 29.97 ? 71  TYR A OH  1 
ATOM   571  N N   . ASP A 1 75 ? 5.002   4.948   -8.086  1.00 14.36 ? 72  ASP A N   1 
ATOM   572  C CA  . ASP A 1 75 ? 5.042   3.742   -8.885  1.00 16.01 ? 72  ASP A CA  1 
ATOM   573  C C   . ASP A 1 75 ? 6.113   2.780   -8.271  1.00 15.95 ? 72  ASP A C   1 
ATOM   574  O O   . ASP A 1 75 ? 7.107   3.094   -7.542  1.00 16.67 ? 72  ASP A O   1 
ATOM   575  C CB  . ASP A 1 75 ? 5.203   4.185   -10.342 1.00 18.51 ? 72  ASP A CB  1 
ATOM   576  C CG  . ASP A 1 75 ? 4.994   3.104   -11.373 1.00 20.43 ? 72  ASP A CG  1 
ATOM   577  O OD1 . ASP A 1 75 ? 4.286   2.137   -10.969 1.00 20.63 ? 72  ASP A OD1 1 
ATOM   578  O OD2 . ASP A 1 75 ? 5.394   3.191   -12.532 1.00 20.34 ? 72  ASP A OD2 1 
ATOM   579  N N   . TYR A 1 76 ? 5.882   1.506   -8.546  1.00 14.10 ? 73  TYR A N   1 
ATOM   580  C CA  . TYR A 1 76 ? 6.602   0.346   -8.093  1.00 14.59 ? 73  TYR A CA  1 
ATOM   581  C C   . TYR A 1 76 ? 7.858   0.113   -8.908  1.00 14.34 ? 73  TYR A C   1 
ATOM   582  O O   . TYR A 1 76 ? 7.843   0.510   -10.046 1.00 12.55 ? 73  TYR A O   1 
ATOM   583  C CB  . TYR A 1 76 ? 5.692   -0.929  -8.095  1.00 14.18 ? 73  TYR A CB  1 
ATOM   584  C CG  . TYR A 1 76 ? 4.538   -0.708  -7.098  1.00 12.03 ? 73  TYR A CG  1 
ATOM   585  C CD1 . TYR A 1 76 ? 4.617   -0.948  -5.750  1.00 10.00 ? 73  TYR A CD1 1 
ATOM   586  C CD2 . TYR A 1 76 ? 3.349   -0.214  -7.685  1.00 11.79 ? 73  TYR A CD2 1 
ATOM   587  C CE1 . TYR A 1 76 ? 3.535   -0.559  -4.926  1.00 13.27 ? 73  TYR A CE1 1 
ATOM   588  C CE2 . TYR A 1 76 ? 2.223   0.042   -6.878  1.00 11.78 ? 73  TYR A CE2 1 
ATOM   589  C CZ  . TYR A 1 76 ? 2.299   -0.181  -5.517  1.00 12.75 ? 73  TYR A CZ  1 
ATOM   590  O OH  . TYR A 1 76 ? 1.214   0.188   -4.792  1.00 10.22 ? 73  TYR A OH  1 
ATOM   591  N N   . CYS A 1 77 ? 8.874   -0.333  -8.205  1.00 15.70 ? 74  CYS A N   1 
ATOM   592  C CA  . CYS A 1 77 ? 10.196  -0.669  -8.801  1.00 17.16 ? 74  CYS A CA  1 
ATOM   593  C C   . CYS A 1 77 ? 10.275  -2.170  -8.988  1.00 19.94 ? 74  CYS A C   1 
ATOM   594  O O   . CYS A 1 77 ? 9.526   -3.018  -8.391  1.00 22.05 ? 74  CYS A O   1 
ATOM   595  C CB  . CYS A 1 77 ? 11.348  -0.201  -7.950  1.00 12.49 ? 74  CYS A CB  1 
ATOM   596  S SG  . CYS A 1 77 ? 11.095  1.478   -7.360  1.00 13.38 ? 74  CYS A SG  1 
ATOM   597  N N   . ASP A 1 78 ? 11.188  -2.596  -9.841  1.00 21.05 ? 75  ASP A N   1 
ATOM   598  C CA  . ASP A 1 78 ? 11.344  -4.031  -10.135 1.00 22.49 ? 75  ASP A CA  1 
ATOM   599  C C   . ASP A 1 78 ? 12.628  -4.597  -9.496  1.00 22.62 ? 75  ASP A C   1 
ATOM   600  O O   . ASP A 1 78 ? 13.641  -4.373  -10.125 1.00 22.03 ? 75  ASP A O   1 
ATOM   601  C CB  . ASP A 1 78 ? 11.361  -4.125  -11.678 1.00 23.41 ? 75  ASP A CB  1 
ATOM   602  C CG  . ASP A 1 78 ? 10.245  -5.124  -12.005 1.00 26.70 ? 75  ASP A CG  1 
ATOM   603  O OD1 . ASP A 1 78 ? 10.086  -6.138  -11.340 1.00 25.32 ? 75  ASP A OD1 1 
ATOM   604  O OD2 . ASP A 1 78 ? 9.620   -4.729  -13.027 1.00 31.01 ? 75  ASP A OD2 1 
ATOM   605  N N   . ILE A 1 79 ? 12.503  -5.189  -8.330  1.00 22.87 ? 76  ILE A N   1 
ATOM   606  C CA  . ILE A 1 79 ? 13.573  -5.725  -7.532  1.00 24.72 ? 76  ILE A CA  1 
ATOM   607  C C   . ILE A 1 79 ? 13.546  -7.260  -7.520  1.00 25.58 ? 76  ILE A C   1 
ATOM   608  O O   . ILE A 1 79 ? 12.518  -7.917  -7.267  1.00 26.07 ? 76  ILE A O   1 
ATOM   609  C CB  . ILE A 1 79 ? 13.578  -5.106  -6.077  1.00 23.01 ? 76  ILE A CB  1 
ATOM   610  C CG1 . ILE A 1 79 ? 13.618  -3.572  -6.041  1.00 23.37 ? 76  ILE A CG1 1 
ATOM   611  C CG2 . ILE A 1 79 ? 14.722  -5.777  -5.310  1.00 23.59 ? 76  ILE A CG2 1 
ATOM   612  C CD1 . ILE A 1 79 ? 14.278  -2.728  -7.177  1.00 23.72 ? 76  ILE A CD1 1 
ATOM   613  N N   . LEU A 1 80 ? 14.740  -7.814  -7.678  1.00 26.71 ? 77  LEU A N   1 
ATOM   614  C CA  . LEU A 1 80 ? 14.844  -9.282  -7.742  1.00 27.25 ? 77  LEU A CA  1 
ATOM   615  C C   . LEU A 1 80 ? 14.894  -9.824  -6.323  1.00 28.10 ? 77  LEU A C   1 
ATOM   616  O O   . LEU A 1 80 ? 15.352  -9.244  -5.340  1.00 27.71 ? 77  LEU A O   1 
ATOM   617  C CB  . LEU A 1 80 ? 15.800  -9.641  -8.861  1.00 25.39 ? 77  LEU A CB  1 
ATOM   618  C CG  . LEU A 1 80 ? 15.194  -9.433  -10.272 1.00 25.83 ? 77  LEU A CG  1 
ATOM   619  C CD1 . LEU A 1 80 ? 13.902  -8.608  -10.264 1.00 26.90 ? 77  LEU A CD1 1 
ATOM   620  C CD2 . LEU A 1 80 ? 16.164  -8.681  -11.173 1.00 24.42 ? 77  LEU A CD2 1 
ATOM   621  N N   . GLU A 1 81 ? 14.114  -10.917 -6.299  1.00 29.81 ? 78  GLU A N   1 
ATOM   622  C CA  . GLU A 1 81 ? 13.847  -11.749 -5.135  1.00 30.47 ? 78  GLU A CA  1 
ATOM   623  C C   . GLU A 1 81 ? 15.187  -12.289 -4.711  1.00 30.98 ? 78  GLU A C   1 
ATOM   624  O O   . GLU A 1 81 ? 16.100  -12.496 -5.535  1.00 31.71 ? 78  GLU A O   1 
ATOM   625  C CB  . GLU A 1 81 ? 12.869  -12.852 -5.395  1.00 32.52 ? 78  GLU A CB  1 
ATOM   626  C CG  . GLU A 1 81 ? 11.450  -12.755 -4.808  1.00 35.65 ? 78  GLU A CG  1 
ATOM   627  C CD  . GLU A 1 81 ? 11.456  -13.358 -3.425  1.00 38.76 ? 78  GLU A CD  1 
ATOM   628  O OE1 . GLU A 1 81 ? 11.939  -14.490 -3.293  1.00 39.68 ? 78  GLU A OE1 1 
ATOM   629  O OE2 . GLU A 1 81 ? 11.154  -12.506 -2.518  1.00 40.48 ? 78  GLU A OE2 1 
ATOM   630  N N   . CYS A 1 82 ? 15.383  -12.204 -3.411  1.00 30.92 ? 79  CYS A N   1 
ATOM   631  C CA  . CYS A 1 82 ? 16.605  -12.680 -2.771  1.00 30.38 ? 79  CYS A CA  1 
ATOM   632  C C   . CYS A 1 82 ? 16.351  -14.179 -2.508  1.00 30.99 ? 79  CYS A C   1 
ATOM   633  O O   . CYS A 1 82 ? 17.016  -15.046 -3.090  1.00 29.55 ? 79  CYS A O   1 
ATOM   634  C CB  . CYS A 1 82 ? 16.710  -11.947 -1.489  1.00 29.79 ? 79  CYS A CB  1 
ATOM   635  S SG  . CYS A 1 82 ? 18.122  -11.011 -1.030  1.00 33.39 ? 79  CYS A SG  1 
ATOM   636  N N   . GLU B 1 3  A -5.626  6.360   1.120   1.00 38.47 ? 1   GLU B N   1 
ATOM   637  C CA  . GLU B 1 3  A -5.259  7.799   1.041   1.00 38.30 ? 1   GLU B CA  1 
ATOM   638  C C   . GLU B 1 3  A -6.373  8.674   1.638   1.00 37.46 ? 1   GLU B C   1 
ATOM   639  O O   . GLU B 1 3  A -6.589  8.678   2.888   1.00 38.41 ? 1   GLU B O   1 
ATOM   640  C CB  . GLU B 1 3  A -5.026  8.301   -0.382  1.00 38.73 ? 1   GLU B CB  1 
ATOM   641  C CG  . GLU B 1 3  A -6.199  7.936   -1.323  1.00 41.35 ? 1   GLU B CG  1 
ATOM   642  C CD  . GLU B 1 3  A -6.019  8.548   -2.679  1.00 42.07 ? 1   GLU B CD  1 
ATOM   643  O OE1 . GLU B 1 3  A -5.199  8.080   -3.442  1.00 42.76 ? 1   GLU B OE1 1 
ATOM   644  O OE2 . GLU B 1 3  A -6.763  9.549   -2.881  1.00 44.04 ? 1   GLU B OE2 1 
ATOM   645  N N   . CYS B 1 4  ? -7.112  9.321   0.717   1.00 34.83 ? 1   CYS B N   1 
ATOM   646  C CA  . CYS B 1 4  ? -8.253  10.127  1.166   1.00 32.13 ? 1   CYS B CA  1 
ATOM   647  C C   . CYS B 1 4  ? -9.519  9.389   0.611   1.00 30.87 ? 1   CYS B C   1 
ATOM   648  O O   . CYS B 1 4  ? -9.660  8.813   -0.476  1.00 31.07 ? 1   CYS B O   1 
ATOM   649  C CB  . CYS B 1 4  ? -8.219  11.595  0.841   1.00 31.31 ? 1   CYS B CB  1 
ATOM   650  S SG  . CYS B 1 4  ? -8.634  11.879  -0.905  1.00 32.28 ? 1   CYS B SG  1 
ATOM   651  N N   . LYS B 1 5  ? -10.501 9.500   1.468   1.00 28.05 ? 2   LYS B N   1 
ATOM   652  C CA  . LYS B 1 5  ? -11.801 8.916   1.276   1.00 25.88 ? 2   LYS B CA  1 
ATOM   653  C C   . LYS B 1 5  ? -12.888 9.977   1.352   1.00 24.80 ? 2   LYS B C   1 
ATOM   654  O O   . LYS B 1 5  ? -12.851 10.975  2.095   1.00 22.78 ? 2   LYS B O   1 
ATOM   655  C CB  . LYS B 1 5  ? -12.007 7.920   2.392   1.00 26.79 ? 2   LYS B CB  1 
ATOM   656  C CG  . LYS B 1 5  ? -13.280 8.166   3.226   1.00 24.71 ? 2   LYS B CG  1 
ATOM   657  C CD  . LYS B 1 5  ? -13.312 7.056   4.251   1.00 26.47 ? 2   LYS B CD  1 
ATOM   658  C CE  . LYS B 1 5  ? -14.007 7.552   5.531   1.00 25.93 ? 2   LYS B CE  1 
ATOM   659  N NZ  . LYS B 1 5  ? -14.881 6.392   5.852   1.00 30.45 ? 2   LYS B NZ  1 
ATOM   660  N N   . THR B 1 6  ? -13.913 9.605   0.583   1.00 24.42 ? 3   THR B N   1 
ATOM   661  C CA  . THR B 1 6  ? -15.140 10.468  0.579   1.00 23.55 ? 3   THR B CA  1 
ATOM   662  C C   . THR B 1 6  ? -16.336 9.571   0.912   1.00 22.92 ? 3   THR B C   1 
ATOM   663  O O   . THR B 1 6  ? -16.534 8.449   0.441   1.00 19.55 ? 3   THR B O   1 
ATOM   664  C CB  . THR B 1 6  ? -15.024 11.183  -0.794  1.00 27.06 ? 3   THR B CB  1 
ATOM   665  O OG1 . THR B 1 6  ? -16.318 11.665  -1.231  1.00 29.47 ? 3   THR B OG1 1 
ATOM   666  C CG2 . THR B 1 6  ? -14.414 10.223  -1.859  1.00 29.34 ? 3   THR B CG2 1 
ATOM   667  N N   . GLY B 1 7  ? -17.292 10.142  1.661   1.00 23.04 ? 4   GLY B N   1 
ATOM   668  C CA  . GLY B 1 7  ? -18.543 9.411   2.045   1.00 24.00 ? 4   GLY B CA  1 
ATOM   669  C C   . GLY B 1 7  ? -18.067 8.168   2.875   1.00 22.99 ? 4   GLY B C   1 
ATOM   670  O O   . GLY B 1 7  ? -17.108 8.402   3.584   1.00 22.01 ? 4   GLY B O   1 
ATOM   671  N N   . ASN B 1 8  ? -18.573 7.023   2.493   1.00 22.96 ? 5   ASN B N   1 
ATOM   672  C CA  . ASN B 1 8  ? -18.230 5.763   3.164   1.00 23.93 ? 5   ASN B CA  1 
ATOM   673  C C   . ASN B 1 8  ? -16.951 5.124   2.596   1.00 23.64 ? 5   ASN B C   1 
ATOM   674  O O   . ASN B 1 8  ? -16.472 4.066   3.106   1.00 23.80 ? 5   ASN B O   1 
ATOM   675  C CB  . ASN B 1 8  ? -19.496 4.921   3.116   1.00 27.48 ? 5   ASN B CB  1 
ATOM   676  C CG  . ASN B 1 8  ? -19.730 4.009   1.942   1.00 29.74 ? 5   ASN B CG  1 
ATOM   677  O OD1 . ASN B 1 8  ? -19.608 2.784   2.137   1.00 31.02 ? 5   ASN B OD1 1 
ATOM   678  N ND2 . ASN B 1 8  ? -20.089 4.410   0.722   1.00 32.78 ? 5   ASN B ND2 1 
ATOM   679  N N   . GLY B 1 9  ? -16.344 5.853   1.647   1.00 22.27 ? 6   GLY B N   1 
ATOM   680  C CA  . GLY B 1 9  ? -15.130 5.286   0.979   1.00 21.43 ? 6   GLY B CA  1 
ATOM   681  C C   . GLY B 1 9  ? -15.519 4.125   0.063   1.00 20.35 ? 6   GLY B C   1 
ATOM   682  O O   . GLY B 1 9  ? -14.814 3.113   -0.108  1.00 20.12 ? 6   GLY B O   1 
ATOM   683  N N   . LYS B 1 10 ? -16.711 4.270   -0.559  1.00 19.69 ? 7   LYS B N   1 
ATOM   684  C CA  . LYS B 1 10 ? -17.179 3.322   -1.564  1.00 19.53 ? 7   LYS B CA  1 
ATOM   685  C C   . LYS B 1 10 ? -16.250 3.242   -2.779  1.00 18.99 ? 7   LYS B C   1 
ATOM   686  O O   . LYS B 1 10 ? -15.933 2.240   -3.441  1.00 18.64 ? 7   LYS B O   1 
ATOM   687  C CB  . LYS B 1 10 ? -18.560 3.782   -2.163  1.00 19.91 ? 7   LYS B CB  1 
ATOM   688  C CG  . LYS B 1 10 ? -19.529 2.632   -2.059  1.00 20.87 ? 7   LYS B CG  1 
ATOM   689  C CD  . LYS B 1 10 ? -18.668 1.359   -2.126  1.00 23.71 ? 7   LYS B CD  1 
ATOM   690  C CE  . LYS B 1 10 ? -19.460 0.100   -2.164  1.00 25.74 ? 7   LYS B CE  1 
ATOM   691  N NZ  . LYS B 1 10 ? -19.983 -0.227  -3.522  1.00 22.76 ? 7   LYS B NZ  1 
ATOM   692  N N   . ASN B 1 11 ? -15.851 4.440   -3.169  1.00 19.46 ? 8   ASN B N   1 
ATOM   693  C CA  . ASN B 1 11 ? -15.008 4.675   -4.327  1.00 20.33 ? 8   ASN B CA  1 
ATOM   694  C C   . ASN B 1 11 ? -13.528 4.760   -3.939  1.00 17.89 ? 8   ASN B C   1 
ATOM   695  O O   . ASN B 1 11 ? -12.781 5.284   -4.781  1.00 18.69 ? 8   ASN B O   1 
ATOM   696  C CB  . ASN B 1 11 ? -15.404 5.928   -5.106  1.00 23.77 ? 8   ASN B CB  1 
ATOM   697  C CG  . ASN B 1 11 ? -16.688 5.732   -5.900  1.00 26.08 ? 8   ASN B CG  1 
ATOM   698  O OD1 . ASN B 1 11 ? -16.478 6.041   -7.072  1.00 28.44 ? 8   ASN B OD1 1 
ATOM   699  N ND2 . ASN B 1 11 ? -17.763 5.072   -5.491  1.00 24.88 ? 8   ASN B ND2 1 
ATOM   700  N N   . TYR B 1 12 ? -13.232 4.458   -2.695  1.00 18.58 ? 9   TYR B N   1 
ATOM   701  C CA  . TYR B 1 12 ? -11.844 4.520   -2.207  1.00 14.69 ? 9   TYR B CA  1 
ATOM   702  C C   . TYR B 1 12 ? -11.066 3.442   -2.994  1.00 13.87 ? 9   TYR B C   1 
ATOM   703  O O   . TYR B 1 12 ? -11.439 2.289   -3.050  1.00 12.84 ? 9   TYR B O   1 
ATOM   704  C CB  . TYR B 1 12 ? -11.654 4.290   -0.724  1.00 14.52 ? 9   TYR B CB  1 
ATOM   705  C CG  . TYR B 1 12 ? -10.226 4.023   -0.250  1.00 14.02 ? 9   TYR B CG  1 
ATOM   706  C CD1 . TYR B 1 12 ? -9.319  5.068   -0.082  1.00 15.71 ? 9   TYR B CD1 1 
ATOM   707  C CD2 . TYR B 1 12 ? -9.798  2.760   0.049   1.00 14.80 ? 9   TYR B CD2 1 
ATOM   708  C CE1 . TYR B 1 12 ? -7.990  4.789   0.288   1.00 17.06 ? 9   TYR B CE1 1 
ATOM   709  C CE2 . TYR B 1 12 ? -8.524  2.400   0.469   1.00 13.63 ? 9   TYR B CE2 1 
ATOM   710  C CZ  . TYR B 1 12 ? -7.679  3.471   0.693   1.00 13.94 ? 9   TYR B CZ  1 
ATOM   711  O OH  . TYR B 1 12 ? -6.444  3.211   1.164   1.00 16.81 ? 9   TYR B OH  1 
ATOM   712  N N   . ARG B 1 13 ? -9.969  3.845   -3.571  1.00 14.13 ? 10  ARG B N   1 
ATOM   713  C CA  . ARG B 1 13 ? -9.047  3.017   -4.303  1.00 12.31 ? 10  ARG B CA  1 
ATOM   714  C C   . ARG B 1 13 ? -7.603  3.256   -3.871  1.00 14.20 ? 10  ARG B C   1 
ATOM   715  O O   . ARG B 1 13 ? -6.711  2.628   -4.468  1.00 15.08 ? 10  ARG B O   1 
ATOM   716  C CB  . ARG B 1 13 ? -9.362  3.213   -5.792  1.00 15.79 ? 10  ARG B CB  1 
ATOM   717  C CG  . ARG B 1 13 ? -10.648 2.598   -6.285  1.00 15.89 ? 10  ARG B CG  1 
ATOM   718  C CD  . ARG B 1 13 ? -10.577 1.108   -6.172  1.00 17.00 ? 10  ARG B CD  1 
ATOM   719  N NE  . ARG B 1 13 ? -11.921 0.699   -6.289  1.00 22.15 ? 10  ARG B NE  1 
ATOM   720  C CZ  . ARG B 1 13 ? -13.057 0.880   -5.679  1.00 20.14 ? 10  ARG B CZ  1 
ATOM   721  N NH1 . ARG B 1 13 ? -13.333 1.534   -4.606  1.00 20.60 ? 10  ARG B NH1 1 
ATOM   722  N NH2 . ARG B 1 13 ? -14.054 0.508   -6.535  1.00 23.42 ? 10  ARG B NH2 1 
ATOM   723  N N   . GLY B 1 14 ? -7.291  3.712   -2.698  1.00 13.04 ? 11  GLY B N   1 
ATOM   724  C CA  . GLY B 1 14 ? -6.107  3.964   -1.991  1.00 14.88 ? 11  GLY B CA  1 
ATOM   725  C C   . GLY B 1 14 ? -5.441  2.645   -1.644  1.00 16.20 ? 11  GLY B C   1 
ATOM   726  O O   . GLY B 1 14 ? -5.957  1.606   -2.023  1.00 17.89 ? 11  GLY B O   1 
ATOM   727  N N   . THR B 1 15 ? -4.271  2.682   -0.970  1.00 16.05 ? 12  THR B N   1 
ATOM   728  C CA  . THR B 1 15 ? -3.530  1.450   -0.718  1.00 16.39 ? 12  THR B CA  1 
ATOM   729  C C   . THR B 1 15 ? -3.247  1.187   0.767   1.00 15.59 ? 12  THR B C   1 
ATOM   730  O O   . THR B 1 15 ? -2.315  0.507   1.167   1.00 14.10 ? 12  THR B O   1 
ATOM   731  C CB  . THR B 1 15 ? -2.226  1.377   -1.590  1.00 15.50 ? 12  THR B CB  1 
ATOM   732  O OG1 . THR B 1 15 ? -1.390  2.533   -1.164  1.00 16.18 ? 12  THR B OG1 1 
ATOM   733  C CG2 . THR B 1 15 ? -2.517  1.441   -3.062  1.00 14.67 ? 12  THR B CG2 1 
ATOM   734  N N   . MET B 1 16 ? -4.198  1.675   1.565   1.00 15.56 ? 13  MET B N   1 
ATOM   735  C CA  . MET B 1 16 ? -3.950  1.322   3.024   1.00 14.89 ? 13  MET B CA  1 
ATOM   736  C C   . MET B 1 16 ? -3.945  -0.200  3.008   1.00 15.14 ? 13  MET B C   1 
ATOM   737  O O   . MET B 1 16 ? -4.802  -0.891  2.328   1.00 14.08 ? 13  MET B O   1 
ATOM   738  C CB  . MET B 1 16 ? -5.087  1.879   3.807   1.00 17.15 ? 13  MET B CB  1 
ATOM   739  C CG  . MET B 1 16 ? -5.035  3.012   4.677   1.00 22.01 ? 13  MET B CG  1 
ATOM   740  S SD  . MET B 1 16 ? -3.771  3.028   5.946   1.00 26.06 ? 13  MET B SD  1 
ATOM   741  C CE  . MET B 1 16 ? -3.784  1.313   6.459   1.00 22.07 ? 13  MET B CE  1 
ATOM   742  N N   . SER B 1 17 ? -3.034  -0.767  3.845   1.00 14.94 ? 14  SER B N   1 
ATOM   743  C CA  . SER B 1 17 ? -3.136  -2.236  3.927   1.00 15.65 ? 14  SER B CA  1 
ATOM   744  C C   . SER B 1 17 ? -3.169  -2.713  5.351   1.00 15.60 ? 14  SER B C   1 
ATOM   745  O O   . SER B 1 17 ? -2.932  -3.904  5.494   1.00 16.71 ? 14  SER B O   1 
ATOM   746  C CB  . SER B 1 17 ? -2.072  -2.890  3.082   1.00 11.96 ? 14  SER B CB  1 
ATOM   747  O OG  . SER B 1 17 ? -0.826  -2.336  3.280   1.00 19.42 ? 14  SER B OG  1 
ATOM   748  N N   . LYS B 1 18 ? -3.517  -1.910  6.308   1.00 16.81 ? 15  LYS B N   1 
ATOM   749  C CA  . LYS B 1 18 ? -3.518  -2.353  7.737   1.00 16.83 ? 15  LYS B CA  1 
ATOM   750  C C   . LYS B 1 18 ? -4.729  -1.703  8.342   1.00 15.12 ? 15  LYS B C   1 
ATOM   751  O O   . LYS B 1 18 ? -5.055  -0.618  7.915   1.00 16.30 ? 15  LYS B O   1 
ATOM   752  C CB  . LYS B 1 18 ? -2.306  -1.982  8.595   1.00 19.81 ? 15  LYS B CB  1 
ATOM   753  C CG  . LYS B 1 18 ? -1.335  -3.095  8.967   1.00 19.03 ? 15  LYS B CG  1 
ATOM   754  C CD  . LYS B 1 18 ? -0.209  -2.614  9.855   1.00 22.78 ? 15  LYS B CD  1 
ATOM   755  C CE  . LYS B 1 18 ? -0.235  -1.100  9.776   1.00 23.76 ? 15  LYS B CE  1 
ATOM   756  N NZ  . LYS B 1 18 ? 0.050   -0.629  8.374   1.00 26.40 ? 15  LYS B NZ  1 
ATOM   757  N N   . THR B 1 19 ? -5.288  -2.385  9.334   1.00 16.82 ? 16  THR B N   1 
ATOM   758  C CA  . THR B 1 19 ? -6.522  -1.876  9.970   1.00 14.88 ? 16  THR B CA  1 
ATOM   759  C C   . THR B 1 19 ? -6.114  -0.769  10.946  1.00 16.86 ? 16  THR B C   1 
ATOM   760  O O   . THR B 1 19 ? -5.013  -0.455  11.365  1.00 15.06 ? 16  THR B O   1 
ATOM   761  C CB  . THR B 1 19 ? -7.333  -3.006  10.643  1.00 14.04 ? 16  THR B CB  1 
ATOM   762  O OG1 . THR B 1 19 ? -6.473  -3.381  11.788  1.00 14.02 ? 16  THR B OG1 1 
ATOM   763  C CG2 . THR B 1 19 ? -7.635  -4.257  9.814   1.00 12.19 ? 16  THR B CG2 1 
ATOM   764  N N   . LYS B 1 20 ? -7.210  -0.142  11.407  1.00 17.01 ? 17  LYS B N   1 
ATOM   765  C CA  . LYS B 1 20 ? -7.159  0.996   12.312  1.00 17.48 ? 17  LYS B CA  1 
ATOM   766  C C   . LYS B 1 20 ? -6.333  0.630   13.525  1.00 17.74 ? 17  LYS B C   1 
ATOM   767  O O   . LYS B 1 20 ? -5.962  1.590   14.233  1.00 16.82 ? 17  LYS B O   1 
ATOM   768  C CB  . LYS B 1 20 ? -8.631  1.447   12.561  1.00 18.46 ? 17  LYS B CB  1 
ATOM   769  C CG  . LYS B 1 20 ? -9.232  0.490   13.600  1.00 17.73 ? 17  LYS B CG  1 
ATOM   770  C CD  . LYS B 1 20 ? -10.621 0.867   14.055  1.00 19.23 ? 17  LYS B CD  1 
ATOM   771  C CE  . LYS B 1 20 ? -10.733 0.394   15.518  1.00 19.34 ? 17  LYS B CE  1 
ATOM   772  N NZ  . LYS B 1 20 ? -11.597 -0.822  15.468  1.00 21.92 ? 17  LYS B NZ  1 
ATOM   773  N N   . ASN B 1 21 ? -6.292  -0.651  13.834  1.00 17.20 ? 18  ASN B N   1 
ATOM   774  C CA  . ASN B 1 21 ? -5.567  -1.297  14.904  1.00 18.01 ? 18  ASN B CA  1 
ATOM   775  C C   . ASN B 1 21 ? -4.146  -1.677  14.511  1.00 17.79 ? 18  ASN B C   1 
ATOM   776  O O   . ASN B 1 21 ? -3.474  -2.341  15.321  1.00 19.84 ? 18  ASN B O   1 
ATOM   777  C CB  . ASN B 1 21 ? -6.371  -2.454  15.520  1.00 20.69 ? 18  ASN B CB  1 
ATOM   778  C CG  . ASN B 1 21 ? -7.378  -2.127  16.574  1.00 22.25 ? 18  ASN B CG  1 
ATOM   779  O OD1 . ASN B 1 21 ? -8.240  -2.925  17.020  1.00 25.49 ? 18  ASN B OD1 1 
ATOM   780  N ND2 . ASN B 1 21 ? -7.297  -0.905  17.050  1.00 21.79 ? 18  ASN B ND2 1 
ATOM   781  N N   . GLY B 1 22 ? -3.662  -1.540  13.316  1.00 17.76 ? 19  GLY B N   1 
ATOM   782  C CA  . GLY B 1 22 ? -2.284  -1.827  12.958  1.00 17.82 ? 19  GLY B CA  1 
ATOM   783  C C   . GLY B 1 22 ? -2.052  -3.290  12.602  1.00 17.45 ? 19  GLY B C   1 
ATOM   784  O O   . GLY B 1 22 ? -0.849  -3.690  12.531  1.00 19.00 ? 19  GLY B O   1 
ATOM   785  N N   . ILE B 1 23 ? -3.101  -4.047  12.385  1.00 16.89 ? 20  ILE B N   1 
ATOM   786  C CA  . ILE B 1 23 ? -2.948  -5.471  11.944  1.00 16.32 ? 20  ILE B CA  1 
ATOM   787  C C   . ILE B 1 23 ? -3.048  -5.555  10.427  1.00 14.37 ? 20  ILE B C   1 
ATOM   788  O O   . ILE B 1 23 ? -3.868  -4.968  9.764   1.00 13.27 ? 20  ILE B O   1 
ATOM   789  C CB  . ILE B 1 23 ? -3.909  -6.444  12.690  1.00 17.38 ? 20  ILE B CB  1 
ATOM   790  C CG1 . ILE B 1 23 ? -4.394  -7.638  11.827  1.00 16.87 ? 20  ILE B CG1 1 
ATOM   791  C CG2 . ILE B 1 23 ? -5.061  -5.695  13.400  1.00 21.59 ? 20  ILE B CG2 1 
ATOM   792  C CD1 . ILE B 1 23 ? -3.687  -8.971  12.192  1.00 19.14 ? 20  ILE B CD1 1 
ATOM   793  N N   . THR B 1 24 ? -2.086  -6.303  9.859   1.00 14.97 ? 21  THR B N   1 
ATOM   794  C CA  . THR B 1 24 ? -2.149  -6.385  8.377   1.00 15.54 ? 21  THR B CA  1 
ATOM   795  C C   . THR B 1 24 ? -3.281  -7.256  7.851   1.00 14.12 ? 21  THR B C   1 
ATOM   796  O O   . THR B 1 24 ? -3.841  -8.194  8.414   1.00 13.21 ? 21  THR B O   1 
ATOM   797  C CB  . THR B 1 24 ? -0.672  -6.595  7.835   1.00 19.01 ? 21  THR B CB  1 
ATOM   798  O OG1 . THR B 1 24 ? -0.680  -7.681  6.904   1.00 21.00 ? 21  THR B OG1 1 
ATOM   799  C CG2 . THR B 1 24 ? 0.298   -6.573  9.001   1.00 18.39 ? 21  THR B CG2 1 
ATOM   800  N N   . CYS B 1 25 ? -3.796  -6.642  6.787   1.00 13.05 ? 22  CYS B N   1 
ATOM   801  C CA  . CYS B 1 25 ? -4.955  -7.125  6.047   1.00 14.46 ? 22  CYS B CA  1 
ATOM   802  C C   . CYS B 1 25 ? -4.575  -8.377  5.276   1.00 15.02 ? 22  CYS B C   1 
ATOM   803  O O   . CYS B 1 25 ? -3.424  -8.287  4.812   1.00 15.07 ? 22  CYS B O   1 
ATOM   804  C CB  . CYS B 1 25 ? -5.435  -6.143  4.979   1.00 10.56 ? 22  CYS B CB  1 
ATOM   805  S SG  . CYS B 1 25 ? -6.180  -4.621  5.709   1.00 13.77 ? 22  CYS B SG  1 
ATOM   806  N N   . GLN B 1 26 ? -5.613  -9.171  5.123   1.00 13.95 ? 23  GLN B N   1 
ATOM   807  C CA  . GLN B 1 26 ? -5.453  -10.380 4.296   1.00 11.82 ? 23  GLN B CA  1 
ATOM   808  C C   . GLN B 1 26 ? -5.877  -10.070 2.868   1.00 12.26 ? 23  GLN B C   1 
ATOM   809  O O   . GLN B 1 26 ? -6.523  -9.023  2.644   1.00 11.72 ? 23  GLN B O   1 
ATOM   810  C CB  . GLN B 1 26 ? -6.199  -11.509 4.928   1.00 13.61 ? 23  GLN B CB  1 
ATOM   811  C CG  . GLN B 1 26 ? -6.638  -12.507 3.836   1.00 15.49 ? 23  GLN B CG  1 
ATOM   812  C CD  . GLN B 1 26 ? -7.787  -13.393 4.345   1.00 14.36 ? 23  GLN B CD  1 
ATOM   813  O OE1 . GLN B 1 26 ? -7.781  -13.759 5.558   1.00 15.22 ? 23  GLN B OE1 1 
ATOM   814  N NE2 . GLN B 1 26 ? -8.556  -13.725 3.334   1.00 11.93 ? 23  GLN B NE2 1 
ATOM   815  N N   . LYS B 1 27 ? -5.242  -10.745 1.908   1.00 12.33 ? 24  LYS B N   1 
ATOM   816  C CA  . LYS B 1 27 ? -5.531  -10.523 0.458   1.00 12.62 ? 24  LYS B CA  1 
ATOM   817  C C   . LYS B 1 27 ? -6.911  -11.100 0.117   1.00 11.41 ? 24  LYS B C   1 
ATOM   818  O O   . LYS B 1 27 ? -7.325  -12.121 0.700   1.00 10.43 ? 24  LYS B O   1 
ATOM   819  C CB  . LYS B 1 27 ? -4.445  -11.070 -0.468  1.00 14.44 ? 24  LYS B CB  1 
ATOM   820  C CG  . LYS B 1 27 ? -3.005  -10.742 0.042   1.00 13.80 ? 24  LYS B CG  1 
ATOM   821  C CD  . LYS B 1 27 ? -2.574  -9.635  -0.925  1.00 16.83 ? 24  LYS B CD  1 
ATOM   822  C CE  . LYS B 1 27 ? -2.645  -10.335 -2.340  1.00 21.61 ? 24  LYS B CE  1 
ATOM   823  N NZ  . LYS B 1 27 ? -1.311  -10.156 -3.023  1.00 25.27 ? 24  LYS B NZ  1 
ATOM   824  N N   . TRP B 1 28 ? -7.644  -10.235 -0.553  1.00 11.00 ? 25  TRP B N   1 
ATOM   825  C CA  . TRP B 1 28 ? -9.028  -10.632 -0.907  1.00 12.73 ? 25  TRP B CA  1 
ATOM   826  C C   . TRP B 1 28 ? -9.099  -11.934 -1.667  1.00 14.90 ? 25  TRP B C   1 
ATOM   827  O O   . TRP B 1 28 ? -10.149 -12.555 -1.773  1.00 15.06 ? 25  TRP B O   1 
ATOM   828  C CB  . TRP B 1 28 ? -9.717  -9.522  -1.632  1.00 11.85 ? 25  TRP B CB  1 
ATOM   829  C CG  . TRP B 1 28 ? -9.730  -8.225  -0.920  1.00 10.11 ? 25  TRP B CG  1 
ATOM   830  C CD1 . TRP B 1 28 ? -8.715  -7.336  -0.967  1.00 12.05 ? 25  TRP B CD1 1 
ATOM   831  C CD2 . TRP B 1 28 ? -10.721 -7.661  -0.051  1.00 12.00 ? 25  TRP B CD2 1 
ATOM   832  N NE1 . TRP B 1 28 ? -8.998  -6.211  -0.250  1.00 12.28 ? 25  TRP B NE1 1 
ATOM   833  C CE2 . TRP B 1 28 ? -10.263 -6.358  0.287   1.00 10.96 ? 25  TRP B CE2 1 
ATOM   834  C CE3 . TRP B 1 28 ? -11.970 -8.065  0.405   1.00 10.00 ? 25  TRP B CE3 1 
ATOM   835  C CZ2 . TRP B 1 28 ? -10.950 -5.486  1.176   1.00 12.69 ? 25  TRP B CZ2 1 
ATOM   836  C CZ3 . TRP B 1 28 ? -12.620 -7.199  1.308   1.00 10.95 ? 25  TRP B CZ3 1 
ATOM   837  C CH2 . TRP B 1 28 ? -12.199 -5.918  1.647   1.00 10.00 ? 25  TRP B CH2 1 
ATOM   838  N N   . SER B 1 29 ? -8.075  -12.073 -2.515  1.00 17.48 ? 26  SER B N   1 
ATOM   839  C CA  . SER B 1 29 ? -7.946  -13.252 -3.385  1.00 18.75 ? 26  SER B CA  1 
ATOM   840  C C   . SER B 1 29 ? -7.552  -14.466 -2.569  1.00 18.15 ? 26  SER B C   1 
ATOM   841  O O   . SER B 1 29 ? -7.298  -15.586 -3.065  1.00 17.41 ? 26  SER B O   1 
ATOM   842  C CB  . SER B 1 29 ? -6.801  -12.895 -4.396  1.00 21.50 ? 26  SER B CB  1 
ATOM   843  O OG  . SER B 1 29 ? -5.941  -12.070 -3.538  1.00 29.53 ? 26  SER B OG  1 
ATOM   844  N N   . SER B 1 30 ? -7.440  -14.243 -1.262  1.00 17.55 ? 27  SER B N   1 
ATOM   845  C CA  . SER B 1 30 ? -7.013  -15.386 -0.440  1.00 18.59 ? 27  SER B CA  1 
ATOM   846  C C   . SER B 1 30 ? -8.080  -16.080 0.389   1.00 19.76 ? 27  SER B C   1 
ATOM   847  O O   . SER B 1 30 ? -9.134  -15.506 0.608   1.00 20.38 ? 27  SER B O   1 
ATOM   848  C CB  . SER B 1 30 ? -5.920  -14.710 0.373   1.00 19.24 ? 27  SER B CB  1 
ATOM   849  O OG  . SER B 1 30 ? -5.213  -15.811 0.792   1.00 24.22 ? 27  SER B OG  1 
ATOM   850  N N   . THR B 1 31 ? -7.881  -17.347 0.817   1.00 21.66 ? 28  THR B N   1 
ATOM   851  C CA  . THR B 1 31 ? -8.883  -18.024 1.701   1.00 21.94 ? 28  THR B CA  1 
ATOM   852  C C   . THR B 1 31 ? -8.308  -18.501 3.007   1.00 20.43 ? 28  THR B C   1 
ATOM   853  O O   . THR B 1 31 ? -8.876  -19.484 3.516   1.00 23.30 ? 28  THR B O   1 
ATOM   854  C CB  . THR B 1 31 ? -9.662  -19.264 1.123   1.00 21.29 ? 28  THR B CB  1 
ATOM   855  O OG1 . THR B 1 31 ? -8.647  -20.135 0.501   1.00 20.44 ? 28  THR B OG1 1 
ATOM   856  C CG2 . THR B 1 31 ? -10.904 -18.919 0.311   1.00 21.54 ? 28  THR B CG2 1 
ATOM   857  N N   . SER B 1 32 ? -7.339  -17.849 3.541   1.00 20.45 ? 29  SER B N   1 
ATOM   858  C CA  . SER B 1 32 ? -6.706  -18.264 4.820   1.00 19.91 ? 29  SER B CA  1 
ATOM   859  C C   . SER B 1 32 ? -5.997  -16.986 5.311   1.00 20.15 ? 29  SER B C   1 
ATOM   860  O O   . SER B 1 32 ? -5.499  -16.099 4.556   1.00 18.79 ? 29  SER B O   1 
ATOM   861  C CB  . SER B 1 32 ? -5.875  -19.519 4.727   1.00 21.74 ? 29  SER B CB  1 
ATOM   862  O OG  . SER B 1 32 ? -4.770  -19.554 5.647   1.00 18.89 ? 29  SER B OG  1 
ATOM   863  N N   . PRO B 1 33 ? -6.101  -16.781 6.623   1.00 19.40 ? 30  PRO B N   1 
ATOM   864  C CA  . PRO B 1 33 ? -6.746  -17.654 7.562   1.00 19.54 ? 30  PRO B CA  1 
ATOM   865  C C   . PRO B 1 33 ? -8.271  -17.650 7.441   1.00 19.35 ? 30  PRO B C   1 
ATOM   866  O O   . PRO B 1 33 ? -8.867  -18.351 8.260   1.00 20.98 ? 30  PRO B O   1 
ATOM   867  C CB  . PRO B 1 33 ? -6.359  -17.124 8.954   1.00 19.61 ? 30  PRO B CB  1 
ATOM   868  C CG  . PRO B 1 33 ? -5.831  -15.742 8.748   1.00 19.38 ? 30  PRO B CG  1 
ATOM   869  C CD  . PRO B 1 33 ? -5.581  -15.534 7.256   1.00 19.18 ? 30  PRO B CD  1 
ATOM   870  N N   . HIS B 1 34 ? -8.921  -16.723 6.792   1.00 19.99 ? 31  HIS B N   1 
ATOM   871  C CA  . HIS B 1 34 ? -10.353 -16.491 6.606   1.00 17.42 ? 31  HIS B CA  1 
ATOM   872  C C   . HIS B 1 34 ? -10.882 -16.654 5.223   1.00 17.44 ? 31  HIS B C   1 
ATOM   873  O O   . HIS B 1 34 ? -10.346 -15.951 4.325   1.00 15.93 ? 31  HIS B O   1 
ATOM   874  C CB  . HIS B 1 34 ? -10.709 -14.994 7.000   1.00 16.72 ? 31  HIS B CB  1 
ATOM   875  C CG  . HIS B 1 34 ? -10.254 -14.657 8.398   1.00 14.12 ? 31  HIS B CG  1 
ATOM   876  N ND1 . HIS B 1 34 ? -9.275  -13.728 8.692   1.00 15.15 ? 31  HIS B ND1 1 
ATOM   877  C CD2 . HIS B 1 34 ? -10.604 -15.229 9.605   1.00 10.13 ? 31  HIS B CD2 1 
ATOM   878  C CE1 . HIS B 1 34 ? -9.053  -13.672 9.997   1.00 10.00 ? 31  HIS B CE1 1 
ATOM   879  N NE2 . HIS B 1 34 ? -9.914  -14.507 10.545  1.00 11.89 ? 31  HIS B NE2 1 
ATOM   880  N N   . ARG B 1 35 ? -11.952 -17.435 4.970   1.00 17.26 ? 32  ARG B N   1 
ATOM   881  C CA  . ARG B 1 35 ? -12.610 -17.445 3.641   1.00 18.07 ? 32  ARG B CA  1 
ATOM   882  C C   . ARG B 1 35 ? -13.466 -16.219 3.385   1.00 19.06 ? 32  ARG B C   1 
ATOM   883  O O   . ARG B 1 35 ? -14.588 -16.028 3.994   1.00 18.12 ? 32  ARG B O   1 
ATOM   884  C CB  . ARG B 1 35 ? -13.440 -18.743 3.571   1.00 23.52 ? 32  ARG B CB  1 
ATOM   885  C CG  . ARG B 1 35 ? -14.279 -18.831 2.270   1.00 27.93 ? 32  ARG B CG  1 
ATOM   886  C CD  . ARG B 1 35 ? -14.942 -20.173 2.104   1.00 30.80 ? 32  ARG B CD  1 
ATOM   887  N NE  . ARG B 1 35 ? -14.107 -20.999 1.206   1.00 34.29 ? 32  ARG B NE  1 
ATOM   888  C CZ  . ARG B 1 35 ? -12.995 -21.635 1.647   1.00 35.77 ? 32  ARG B CZ  1 
ATOM   889  N NH1 . ARG B 1 35 ? -12.767 -21.618 2.977   1.00 35.68 ? 32  ARG B NH1 1 
ATOM   890  N NH2 . ARG B 1 35 ? -12.211 -22.368 0.848   1.00 33.49 ? 32  ARG B NH2 1 
ATOM   891  N N   . PRO B 1 36 ? -13.074 -15.326 2.459   1.00 18.23 ? 33  PRO B N   1 
ATOM   892  C CA  . PRO B 1 36 ? -13.773 -14.107 2.147   1.00 19.45 ? 33  PRO B CA  1 
ATOM   893  C C   . PRO B 1 36 ? -15.178 -14.342 1.583   1.00 19.43 ? 33  PRO B C   1 
ATOM   894  O O   . PRO B 1 36 ? -15.279 -15.323 0.819   1.00 20.10 ? 33  PRO B O   1 
ATOM   895  C CB  . PRO B 1 36 ? -12.912 -13.357 1.055   1.00 19.33 ? 33  PRO B CB  1 
ATOM   896  C CG  . PRO B 1 36 ? -11.687 -14.178 0.846   1.00 18.50 ? 33  PRO B CG  1 
ATOM   897  C CD  . PRO B 1 36 ? -11.828 -15.441 1.670   1.00 19.25 ? 33  PRO B CD  1 
ATOM   898  N N   . ARG B 1 37 ? -16.131 -13.547 1.938   1.00 19.18 ? 34  ARG B N   1 
ATOM   899  C CA  . ARG B 1 37 ? -17.520 -13.687 1.414   1.00 19.60 ? 34  ARG B CA  1 
ATOM   900  C C   . ARG B 1 37 ? -17.725 -12.634 0.321   1.00 19.01 ? 34  ARG B C   1 
ATOM   901  O O   . ARG B 1 37 ? -18.601 -12.577 -0.556  1.00 18.93 ? 34  ARG B O   1 
ATOM   902  C CB  . ARG B 1 37 ? -18.415 -13.757 2.620   1.00 22.66 ? 34  ARG B CB  1 
ATOM   903  C CG  . ARG B 1 37 ? -19.907 -14.060 2.343   1.00 26.16 ? 34  ARG B CG  1 
ATOM   904  C CD  . ARG B 1 37 ? -20.484 -14.998 3.382   1.00 26.98 ? 34  ARG B CD  1 
ATOM   905  N NE  . ARG B 1 37 ? -20.224 -14.534 4.704   1.00 28.23 ? 34  ARG B NE  1 
ATOM   906  C CZ  . ARG B 1 37 ? -20.750 -13.513 5.416   1.00 29.06 ? 34  ARG B CZ  1 
ATOM   907  N NH1 . ARG B 1 37 ? -21.887 -12.815 5.226   1.00 25.51 ? 34  ARG B NH1 1 
ATOM   908  N NH2 . ARG B 1 37 ? -19.964 -13.205 6.507   1.00 29.59 ? 34  ARG B NH2 1 
ATOM   909  N N   . PHE B 1 38 ? -16.717 -11.775 0.248   1.00 18.05 ? 35  PHE B N   1 
ATOM   910  C CA  . PHE B 1 38 ? -16.517 -10.656 -0.648  1.00 18.37 ? 35  PHE B CA  1 
ATOM   911  C C   . PHE B 1 38 ? -15.175 -10.872 -1.388  1.00 17.75 ? 35  PHE B C   1 
ATOM   912  O O   . PHE B 1 38 ? -14.203 -10.962 -0.655  1.00 18.25 ? 35  PHE B O   1 
ATOM   913  C CB  . PHE B 1 38 ? -16.481 -9.282  0.080   1.00 18.76 ? 35  PHE B CB  1 
ATOM   914  C CG  . PHE B 1 38 ? -17.844 -8.854  0.531   1.00 19.96 ? 35  PHE B CG  1 
ATOM   915  C CD1 . PHE B 1 38 ? -18.402 -9.317  1.708   1.00 21.53 ? 35  PHE B CD1 1 
ATOM   916  C CD2 . PHE B 1 38 ? -18.632 -8.096  -0.357  1.00 22.02 ? 35  PHE B CD2 1 
ATOM   917  C CE1 . PHE B 1 38 ? -19.715 -9.004  2.076   1.00 21.43 ? 35  PHE B CE1 1 
ATOM   918  C CE2 . PHE B 1 38 ? -19.982 -7.751  -0.017  1.00 22.06 ? 35  PHE B CE2 1 
ATOM   919  C CZ  . PHE B 1 38 ? -20.472 -8.194  1.218   1.00 23.48 ? 35  PHE B CZ  1 
ATOM   920  N N   . SER B 1 39 ? -15.148 -10.899 -2.696  1.00 18.03 ? 36  SER B N   1 
ATOM   921  C CA  . SER B 1 39 ? -13.822 -11.021 -3.331  1.00 19.28 ? 36  SER B CA  1 
ATOM   922  C C   . SER B 1 39 ? -13.976 -10.727 -4.824  1.00 19.40 ? 36  SER B C   1 
ATOM   923  O O   . SER B 1 39 ? -15.081 -10.475 -5.273  1.00 20.04 ? 36  SER B O   1 
ATOM   924  C CB  . SER B 1 39 ? -13.108 -12.314 -3.070  1.00 19.91 ? 36  SER B CB  1 
ATOM   925  O OG  . SER B 1 39 ? -13.692 -13.413 -3.687  1.00 20.78 ? 36  SER B OG  1 
ATOM   926  N N   . PRO B 1 40 ? -12.809 -10.652 -5.408  1.00 19.34 ? 37  PRO B N   1 
ATOM   927  C CA  . PRO B 1 40 ? -12.707 -10.380 -6.818  1.00 19.62 ? 37  PRO B CA  1 
ATOM   928  C C   . PRO B 1 40 ? -13.575 -11.307 -7.641  1.00 19.65 ? 37  PRO B C   1 
ATOM   929  O O   . PRO B 1 40 ? -14.269 -10.851 -8.540  1.00 20.37 ? 37  PRO B O   1 
ATOM   930  C CB  . PRO B 1 40 ? -11.193 -10.451 -7.132  1.00 19.23 ? 37  PRO B CB  1 
ATOM   931  C CG  . PRO B 1 40 ? -10.493 -10.774 -5.868  1.00 19.31 ? 37  PRO B CG  1 
ATOM   932  C CD  . PRO B 1 40 ? -11.499 -11.001 -4.768  1.00 19.45 ? 37  PRO B CD  1 
ATOM   933  N N   . ALA B 1 41 ? -13.668 -12.593 -7.414  1.00 20.11 ? 38  ALA B N   1 
ATOM   934  C CA  . ALA B 1 41 ? -14.478 -13.439 -8.307  1.00 21.40 ? 38  ALA B CA  1 
ATOM   935  C C   . ALA B 1 41 ? -15.966 -13.048 -8.296  1.00 21.63 ? 38  ALA B C   1 
ATOM   936  O O   . ALA B 1 41 ? -16.697 -13.091 -9.277  1.00 20.79 ? 38  ALA B O   1 
ATOM   937  C CB  . ALA B 1 41 ? -14.327 -14.935 -7.845  1.00 21.00 ? 38  ALA B CB  1 
ATOM   938  N N   . THR B 1 42 ? -16.415 -12.694 -7.099  1.00 20.91 ? 39  THR B N   1 
ATOM   939  C CA  . THR B 1 42 ? -17.805 -12.420 -6.723  1.00 20.07 ? 39  THR B CA  1 
ATOM   940  C C   . THR B 1 42 ? -18.277 -11.028 -6.777  1.00 19.98 ? 39  THR B C   1 
ATOM   941  O O   . THR B 1 42 ? -19.452 -10.676 -6.959  1.00 19.27 ? 39  THR B O   1 
ATOM   942  C CB  . THR B 1 42 ? -17.739 -13.182 -5.298  1.00 22.08 ? 39  THR B CB  1 
ATOM   943  O OG1 . THR B 1 42 ? -18.563 -14.334 -5.661  1.00 24.73 ? 39  THR B OG1 1 
ATOM   944  C CG2 . THR B 1 42 ? -17.951 -12.343 -4.070  1.00 21.24 ? 39  THR B CG2 1 
ATOM   945  N N   . HIS B 1 43 ? -17.320 -10.109 -6.725  1.00 19.80 ? 40  HIS B N   1 
ATOM   946  C CA  . HIS B 1 43 ? -17.510 -8.677  -6.728  1.00 19.34 ? 40  HIS B CA  1 
ATOM   947  C C   . HIS B 1 43 ? -16.483 -7.962  -7.626  1.00 19.43 ? 40  HIS B C   1 
ATOM   948  O O   . HIS B 1 43 ? -15.736 -7.119  -7.148  1.00 19.19 ? 40  HIS B O   1 
ATOM   949  C CB  . HIS B 1 43 ? -17.453 -8.060  -5.312  1.00 15.36 ? 40  HIS B CB  1 
ATOM   950  C CG  . HIS B 1 43 ? -18.567 -8.477  -4.427  1.00 14.49 ? 40  HIS B CG  1 
ATOM   951  N ND1 . HIS B 1 43 ? -18.607 -9.703  -3.797  1.00 16.22 ? 40  HIS B ND1 1 
ATOM   952  C CD2 . HIS B 1 43 ? -19.750 -7.911  -4.164  1.00 16.57 ? 40  HIS B CD2 1 
ATOM   953  C CE1 . HIS B 1 43 ? -19.708 -9.802  -3.034  1.00 15.68 ? 40  HIS B CE1 1 
ATOM   954  N NE2 . HIS B 1 43 ? -20.427 -8.734  -3.256  1.00 13.79 ? 40  HIS B NE2 1 
ATOM   955  N N   . PRO B 1 44 ? -16.628 -8.271  -8.906  1.00 21.04 ? 41  PRO B N   1 
ATOM   956  C CA  . PRO B 1 44 ? -15.736 -7.758  -9.929  1.00 20.75 ? 41  PRO B CA  1 
ATOM   957  C C   . PRO B 1 44 ? -15.560 -6.279  -9.981  1.00 20.03 ? 41  PRO B C   1 
ATOM   958  O O   . PRO B 1 44 ? -14.398 -5.923  -10.325 1.00 20.93 ? 41  PRO B O   1 
ATOM   959  C CB  . PRO B 1 44 ? -16.198 -8.309  -11.289 1.00 20.93 ? 41  PRO B CB  1 
ATOM   960  C CG  . PRO B 1 44 ? -17.228 -9.294  -10.965 1.00 21.41 ? 41  PRO B CG  1 
ATOM   961  C CD  . PRO B 1 44 ? -17.502 -9.295  -9.471  1.00 20.06 ? 41  PRO B CD  1 
ATOM   962  N N   . SER B 1 45 ? -16.539 -5.490  -9.636  1.00 20.09 ? 42  SER B N   1 
ATOM   963  C CA  . SER B 1 45 ? -16.382 -4.028  -9.725  1.00 19.74 ? 42  SER B CA  1 
ATOM   964  C C   . SER B 1 45 ? -15.975 -3.369  -8.428  1.00 17.61 ? 42  SER B C   1 
ATOM   965  O O   . SER B 1 45 ? -15.960 -2.121  -8.478  1.00 17.47 ? 42  SER B O   1 
ATOM   966  C CB  . SER B 1 45 ? -17.716 -3.411  -10.203 1.00 19.92 ? 42  SER B CB  1 
ATOM   967  O OG  . SER B 1 45 ? -18.560 -3.953  -9.147  1.00 32.08 ? 42  SER B OG  1 
ATOM   968  N N   . GLU B 1 46 ? -15.665 -4.089  -7.378  1.00 17.01 ? 43  GLU B N   1 
ATOM   969  C CA  . GLU B 1 46 ? -15.329 -3.402  -6.102  1.00 15.58 ? 43  GLU B CA  1 
ATOM   970  C C   . GLU B 1 46 ? -13.851 -3.066  -5.910  1.00 15.63 ? 43  GLU B C   1 
ATOM   971  O O   . GLU B 1 46 ? -13.542 -2.590  -4.778  1.00 14.90 ? 43  GLU B O   1 
ATOM   972  C CB  . GLU B 1 46 ? -15.763 -4.204  -4.867  1.00 14.78 ? 43  GLU B CB  1 
ATOM   973  C CG  . GLU B 1 46 ? -17.226 -4.670  -4.819  1.00 14.93 ? 43  GLU B CG  1 
ATOM   974  C CD  . GLU B 1 46 ? -18.159 -3.537  -5.145  1.00 16.06 ? 43  GLU B CD  1 
ATOM   975  O OE1 . GLU B 1 46 ? -17.961 -2.388  -4.794  1.00 16.09 ? 43  GLU B OE1 1 
ATOM   976  O OE2 . GLU B 1 46 ? -19.051 -3.906  -5.901  1.00 22.72 ? 43  GLU B OE2 1 
ATOM   977  N N   . GLY B 1 47 ? -12.986 -3.333  -6.890  1.00 15.26 ? 44  GLY B N   1 
ATOM   978  C CA  . GLY B 1 47 ? -11.516 -3.002  -6.677  1.00 15.77 ? 44  GLY B CA  1 
ATOM   979  C C   . GLY B 1 47 ? -10.858 -3.680  -5.478  1.00 15.26 ? 44  GLY B C   1 
ATOM   980  O O   . GLY B 1 47 ? -10.033 -3.102  -4.723  1.00 15.68 ? 44  GLY B O   1 
ATOM   981  N N   . LEU B 1 48 ? -11.237 -4.918  -5.188  1.00 14.30 ? 45  LEU B N   1 
ATOM   982  C CA  . LEU B 1 48 ? -10.670 -5.771  -4.176  1.00 15.79 ? 45  LEU B CA  1 
ATOM   983  C C   . LEU B 1 48 ? -9.289  -6.375  -4.518  1.00 16.01 ? 45  LEU B C   1 
ATOM   984  O O   . LEU B 1 48 ? -9.133  -7.597  -4.514  1.00 16.98 ? 45  LEU B O   1 
ATOM   985  C CB  . LEU B 1 48 ? -11.669 -6.936  -3.882  1.00 14.98 ? 45  LEU B CB  1 
ATOM   986  C CG  . LEU B 1 48 ? -12.712 -6.751  -2.754  1.00 17.44 ? 45  LEU B CG  1 
ATOM   987  C CD1 . LEU B 1 48 ? -13.053 -5.335  -2.335  1.00 10.40 ? 45  LEU B CD1 1 
ATOM   988  C CD2 . LEU B 1 48 ? -14.026 -7.366  -3.324  1.00 12.10 ? 45  LEU B CD2 1 
ATOM   989  N N   . GLU B 1 49 ? -8.311  -5.618  -4.801  1.00 16.83 ? 46  GLU B N   1 
ATOM   990  C CA  . GLU B 1 49 ? -6.912  -5.709  -5.107  1.00 17.10 ? 46  GLU B CA  1 
ATOM   991  C C   . GLU B 1 49 ? -6.010  -5.982  -3.917  1.00 16.30 ? 46  GLU B C   1 
ATOM   992  O O   . GLU B 1 49 ? -6.034  -5.295  -2.875  1.00 15.67 ? 46  GLU B O   1 
ATOM   993  C CB  . GLU B 1 49 ? -6.357  -4.295  -5.544  1.00 24.12 ? 46  GLU B CB  1 
ATOM   994  C CG  . GLU B 1 49 ? -6.976  -3.465  -6.612  1.00 28.42 ? 46  GLU B CG  1 
ATOM   995  C CD  . GLU B 1 49 ? -7.294  -2.030  -6.761  1.00 30.96 ? 46  GLU B CD  1 
ATOM   996  O OE1 . GLU B 1 49 ? -6.752  -0.994  -6.351  1.00 34.54 ? 46  GLU B OE1 1 
ATOM   997  O OE2 . GLU B 1 49 ? -8.281  -1.864  -7.551  1.00 31.22 ? 46  GLU B OE2 1 
ATOM   998  N N   . GLU B 1 50 ? -5.194  -7.021  -4.012  1.00 15.40 ? 47  GLU B N   1 
ATOM   999  C CA  . GLU B 1 50 ? -4.281  -7.294  -2.899  1.00 14.37 ? 47  GLU B CA  1 
ATOM   1000 C C   . GLU B 1 50 ? -4.993  -7.430  -1.555  1.00 13.92 ? 47  GLU B C   1 
ATOM   1001 O O   . GLU B 1 50 ? -5.646  -8.513  -1.430  1.00 11.48 ? 47  GLU B O   1 
ATOM   1002 C CB  . GLU B 1 50 ? -3.173  -6.261  -2.858  1.00 14.88 ? 47  GLU B CB  1 
ATOM   1003 C CG  . GLU B 1 50 ? -2.448  -6.274  -4.214  1.00 19.36 ? 47  GLU B CG  1 
ATOM   1004 C CD  . GLU B 1 50 ? -1.470  -7.338  -4.511  1.00 21.38 ? 47  GLU B CD  1 
ATOM   1005 O OE1 . GLU B 1 50 ? -0.807  -7.982  -3.681  1.00 23.19 ? 47  GLU B OE1 1 
ATOM   1006 O OE2 . GLU B 1 50 ? -1.430  -7.487  -5.760  1.00 23.60 ? 47  GLU B OE2 1 
ATOM   1007 N N   . ASN B 1 51 ? -4.469  -6.636  -0.621  1.00 13.52 ? 48  ASN B N   1 
ATOM   1008 C CA  . ASN B 1 51 ? -4.951  -6.662  0.795   1.00 13.41 ? 48  ASN B CA  1 
ATOM   1009 C C   . ASN B 1 51 ? -5.338  -5.240  1.160   1.00 12.68 ? 48  ASN B C   1 
ATOM   1010 O O   . ASN B 1 51 ? -5.220  -4.817  2.318   1.00 16.12 ? 48  ASN B O   1 
ATOM   1011 C CB  . ASN B 1 51 ? -3.950  -7.278  1.797   1.00 11.70 ? 48  ASN B CB  1 
ATOM   1012 C CG  . ASN B 1 51 ? -2.633  -6.444  1.973   1.00 12.70 ? 48  ASN B CG  1 
ATOM   1013 O OD1 . ASN B 1 51 ? -2.478  -5.540  1.107   1.00 12.85 ? 48  ASN B OD1 1 
ATOM   1014 N ND2 . ASN B 1 51 ? -1.946  -6.554  3.108   1.00 10.00 ? 48  ASN B ND2 1 
ATOM   1015 N N   . TYR B 1 52 ? -5.866  -4.489  0.199   1.00 12.97 ? 49  TYR B N   1 
ATOM   1016 C CA  . TYR B 1 52 ? -6.130  -3.065  0.464   1.00 10.82 ? 49  TYR B CA  1 
ATOM   1017 C C   . TYR B 1 52 ? -7.445  -2.886  1.150   1.00 10.50 ? 49  TYR B C   1 
ATOM   1018 O O   . TYR B 1 52 ? -8.393  -3.590  0.680   1.00 11.34 ? 49  TYR B O   1 
ATOM   1019 C CB  . TYR B 1 52 ? -5.925  -2.098  -0.691  1.00 13.76 ? 49  TYR B CB  1 
ATOM   1020 C CG  . TYR B 1 52 ? -4.521  -2.073  -1.411  1.00 14.16 ? 49  TYR B CG  1 
ATOM   1021 C CD1 . TYR B 1 52 ? -3.343  -2.368  -0.755  1.00 12.24 ? 49  TYR B CD1 1 
ATOM   1022 C CD2 . TYR B 1 52 ? -4.535  -2.085  -2.831  1.00 11.04 ? 49  TYR B CD2 1 
ATOM   1023 C CE1 . TYR B 1 52 ? -2.094  -2.225  -1.422  1.00 13.26 ? 49  TYR B CE1 1 
ATOM   1024 C CE2 . TYR B 1 52 ? -3.316  -2.270  -3.511  1.00 13.60 ? 49  TYR B CE2 1 
ATOM   1025 C CZ  . TYR B 1 52 ? -2.081  -2.339  -2.833  1.00 12.68 ? 49  TYR B CZ  1 
ATOM   1026 O OH  . TYR B 1 52 ? -0.867  -2.452  -3.517  1.00 11.41 ? 49  TYR B OH  1 
ATOM   1027 N N   . CYS B 1 53 ? -7.630  -1.759  1.852   1.00 10.72 ? 50  CYS B N   1 
ATOM   1028 C CA  . CYS B 1 53 ? -8.941  -1.542  2.539   1.00 10.94 ? 50  CYS B CA  1 
ATOM   1029 C C   . CYS B 1 53 ? -9.930  -1.134  1.495   1.00 12.45 ? 50  CYS B C   1 
ATOM   1030 O O   . CYS B 1 53 ? -9.694  -0.156  0.772   1.00 13.98 ? 50  CYS B O   1 
ATOM   1031 C CB  . CYS B 1 53 ? -8.831  -0.505  3.655   1.00 10.15 ? 50  CYS B CB  1 
ATOM   1032 S SG  . CYS B 1 53 ? -7.597  -1.066  4.860   1.00 14.12 ? 50  CYS B SG  1 
ATOM   1033 N N   . ARG B 1 54 ? -11.114 -1.694  1.506   1.00 13.80 ? 51  ARG B N   1 
ATOM   1034 C CA  . ARG B 1 54 ? -12.245 -1.562  0.580   1.00 12.36 ? 51  ARG B CA  1 
ATOM   1035 C C   . ARG B 1 54 ? -13.613 -1.619  1.279   1.00 12.98 ? 51  ARG B C   1 
ATOM   1036 O O   . ARG B 1 54 ? -13.772 -1.976  2.476   1.00 14.08 ? 51  ARG B O   1 
ATOM   1037 C CB  . ARG B 1 54 ? -12.070 -2.662  -0.500  1.00 11.39 ? 51  ARG B CB  1 
ATOM   1038 C CG  . ARG B 1 54 ? -10.911 -2.571  -1.497  1.00 10.44 ? 51  ARG B CG  1 
ATOM   1039 C CD  . ARG B 1 54 ? -11.064 -1.572  -2.541  1.00 12.44 ? 51  ARG B CD  1 
ATOM   1040 N NE  . ARG B 1 54 ? -9.854  -1.325  -3.373  1.00 14.08 ? 51  ARG B NE  1 
ATOM   1041 C CZ  . ARG B 1 54 ? -8.886  -0.467  -3.106  1.00 12.44 ? 51  ARG B CZ  1 
ATOM   1042 N NH1 . ARG B 1 54 ? -8.582  0.087   -1.918  1.00 10.96 ? 51  ARG B NH1 1 
ATOM   1043 N NH2 . ARG B 1 54 ? -7.916  -0.454  -4.045  1.00 12.95 ? 51  ARG B NH2 1 
ATOM   1044 N N   . ASN B 1 55 ? -14.625 -1.001  0.716   1.00 12.51 ? 52  ASN B N   1 
ATOM   1045 C CA  . ASN B 1 55 ? -16.045 -0.944  1.242   1.00 12.26 ? 52  ASN B CA  1 
ATOM   1046 C C   . ASN B 1 55 ? -17.050 -1.542  0.190   1.00 11.67 ? 52  ASN B C   1 
ATOM   1047 O O   . ASN B 1 55 ? -18.041 -1.000  -0.408  1.00 11.66 ? 52  ASN B O   1 
ATOM   1048 C CB  . ASN B 1 55 ? -16.403 0.463   1.732   1.00 12.50 ? 52  ASN B CB  1 
ATOM   1049 C CG  . ASN B 1 55 ? -17.586 0.393   2.680   1.00 12.82 ? 52  ASN B CG  1 
ATOM   1050 O OD1 . ASN B 1 55 ? -18.143 -0.688  2.805   1.00 15.30 ? 52  ASN B OD1 1 
ATOM   1051 N ND2 . ASN B 1 55 ? -17.948 1.394   3.496   1.00 14.32 ? 52  ASN B ND2 1 
ATOM   1052 N N   . PRO B 1 56 ? -16.911 -2.835  0.031   1.00 10.88 ? 53  PRO B N   1 
ATOM   1053 C CA  . PRO B 1 56 ? -17.747 -3.582  -0.925  1.00 13.23 ? 53  PRO B CA  1 
ATOM   1054 C C   . PRO B 1 56 ? -19.241 -3.483  -0.579  1.00 14.05 ? 53  PRO B C   1 
ATOM   1055 O O   . PRO B 1 56 ? -20.089 -3.368  -1.460  1.00 14.83 ? 53  PRO B O   1 
ATOM   1056 C CB  . PRO B 1 56 ? -17.246 -5.022  -0.880  1.00 11.67 ? 53  PRO B CB  1 
ATOM   1057 C CG  . PRO B 1 56 ? -16.247 -5.142  0.177   1.00 11.36 ? 53  PRO B CG  1 
ATOM   1058 C CD  . PRO B 1 56 ? -16.002 -3.746  0.687   1.00 11.23 ? 53  PRO B CD  1 
ATOM   1059 N N   . ASP B 1 57 ? -19.550 -3.486  0.698   1.00 16.37 ? 54  ASP B N   1 
ATOM   1060 C CA  . ASP B 1 57 ? -20.943 -3.431  1.157   1.00 18.36 ? 54  ASP B CA  1 
ATOM   1061 C C   . ASP B 1 57 ? -21.368 -2.006  1.517   1.00 18.96 ? 54  ASP B C   1 
ATOM   1062 O O   . ASP B 1 57 ? -22.488 -1.837  2.039   1.00 21.22 ? 54  ASP B O   1 
ATOM   1063 C CB  . ASP B 1 57 ? -21.159 -4.411  2.293   1.00 16.47 ? 54  ASP B CB  1 
ATOM   1064 C CG  . ASP B 1 57 ? -20.135 -4.350  3.382   1.00 15.24 ? 54  ASP B CG  1 
ATOM   1065 O OD1 . ASP B 1 57 ? -19.214 -3.491  3.222   1.00 18.43 ? 54  ASP B OD1 1 
ATOM   1066 O OD2 . ASP B 1 57 ? -20.457 -4.880  4.496   1.00 15.44 ? 54  ASP B OD2 1 
ATOM   1067 N N   . ASN B 1 58 ? -20.457 -1.092  1.340   1.00 18.54 ? 55  ASN B N   1 
ATOM   1068 C CA  . ASN B 1 58 ? -20.822 0.304   1.681   1.00 17.09 ? 55  ASN B CA  1 
ATOM   1069 C C   . ASN B 1 58 ? -21.136 0.393   3.186   1.00 16.96 ? 55  ASN B C   1 
ATOM   1070 O O   . ASN B 1 58 ? -22.134 1.107   3.445   1.00 17.83 ? 55  ASN B O   1 
ATOM   1071 C CB  . ASN B 1 58 ? -22.008 0.688   0.854   1.00 19.97 ? 55  ASN B CB  1 
ATOM   1072 C CG  . ASN B 1 58 ? -22.269 2.088   0.379   1.00 21.76 ? 55  ASN B CG  1 
ATOM   1073 O OD1 . ASN B 1 58 ? -22.836 2.933   1.062   1.00 24.01 ? 55  ASN B OD1 1 
ATOM   1074 N ND2 . ASN B 1 58 ? -22.049 2.313   -0.929  1.00 23.71 ? 55  ASN B ND2 1 
ATOM   1075 N N   . ASP B 1 59 ? -20.426 -0.276  4.047   1.00 15.29 ? 56  ASP B N   1 
ATOM   1076 C CA  . ASP B 1 59 ? -20.714 -0.230  5.495   1.00 15.20 ? 56  ASP B CA  1 
ATOM   1077 C C   . ASP B 1 59 ? -20.504 1.174   5.927   1.00 15.87 ? 56  ASP B C   1 
ATOM   1078 O O   . ASP B 1 59 ? -19.439 1.785   5.667   1.00 18.32 ? 56  ASP B O   1 
ATOM   1079 C CB  . ASP B 1 59 ? -19.848 -1.271  6.182   1.00 12.59 ? 56  ASP B CB  1 
ATOM   1080 C CG  . ASP B 1 59 ? -19.876 -1.328  7.700   1.00 14.99 ? 56  ASP B CG  1 
ATOM   1081 O OD1 . ASP B 1 59 ? -20.173 -0.385  8.495   1.00 12.11 ? 56  ASP B OD1 1 
ATOM   1082 O OD2 . ASP B 1 59 ? -19.558 -2.460  8.181   1.00 11.56 ? 56  ASP B OD2 1 
ATOM   1083 N N   . PRO B 1 60 ? -21.384 1.721   6.723   1.00 17.90 ? 57  PRO B N   1 
ATOM   1084 C CA  . PRO B 1 60 ? -21.275 3.108   7.163   1.00 16.76 ? 57  PRO B CA  1 
ATOM   1085 C C   . PRO B 1 60 ? -20.005 3.306   7.994   1.00 14.93 ? 57  PRO B C   1 
ATOM   1086 O O   . PRO B 1 60 ? -19.492 4.434   7.985   1.00 13.92 ? 57  PRO B O   1 
ATOM   1087 C CB  . PRO B 1 60 ? -22.582 3.395   7.848   1.00 17.59 ? 57  PRO B CB  1 
ATOM   1088 C CG  . PRO B 1 60 ? -23.289 2.114   7.998   1.00 18.25 ? 57  PRO B CG  1 
ATOM   1089 C CD  . PRO B 1 60 ? -22.540 1.018   7.324   1.00 18.09 ? 57  PRO B CD  1 
ATOM   1090 N N   . GLN B 1 61 ? -19.332 2.287   8.505   1.00 14.43 ? 58  GLN B N   1 
ATOM   1091 C CA  . GLN B 1 61 ? -18.073 2.579   9.254   1.00 14.37 ? 58  GLN B CA  1 
ATOM   1092 C C   . GLN B 1 61 ? -16.902 2.732   8.267   1.00 14.37 ? 58  GLN B C   1 
ATOM   1093 O O   . GLN B 1 61 ? -15.830 3.120   8.821   1.00 13.55 ? 58  GLN B O   1 
ATOM   1094 C CB  . GLN B 1 61 ? -17.778 1.592   10.349  1.00 17.58 ? 58  GLN B CB  1 
ATOM   1095 C CG  . GLN B 1 61 ? -19.033 1.185   11.130  1.00 16.66 ? 58  GLN B CG  1 
ATOM   1096 C CD  . GLN B 1 61 ? -18.747 0.901   12.571  1.00 19.94 ? 58  GLN B CD  1 
ATOM   1097 O OE1 . GLN B 1 61 ? -18.285 1.727   13.361  1.00 24.23 ? 58  GLN B OE1 1 
ATOM   1098 N NE2 . GLN B 1 61 ? -19.202 -0.271  13.007  1.00 19.23 ? 58  GLN B NE2 1 
ATOM   1099 N N   . GLY B 1 62 ? -17.139 2.463   6.988   1.00 13.19 ? 59  GLY B N   1 
ATOM   1100 C CA  . GLY B 1 62 ? -15.963 2.721   6.057   1.00 13.06 ? 59  GLY B CA  1 
ATOM   1101 C C   . GLY B 1 62 ? -15.234 1.541   5.529   1.00 12.08 ? 59  GLY B C   1 
ATOM   1102 O O   . GLY B 1 62 ? -15.702 0.416   5.774   1.00 13.38 ? 59  GLY B O   1 
ATOM   1103 N N   . PRO B 1 63 ? -14.107 1.703   4.743   1.00 12.41 ? 60  PRO B N   1 
ATOM   1104 C CA  . PRO B 1 63 ? -13.290 0.632   4.221   1.00 11.87 ? 60  PRO B CA  1 
ATOM   1105 C C   . PRO B 1 63 ? -12.676 -0.205  5.298   1.00 11.23 ? 60  PRO B C   1 
ATOM   1106 O O   . PRO B 1 63 ? -12.215 0.206   6.378   1.00 11.44 ? 60  PRO B O   1 
ATOM   1107 C CB  . PRO B 1 63 ? -12.189 1.270   3.278   1.00 12.80 ? 60  PRO B CB  1 
ATOM   1108 C CG  . PRO B 1 63 ? -12.581 2.639   3.150   1.00 13.27 ? 60  PRO B CG  1 
ATOM   1109 C CD  . PRO B 1 63 ? -13.555 2.973   4.310   1.00 12.38 ? 60  PRO B CD  1 
ATOM   1110 N N   . TRP B 1 64 ? -12.765 -1.505  5.017   1.00 11.07 ? 61  TRP B N   1 
ATOM   1111 C CA  . TRP B 1 64 ? -12.364 -2.563  5.939   1.00 10.89 ? 61  TRP B CA  1 
ATOM   1112 C C   . TRP B 1 64 ? -11.605 -3.636  5.174   1.00 11.66 ? 61  TRP B C   1 
ATOM   1113 O O   . TRP B 1 64 ? -11.442 -3.554  3.945   1.00 10.89 ? 61  TRP B O   1 
ATOM   1114 C CB  . TRP B 1 64 ? -13.624 -3.189  6.590   1.00 11.16 ? 61  TRP B CB  1 
ATOM   1115 C CG  . TRP B 1 64 ? -14.760 -3.526  5.593   1.00 12.52 ? 61  TRP B CG  1 
ATOM   1116 C CD1 . TRP B 1 64 ? -15.746 -2.707  5.132   1.00 10.05 ? 61  TRP B CD1 1 
ATOM   1117 C CD2 . TRP B 1 64 ? -14.953 -4.792  4.999   1.00 11.28 ? 61  TRP B CD2 1 
ATOM   1118 N NE1 . TRP B 1 64 ? -16.551 -3.481  4.224   1.00 11.68 ? 61  TRP B NE1 1 
ATOM   1119 C CE2 . TRP B 1 64 ? -16.060 -4.706  4.161   1.00 10.00 ? 61  TRP B CE2 1 
ATOM   1120 C CE3 . TRP B 1 64 ? -14.261 -6.000  5.116   1.00 13.98 ? 61  TRP B CE3 1 
ATOM   1121 C CZ2 . TRP B 1 64 ? -16.514 -5.796  3.403   1.00 12.28 ? 61  TRP B CZ2 1 
ATOM   1122 C CZ3 . TRP B 1 64 ? -14.743 -7.084  4.367   1.00 12.62 ? 61  TRP B CZ3 1 
ATOM   1123 C CH2 . TRP B 1 64 ? -15.819 -6.990  3.550   1.00 10.00 ? 61  TRP B CH2 1 
ATOM   1124 N N   . CYS B 1 65 ? -11.163 -4.640  5.907   1.00 10.98 ? 62  CYS B N   1 
ATOM   1125 C CA  . CYS B 1 65 ? -10.474 -5.762  5.262   1.00 10.25 ? 62  CYS B CA  1 
ATOM   1126 C C   . CYS B 1 65 ? -10.468 -6.996  6.163   1.00 10.32 ? 62  CYS B C   1 
ATOM   1127 O O   . CYS B 1 65 ? -10.646 -6.879  7.387   1.00 10.00 ? 62  CYS B O   1 
ATOM   1128 C CB  . CYS B 1 65 ? -9.035  -5.361  4.928   1.00 12.61 ? 62  CYS B CB  1 
ATOM   1129 S SG  . CYS B 1 65 ? -7.945  -5.308  6.415   1.00 13.83 ? 62  CYS B SG  1 
ATOM   1130 N N   . TYR B 1 66 ? -10.300 -8.176  5.521   1.00 10.00 ? 63  TYR B N   1 
ATOM   1131 C CA  . TYR B 1 66 ? -10.139 -9.419  6.291   1.00 10.47 ? 63  TYR B CA  1 
ATOM   1132 C C   . TYR B 1 66 ? -8.738  -9.269  6.879   1.00 11.59 ? 63  TYR B C   1 
ATOM   1133 O O   . TYR B 1 66 ? -7.831  -8.678  6.262   1.00 11.36 ? 63  TYR B O   1 
ATOM   1134 C CB  . TYR B 1 66 ? -10.290 -10.713 5.437   1.00 10.65 ? 63  TYR B CB  1 
ATOM   1135 C CG  . TYR B 1 66 ? -11.710 -10.893 4.886   1.00 14.34 ? 63  TYR B CG  1 
ATOM   1136 C CD1 . TYR B 1 66 ? -12.039 -10.280 3.681   1.00 10.19 ? 63  TYR B CD1 1 
ATOM   1137 C CD2 . TYR B 1 66 ? -12.678 -11.669 5.580   1.00 14.79 ? 63  TYR B CD2 1 
ATOM   1138 C CE1 . TYR B 1 66 ? -13.339 -10.365 3.180   1.00 13.54 ? 63  TYR B CE1 1 
ATOM   1139 C CE2 . TYR B 1 66 ? -13.993 -11.756 5.071   1.00 14.77 ? 63  TYR B CE2 1 
ATOM   1140 C CZ  . TYR B 1 66 ? -14.318 -11.080 3.878   1.00 14.09 ? 63  TYR B CZ  1 
ATOM   1141 O OH  . TYR B 1 66 ? -15.592 -11.057 3.404   1.00 11.85 ? 63  TYR B OH  1 
ATOM   1142 N N   . THR B 1 67 ? -8.559  -9.788  8.044   1.00 11.86 ? 64  THR B N   1 
ATOM   1143 C CA  . THR B 1 67 ? -7.302  -9.621  8.798   1.00 10.84 ? 64  THR B CA  1 
ATOM   1144 C C   . THR B 1 67 ? -6.450  -10.889 8.814   1.00 10.96 ? 64  THR B C   1 
ATOM   1145 O O   . THR B 1 67 ? -6.948  -11.992 8.625   1.00 10.19 ? 64  THR B O   1 
ATOM   1146 C CB  . THR B 1 67 ? -7.730  -9.327  10.235  1.00 11.23 ? 64  THR B CB  1 
ATOM   1147 O OG1 . THR B 1 67 ? -7.728  -7.926  10.484  1.00 16.20 ? 64  THR B OG1 1 
ATOM   1148 C CG2 . THR B 1 67 ? -6.853  -10.030 11.263  1.00 14.57 ? 64  THR B CG2 1 
ATOM   1149 N N   . THR B 1 68 ? -5.156  -10.734 9.072   1.00 10.60 ? 65  THR B N   1 
ATOM   1150 C CA  . THR B 1 68 ? -4.261  -11.900 9.177   1.00 10.07 ? 65  THR B CA  1 
ATOM   1151 C C   . THR B 1 68 ? -4.381  -12.499 10.585  1.00 11.25 ? 65  THR B C   1 
ATOM   1152 O O   . THR B 1 68 ? -3.514  -13.253 11.033  1.00 12.36 ? 65  THR B O   1 
ATOM   1153 C CB  . THR B 1 68 ? -2.804  -11.501 8.915   1.00 13.26 ? 65  THR B CB  1 
ATOM   1154 O OG1 . THR B 1 68 ? -2.493  -10.330 9.676   1.00 10.99 ? 65  THR B OG1 1 
ATOM   1155 C CG2 . THR B 1 68 ? -2.548  -11.241 7.420   1.00 10.58 ? 65  THR B CG2 1 
ATOM   1156 N N   . ASP B 1 69 ? -5.267  -12.043 11.486  1.00 10.74 ? 66  ASP B N   1 
ATOM   1157 C CA  . ASP B 1 69 ? -5.419  -12.567 12.832  1.00 10.86 ? 66  ASP B CA  1 
ATOM   1158 C C   . ASP B 1 69 ? -6.588  -13.526 12.700  1.00 10.90 ? 66  ASP B C   1 
ATOM   1159 O O   . ASP B 1 69 ? -7.655  -13.037 12.265  1.00 10.98 ? 66  ASP B O   1 
ATOM   1160 C CB  . ASP B 1 69 ? -5.693  -11.402 13.779  1.00 13.61 ? 66  ASP B CB  1 
ATOM   1161 C CG  . ASP B 1 69 ? -5.736  -11.941 15.206  1.00 14.41 ? 66  ASP B CG  1 
ATOM   1162 O OD1 . ASP B 1 69 ? -5.773  -13.161 15.364  1.00 15.37 ? 66  ASP B OD1 1 
ATOM   1163 O OD2 . ASP B 1 69 ? -6.007  -11.234 16.164  1.00 17.67 ? 66  ASP B OD2 1 
ATOM   1164 N N   . PRO B 1 70 ? -6.336  -14.779 13.004  1.00 10.80 ? 67  PRO B N   1 
ATOM   1165 C CA  . PRO B 1 70 ? -7.333  -15.804 12.899  1.00 10.45 ? 67  PRO B CA  1 
ATOM   1166 C C   . PRO B 1 70 ? -8.574  -15.514 13.750  1.00 12.62 ? 67  PRO B C   1 
ATOM   1167 O O   . PRO B 1 70 ? -9.671  -16.021 13.438  1.00 10.46 ? 67  PRO B O   1 
ATOM   1168 C CB  . PRO B 1 70 ? -6.580  -17.139 13.142  1.00 10.16 ? 67  PRO B CB  1 
ATOM   1169 C CG  . PRO B 1 70 ? -5.113  -16.733 13.107  1.00 10.53 ? 67  PRO B CG  1 
ATOM   1170 C CD  . PRO B 1 70 ? -4.996  -15.291 13.388  1.00 10.00 ? 67  PRO B CD  1 
ATOM   1171 N N   . GLU B 1 71 ? -8.376  -14.672 14.733  1.00 13.66 ? 68  GLU B N   1 
ATOM   1172 C CA  . GLU B 1 71 ? -9.471  -14.233 15.658  1.00 15.62 ? 68  GLU B CA  1 
ATOM   1173 C C   . GLU B 1 71 ? -10.089 -12.917 15.412  1.00 15.29 ? 68  GLU B C   1 
ATOM   1174 O O   . GLU B 1 71 ? -10.894 -12.394 16.269  1.00 17.89 ? 68  GLU B O   1 
ATOM   1175 C CB  . GLU B 1 71 ? -8.959  -14.201 17.131  1.00 13.64 ? 68  GLU B CB  1 
ATOM   1176 C CG  . GLU B 1 71 ? -8.725  -15.677 17.499  1.00 19.14 ? 68  GLU B CG  1 
ATOM   1177 C CD  . GLU B 1 71 ? -8.142  -16.145 18.761  1.00 18.74 ? 68  GLU B CD  1 
ATOM   1178 O OE1 . GLU B 1 71 ? -7.799  -15.293 19.601  1.00 18.88 ? 68  GLU B OE1 1 
ATOM   1179 O OE2 . GLU B 1 71 ? -8.096  -17.358 19.015  1.00 24.61 ? 68  GLU B OE2 1 
ATOM   1180 N N   . LYS B 1 72 ? -9.639  -12.214 14.424  1.00 14.61 ? 69  LYS B N   1 
ATOM   1181 C CA  . LYS B 1 72 ? -10.228 -10.984 13.959  1.00 15.92 ? 69  LYS B CA  1 
ATOM   1182 C C   . LYS B 1 72 ? -10.469 -11.130 12.426  1.00 15.72 ? 69  LYS B C   1 
ATOM   1183 O O   . LYS B 1 72 ? -9.530  -10.979 11.696  1.00 16.61 ? 69  LYS B O   1 
ATOM   1184 C CB  . LYS B 1 72 ? -9.509  -9.697  14.215  1.00 17.72 ? 69  LYS B CB  1 
ATOM   1185 C CG  . LYS B 1 72 ? -10.398 -8.472  14.003  1.00 19.97 ? 69  LYS B CG  1 
ATOM   1186 C CD  . LYS B 1 72 ? -10.711 -7.866  15.367  1.00 23.22 ? 69  LYS B CD  1 
ATOM   1187 C CE  . LYS B 1 72 ? -11.893 -6.903  15.419  1.00 22.05 ? 69  LYS B CE  1 
ATOM   1188 N NZ  . LYS B 1 72 ? -11.904 -6.215  16.763  1.00 23.61 ? 69  LYS B NZ  1 
ATOM   1189 N N   . ARG B 1 73 ? -11.672 -11.588 12.043  1.00 15.72 ? 70  ARG B N   1 
ATOM   1190 C CA  . ARG B 1 73 ? -12.123 -11.822 10.692  1.00 15.42 ? 70  ARG B CA  1 
ATOM   1191 C C   . ARG B 1 73 ? -12.013 -10.565 9.832   1.00 14.77 ? 70  ARG B C   1 
ATOM   1192 O O   . ARG B 1 73 ? -11.189 -10.564 8.906   1.00 16.86 ? 70  ARG B O   1 
ATOM   1193 C CB  . ARG B 1 73 ? -13.576 -12.351 10.565  1.00 14.86 ? 70  ARG B CB  1 
ATOM   1194 C CG  . ARG B 1 73 ? -13.824 -12.962 9.130   1.00 13.37 ? 70  ARG B CG  1 
ATOM   1195 C CD  . ARG B 1 73 ? -15.249 -13.585 9.172   1.00 13.93 ? 70  ARG B CD  1 
ATOM   1196 N NE  . ARG B 1 73 ? -15.840 -13.595 7.831   1.00 14.82 ? 70  ARG B NE  1 
ATOM   1197 C CZ  . ARG B 1 73 ? -15.415 -14.542 6.898   1.00 14.36 ? 70  ARG B CZ  1 
ATOM   1198 N NH1 . ARG B 1 73 ? -14.818 -15.639 7.292   1.00 14.08 ? 70  ARG B NH1 1 
ATOM   1199 N NH2 . ARG B 1 73 ? -15.808 -14.582 5.644   1.00 14.57 ? 70  ARG B NH2 1 
ATOM   1200 N N   . TYR B 1 74 ? -12.486 -9.460  10.317  1.00 14.78 ? 71  TYR B N   1 
ATOM   1201 C CA  . TYR B 1 74 ? -12.426 -8.189  9.547   1.00 15.93 ? 71  TYR B CA  1 
ATOM   1202 C C   . TYR B 1 74 ? -12.383 -7.025  10.555  1.00 15.30 ? 71  TYR B C   1 
ATOM   1203 O O   . TYR B 1 74 ? -12.671 -7.320  11.723  1.00 14.93 ? 71  TYR B O   1 
ATOM   1204 C CB  . TYR B 1 74 ? -13.624 -8.033  8.545   1.00 16.95 ? 71  TYR B CB  1 
ATOM   1205 C CG  . TYR B 1 74 ? -14.854 -7.489  9.257   1.00 20.75 ? 71  TYR B CG  1 
ATOM   1206 C CD1 . TYR B 1 74 ? -15.710 -8.351  10.017  1.00 22.77 ? 71  TYR B CD1 1 
ATOM   1207 C CD2 . TYR B 1 74 ? -15.130 -6.137  9.251   1.00 20.62 ? 71  TYR B CD2 1 
ATOM   1208 C CE1 . TYR B 1 74 ? -16.776 -7.781  10.762  1.00 23.22 ? 71  TYR B CE1 1 
ATOM   1209 C CE2 . TYR B 1 74 ? -16.178 -5.574  9.975   1.00 19.69 ? 71  TYR B CE2 1 
ATOM   1210 C CZ  . TYR B 1 74 ? -17.009 -6.411  10.675  1.00 21.54 ? 71  TYR B CZ  1 
ATOM   1211 O OH  . TYR B 1 74 ? -18.044 -5.814  11.347  1.00 26.08 ? 71  TYR B OH  1 
ATOM   1212 N N   . ASP B 1 75 ? -11.857 -5.917  10.088  1.00 13.95 ? 72  ASP B N   1 
ATOM   1213 C CA  . ASP B 1 75 ? -11.765 -4.673  10.811  1.00 14.79 ? 72  ASP B CA  1 
ATOM   1214 C C   . ASP B 1 75 ? -11.653 -3.530  9.789   1.00 13.39 ? 72  ASP B C   1 
ATOM   1215 O O   . ASP B 1 75 ? -11.131 -3.676  8.688   1.00 12.62 ? 72  ASP B O   1 
ATOM   1216 C CB  . ASP B 1 75 ? -10.650 -4.672  11.883  1.00 17.45 ? 72  ASP B CB  1 
ATOM   1217 C CG  . ASP B 1 75 ? -11.090 -3.675  12.985  1.00 15.66 ? 72  ASP B CG  1 
ATOM   1218 O OD1 . ASP B 1 75 ? -12.231 -3.249  13.067  1.00 20.59 ? 72  ASP B OD1 1 
ATOM   1219 O OD2 . ASP B 1 75 ? -10.261 -3.252  13.724  1.00 16.63 ? 72  ASP B OD2 1 
ATOM   1220 N N   . TYR B 1 76 ? -12.081 -2.392  10.182  1.00 13.36 ? 73  TYR B N   1 
ATOM   1221 C CA  . TYR B 1 76 ? -12.124 -1.131  9.484   1.00 13.29 ? 73  TYR B CA  1 
ATOM   1222 C C   . TYR B 1 76 ? -10.702 -0.528  9.572   1.00 13.00 ? 73  TYR B C   1 
ATOM   1223 O O   . TYR B 1 76 ? -9.927  -0.819  10.506  1.00 11.02 ? 73  TYR B O   1 
ATOM   1224 C CB  . TYR B 1 76 ? -13.179 -0.159  10.104  1.00 13.89 ? 73  TYR B CB  1 
ATOM   1225 C CG  . TYR B 1 76 ? -14.567 -0.824  10.138  1.00 10.00 ? 73  TYR B CG  1 
ATOM   1226 C CD1 . TYR B 1 76 ? -15.296 -0.976  9.001   1.00 10.00 ? 73  TYR B CD1 1 
ATOM   1227 C CD2 . TYR B 1 76 ? -14.949 -1.439  11.326  1.00 11.50 ? 73  TYR B CD2 1 
ATOM   1228 C CE1 . TYR B 1 76 ? -16.523 -1.642  9.074   1.00 12.66 ? 73  TYR B CE1 1 
ATOM   1229 C CE2 . TYR B 1 76 ? -16.180 -2.109  11.425  1.00 12.62 ? 73  TYR B CE2 1 
ATOM   1230 C CZ  . TYR B 1 76 ? -16.962 -2.226  10.293  1.00 11.30 ? 73  TYR B CZ  1 
ATOM   1231 O OH  . TYR B 1 76 ? -18.121 -2.911  10.398  1.00 13.11 ? 73  TYR B OH  1 
ATOM   1232 N N   . CYS B 1 77 ? -10.475 0.214   8.491   1.00 13.84 ? 74  CYS B N   1 
ATOM   1233 C CA  . CYS B 1 77 ? -9.196  0.933   8.427   1.00 17.33 ? 74  CYS B CA  1 
ATOM   1234 C C   . CYS B 1 77 ? -9.529  2.449   8.478   1.00 19.64 ? 74  CYS B C   1 
ATOM   1235 O O   . CYS B 1 77 ? -10.696 2.845   8.296   1.00 21.84 ? 74  CYS B O   1 
ATOM   1236 C CB  . CYS B 1 77 ? -8.310  0.582   7.269   1.00 12.64 ? 74  CYS B CB  1 
ATOM   1237 S SG  . CYS B 1 77 ? -8.649  -1.041  6.577   1.00 13.49 ? 74  CYS B SG  1 
ATOM   1238 N N   . ASP B 1 78 ? -8.518  3.226   8.743   1.00 21.47 ? 75  ASP B N   1 
ATOM   1239 C CA  . ASP B 1 78 ? -8.477  4.655   8.828   1.00 23.30 ? 75  ASP B CA  1 
ATOM   1240 C C   . ASP B 1 78 ? -7.790  5.390   7.663   1.00 24.71 ? 75  ASP B C   1 
ATOM   1241 O O   . ASP B 1 78 ? -6.669  5.798   7.949   1.00 25.80 ? 75  ASP B O   1 
ATOM   1242 C CB  . ASP B 1 78 ? -7.458  5.150   9.881   1.00 25.06 ? 75  ASP B CB  1 
ATOM   1243 C CG  . ASP B 1 78 ? -7.846  4.607   11.223  1.00 25.56 ? 75  ASP B CG  1 
ATOM   1244 O OD1 . ASP B 1 78 ? -7.642  3.350   11.281  1.00 27.16 ? 75  ASP B OD1 1 
ATOM   1245 O OD2 . ASP B 1 78 ? -8.336  5.512   11.901  1.00 28.07 ? 75  ASP B OD2 1 
ATOM   1246 N N   . ILE B 1 79 ? -8.483  5.727   6.665   1.00 26.38 ? 76  ILE B N   1 
ATOM   1247 C CA  . ILE B 1 79 ? -8.126  6.564   5.550   1.00 28.05 ? 76  ILE B CA  1 
ATOM   1248 C C   . ILE B 1 79 ? -8.613  7.974   5.984   1.00 28.26 ? 76  ILE B C   1 
ATOM   1249 O O   . ILE B 1 79 ? -9.640  8.174   6.679   1.00 28.50 ? 76  ILE B O   1 
ATOM   1250 C CB  . ILE B 1 79 ? -8.848  6.072   4.246   1.00 28.58 ? 76  ILE B CB  1 
ATOM   1251 C CG1 . ILE B 1 79 ? -8.873  4.528   4.352   1.00 29.61 ? 76  ILE B CG1 1 
ATOM   1252 C CG2 . ILE B 1 79 ? -8.143  6.612   2.993   1.00 30.84 ? 76  ILE B CG2 1 
ATOM   1253 C CD1 . ILE B 1 79 ? -7.571  3.829   3.914   1.00 28.45 ? 76  ILE B CD1 1 
ATOM   1254 N N   . LEU B 1 80 ? -7.874  8.951   5.560   1.00 29.19 ? 77  LEU B N   1 
ATOM   1255 C CA  . LEU B 1 80 ? -8.287  10.327  5.857   1.00 29.47 ? 77  LEU B CA  1 
ATOM   1256 C C   . LEU B 1 80 ? -9.258  10.734  4.730   1.00 29.77 ? 77  LEU B C   1 
ATOM   1257 O O   . LEU B 1 80 ? -9.381  10.300  3.586   1.00 27.61 ? 77  LEU B O   1 
ATOM   1258 C CB  . LEU B 1 80 ? -7.077  11.156  6.156   1.00 29.53 ? 77  LEU B CB  1 
ATOM   1259 C CG  . LEU B 1 80 ? -6.264  11.039  7.439   1.00 29.18 ? 77  LEU B CG  1 
ATOM   1260 C CD1 . LEU B 1 80 ? -6.517  9.814   8.295   1.00 28.95 ? 77  LEU B CD1 1 
ATOM   1261 C CD2 . LEU B 1 80 ? -4.824  10.972  6.927   1.00 27.48 ? 77  LEU B CD2 1 
ATOM   1262 N N   . GLU B 1 81 ? -10.158 11.541  5.297   1.00 31.46 ? 78  GLU B N   1 
ATOM   1263 C CA  . GLU B 1 81 ? -11.258 12.155  4.579   1.00 32.48 ? 78  GLU B CA  1 
ATOM   1264 C C   . GLU B 1 81 ? -10.603 13.091  3.575   1.00 33.42 ? 78  GLU B C   1 
ATOM   1265 O O   . GLU B 1 81 ? -9.893  13.993  4.023   1.00 34.70 ? 78  GLU B O   1 
ATOM   1266 C CB  . GLU B 1 81 ? -12.096 13.053  5.478   1.00 31.23 ? 78  GLU B CB  1 
ATOM   1267 C CG  . GLU B 1 81 ? -13.602 12.790  5.577   1.00 34.08 ? 78  GLU B CG  1 
ATOM   1268 C CD  . GLU B 1 81 ? -14.081 11.837  4.520   1.00 34.00 ? 78  GLU B CD  1 
ATOM   1269 O OE1 . GLU B 1 81 ? -13.662 10.683  4.800   1.00 34.90 ? 78  GLU B OE1 1 
ATOM   1270 O OE2 . GLU B 1 81 ? -14.642 12.220  3.523   1.00 35.13 ? 78  GLU B OE2 1 
ATOM   1271 N N   . CYS B 1 82 ? -10.950 12.899  2.329   1.00 34.12 ? 79  CYS B N   1 
ATOM   1272 C CA  . CYS B 1 82 ? -10.522 13.792  1.269   1.00 33.27 ? 79  CYS B CA  1 
ATOM   1273 C C   . CYS B 1 82 ? -10.889 15.227  1.684   1.00 33.21 ? 79  CYS B C   1 
ATOM   1274 O O   . CYS B 1 82 ? -10.031 16.062  1.342   1.00 33.48 ? 79  CYS B O   1 
ATOM   1275 C CB  . CYS B 1 82 ? -11.228 13.475  -0.027  1.00 31.01 ? 79  CYS B CB  1 
ATOM   1276 S SG  . CYS B 1 82 ? -10.627 12.180  -1.031  1.00 32.05 ? 79  CYS B SG  1 
HETATM 1277 C C   . ACA C 2 .  ? 1.325   8.833   -0.836  1.00 23.32 ? 90  ACA A C   1 
HETATM 1278 O O   . ACA C 2 .  ? 0.412   9.055   -1.663  1.00 24.07 ? 90  ACA A O   1 
HETATM 1279 O OXT . ACA C 2 .  ? 1.730   9.337   0.259   1.00 24.08 ? 90  ACA A OXT 1 
HETATM 1280 C C2  . ACA C 2 .  ? 2.183   7.600   -1.339  1.00 23.48 ? 90  ACA A C2  1 
HETATM 1281 C C3  . ACA C 2 .  ? 1.299   6.426   -0.921  1.00 20.89 ? 90  ACA A C3  1 
HETATM 1282 C C4  . ACA C 2 .  ? 2.222   5.236   -0.536  1.00 19.78 ? 90  ACA A C4  1 
HETATM 1283 C C5  . ACA C 2 .  ? 2.308   4.301   -1.736  1.00 17.03 ? 90  ACA A C5  1 
HETATM 1284 C C6  . ACA C 2 .  ? 2.529   2.894   -1.405  1.00 14.13 ? 90  ACA A C6  1 
HETATM 1285 N N   . ACA C 2 .  ? 1.305   2.125   -1.098  1.00 16.05 ? 90  ACA A N   1 
HETATM 1286 C C   . ACA D 2 .  ? -17.649 -11.147 5.243   1.00 20.85 ? 90  ACA B C   1 
HETATM 1287 O O   . ACA D 2 .  ? -17.812 -12.181 6.006   1.00 22.12 ? 90  ACA B O   1 
HETATM 1288 O OXT . ACA D 2 .  ? -17.822 -11.218 3.976   1.00 21.02 ? 90  ACA B OXT 1 
HETATM 1289 C C2  . ACA D 2 .  ? -17.370 -9.776  5.906   1.00 19.09 ? 90  ACA B C2  1 
HETATM 1290 C C3  . ACA D 2 .  ? -18.345 -9.143  6.858   1.00 17.58 ? 90  ACA B C3  1 
HETATM 1291 C C4  . ACA D 2 .  ? -18.729 -7.664  6.431   1.00 17.16 ? 90  ACA B C4  1 
HETATM 1292 C C5  . ACA D 2 .  ? -18.085 -6.682  7.396   1.00 15.41 ? 90  ACA B C5  1 
HETATM 1293 C C6  . ACA D 2 .  ? -18.107 -5.270  6.947   1.00 14.34 ? 90  ACA B C6  1 
HETATM 1294 N N   . ACA D 2 .  ? -19.420 -4.655  6.969   1.00 12.51 ? 90  ACA B N   1 
HETATM 1295 O O   . HOH E 3 .  ? 11.315  0.716   3.943   1.00 11.48 ? 201 HOH A O   1 
HETATM 1296 O O   . HOH E 3 .  ? -0.335  2.823   3.094   0.83 20.28 ? 203 HOH A O   1 
HETATM 1297 O O   . HOH E 3 .  ? 12.924  9.501   -15.973 0.78 10.00 ? 204 HOH A O   1 
HETATM 1298 O O   . HOH E 3 .  ? 21.352  -2.639  -5.545  1.00 13.79 ? 210 HOH A O   1 
HETATM 1299 O O   . HOH E 3 .  ? 1.593   -2.453  6.291   1.00 22.09 ? 212 HOH A O   1 
HETATM 1300 O O   . HOH E 3 .  ? 16.685  16.024  -2.060  0.95 28.63 ? 214 HOH A O   1 
HETATM 1301 O O   . HOH E 3 .  ? 14.436  -7.225  1.578   0.76 17.32 ? 217 HOH A O   1 
HETATM 1302 O O   . HOH E 3 .  ? 1.639   16.693  -3.747  0.91 26.48 ? 219 HOH A O   1 
HETATM 1303 O O   . HOH E 3 .  ? 16.497  2.192   8.434   1.00 39.50 ? 220 HOH A O   1 
HETATM 1304 O O   . HOH E 3 .  ? 9.111   15.233  12.405  0.90 26.05 ? 224 HOH A O   1 
HETATM 1305 O O   . HOH E 3 .  ? 1.033   2.527   -10.774 0.77 21.82 ? 225 HOH A O   1 
HETATM 1306 O O   . HOH E 3 .  ? 6.469   21.847  -3.436  0.90 46.32 ? 226 HOH A O   1 
HETATM 1307 O O   . HOH E 3 .  ? 2.435   2.798   6.690   0.74 12.41 ? 228 HOH A O   1 
HETATM 1308 O O   . HOH E 3 .  ? 12.317  -7.690  3.468   0.85 16.87 ? 229 HOH A O   1 
HETATM 1309 O O   . HOH E 3 .  ? 20.559  1.450   -8.602  0.87 21.53 ? 230 HOH A O   1 
HETATM 1310 O O   . HOH E 3 .  ? 21.724  12.609  1.800   0.55 18.30 ? 233 HOH A O   1 
HETATM 1311 O O   . HOH E 3 .  ? 23.940  13.279  0.052   0.82 15.67 ? 234 HOH A O   1 
HETATM 1312 O O   . HOH E 3 .  ? 18.593  7.730   -9.787  1.00 17.99 ? 235 HOH A O   1 
HETATM 1313 O O   . HOH E 3 .  ? 1.919   14.784  -5.574  1.00 24.31 ? 239 HOH A O   1 
HETATM 1314 O O   . HOH E 3 .  ? 6.023   -10.013 -2.729  0.45 21.00 ? 240 HOH A O   1 
HETATM 1315 O O   . HOH E 3 .  ? 22.140  1.607   0.164   0.51 20.08 ? 241 HOH A O   1 
HETATM 1316 O O   . HOH E 3 .  ? 17.453  -6.153  -7.933  1.00 21.08 ? 242 HOH A O   1 
HETATM 1317 O O   . HOH E 3 .  ? 21.744  0.017   5.267   0.62 21.25 ? 247 HOH A O   1 
HETATM 1318 O O   . HOH E 3 .  ? 10.193  -9.102  -9.043  0.51 10.22 ? 250 HOH A O   1 
HETATM 1319 O O   . HOH E 3 .  ? 13.944  12.221  -14.521 0.75 18.87 ? 252 HOH A O   1 
HETATM 1320 O O   . HOH E 3 .  ? 16.847  -7.248  1.320   0.57 20.01 ? 253 HOH A O   1 
HETATM 1321 O O   . HOH E 3 .  ? 1.818   2.151   -16.047 0.69 26.65 ? 254 HOH A O   1 
HETATM 1322 O O   . HOH E 3 .  ? 7.106   8.778   -16.558 0.53 23.47 ? 257 HOH A O   1 
HETATM 1323 O O   . HOH E 3 .  ? 5.297   -2.040  7.163   1.00 24.06 ? 260 HOH A O   1 
HETATM 1324 O O   . HOH E 3 .  ? 12.028  -0.849  2.089   0.92 16.29 ? 261 HOH A O   1 
HETATM 1325 O O   . HOH E 3 .  ? 12.472  -1.747  7.538   1.00 28.77 ? 262 HOH A O   1 
HETATM 1326 O O   . HOH E 3 .  ? 9.635   15.606  2.396   0.77 24.65 ? 267 HOH A O   1 
HETATM 1327 O O   . HOH E 3 .  ? 2.311   -7.553  3.050   0.74 27.73 ? 270 HOH A O   1 
HETATM 1328 O O   . HOH E 3 .  ? 13.224  -2.531  -12.993 0.68 12.99 ? 275 HOH A O   1 
HETATM 1329 O O   . HOH E 3 .  ? 22.581  12.812  -3.232  0.55 21.16 ? 277 HOH A O   1 
HETATM 1330 O O   . HOH E 3 .  ? 17.879  7.417   -12.746 0.69 27.27 ? 279 HOH A O   1 
HETATM 1331 O O   . HOH E 3 .  ? 0.699   -2.418  -10.093 0.67 19.71 ? 280 HOH A O   1 
HETATM 1332 O O   . HOH E 3 .  ? 14.219  6.719   6.809   0.58 18.47 ? 281 HOH A O   1 
HETATM 1333 O O   . HOH E 3 .  ? 24.216  -0.938  1.094   0.57 22.91 ? 282 HOH A O   1 
HETATM 1334 O O   . HOH E 3 .  ? 24.789  -4.689  -2.965  0.74 23.66 ? 283 HOH A O   1 
HETATM 1335 O O   . HOH E 3 .  ? 2.360   -0.577  -11.167 0.64 18.23 ? 285 HOH A O   1 
HETATM 1336 O O   . HOH E 3 .  ? 2.467   17.527  -7.501  0.60 18.27 ? 286 HOH A O   1 
HETATM 1337 O O   . HOH E 3 .  ? 15.113  -5.420  10.793  0.54 11.51 ? 289 HOH A O   1 
HETATM 1338 O O   . HOH E 3 .  ? -1.254  8.014   -12.607 0.68 34.70 ? 292 HOH A O   1 
HETATM 1339 O O   . HOH E 3 .  ? -1.635  0.478   -5.832  0.80 30.54 ? 297 HOH A O   1 
HETATM 1340 O O   . HOH E 3 .  ? 15.373  -0.599  11.206  0.51 14.19 ? 298 HOH A O   1 
HETATM 1341 O O   . HOH E 3 .  ? 11.140  8.423   -3.449  1.00 19.80 ? 306 HOH A O   1 
HETATM 1342 O O   . HOH E 3 .  ? 12.345  -0.586  -11.057 0.83 22.61 ? 307 HOH A O   1 
HETATM 1343 O O   . HOH E 3 .  ? 12.202  20.515  -2.918  0.78 29.17 ? 308 HOH A O   1 
HETATM 1344 O O   . HOH E 3 .  ? 9.413   -5.980  -4.263  0.75 23.48 ? 310 HOH A O   1 
HETATM 1345 O O   . HOH E 3 .  ? 14.108  -12.395 -8.492  0.63 31.94 ? 313 HOH A O   1 
HETATM 1346 O O   . HOH E 3 .  ? 18.458  11.479  -10.416 0.62 27.43 ? 314 HOH A O   1 
HETATM 1347 O O   . HOH E 3 .  ? 19.744  -0.451  -11.421 0.64 26.05 ? 317 HOH A O   1 
HETATM 1348 O O   . HOH E 3 .  ? 23.120  -1.656  -4.273  0.83 26.87 ? 318 HOH A O   1 
HETATM 1349 O O   . HOH E 3 .  ? 7.184   -3.095  -6.525  0.62 20.57 ? 319 HOH A O   1 
HETATM 1350 O O   . HOH E 3 .  ? 21.095  4.175   -8.472  0.67 20.20 ? 320 HOH A O   1 
HETATM 1351 O O   . HOH E 3 .  ? 7.042   -6.853  6.980   0.62 26.38 ? 324 HOH A O   1 
HETATM 1352 O O   . HOH E 3 .  ? 17.006  10.416  2.601   0.58 20.15 ? 325 HOH A O   1 
HETATM 1353 O O   . HOH E 3 .  ? 26.973  -1.589  0.139   0.65 20.35 ? 326 HOH A O   1 
HETATM 1354 O O   . HOH E 3 .  ? -0.649  10.761  -9.237  0.57 31.93 ? 332 HOH A O   1 
HETATM 1355 O O   . HOH E 3 .  ? 18.098  -16.947 -6.038  0.65 20.67 ? 333 HOH A O   1 
HETATM 1356 O O   . HOH E 3 .  ? 19.125  13.096  -0.315  0.73 28.10 ? 334 HOH A O   1 
HETATM 1357 O O   . HOH E 3 .  ? 9.295   2.193   10.764  0.61 22.36 ? 336 HOH A O   1 
HETATM 1358 O O   . HOH E 3 .  ? 3.587   12.570  6.472   0.49 24.60 ? 338 HOH A O   1 
HETATM 1359 O O   . HOH E 3 .  ? 11.068  5.112   14.020  0.67 24.17 ? 340 HOH A O   1 
HETATM 1360 O O   . HOH E 3 .  ? 16.440  11.557  -15.110 0.72 20.08 ? 341 HOH A O   1 
HETATM 1361 O O   . HOH E 3 .  ? -0.663  15.735  -7.383  0.55 30.22 ? 346 HOH A O   1 
HETATM 1362 O O   . HOH E 3 .  ? 6.780   22.253  5.138   0.48 32.62 ? 347 HOH A O   1 
HETATM 1363 O O   . HOH E 3 .  ? 0.436   -4.988  3.830   0.64 21.39 ? 352 HOH A O   1 
HETATM 1364 O O   . HOH E 3 .  ? 4.194   4.944   -15.388 0.85 25.04 ? 354 HOH A O   1 
HETATM 1365 O O   . HOH E 3 .  ? 10.766  -3.831  8.755   0.72 23.60 ? 357 HOH A O   1 
HETATM 1366 O O   . HOH E 3 .  ? 16.005  8.158   7.712   0.50 23.02 ? 369 HOH A O   1 
HETATM 1367 O O   . HOH E 3 .  ? 17.828  -1.132  6.850   0.66 22.52 ? 370 HOH A O   1 
HETATM 1368 O O   . HOH E 3 .  ? -1.278  9.800   -14.616 0.45 22.99 ? 373 HOH A O   1 
HETATM 1369 O O   . HOH E 3 .  ? 6.956   4.761   -13.107 0.53 23.16 ? 374 HOH A O   1 
HETATM 1370 O O   . HOH F 3 .  ? -9.130  -8.390  2.530   1.00 12.91 ? 202 HOH B O   1 
HETATM 1371 O O   . HOH F 3 .  ? -22.452 -1.603  -1.711  0.78 18.58 ? 205 HOH B O   1 
HETATM 1372 O O   . HOH F 3 .  ? -15.060 -1.287  -2.591  0.85 13.78 ? 206 HOH B O   1 
HETATM 1373 O O   . HOH F 3 .  ? -12.797 -6.558  -7.346  0.99 10.61 ? 207 HOH B O   1 
HETATM 1374 O O   . HOH F 3 .  ? -9.055  6.552   -4.637  1.00 16.10 ? 208 HOH B O   1 
HETATM 1375 O O   . HOH F 3 .  ? -12.558 -14.852 13.903  1.00 17.07 ? 209 HOH B O   1 
HETATM 1376 O O   . HOH F 3 .  ? -16.780 -22.324 -0.635  0.65 10.00 ? 211 HOH B O   1 
HETATM 1377 O O   . HOH F 3 .  ? -10.892 -22.101 -1.624  0.77 31.63 ? 213 HOH B O   1 
HETATM 1378 O O   . HOH F 3 .  ? -13.646 0.551   -1.592  1.00 26.08 ? 215 HOH B O   1 
HETATM 1379 O O   . HOH F 3 .  ? -2.904  -12.642 2.945   0.95 24.94 ? 216 HOH B O   1 
HETATM 1380 O O   . HOH F 3 .  ? -17.059 0.524   -5.546  0.94 10.86 ? 221 HOH B O   1 
HETATM 1381 O O   . HOH F 3 .  ? -14.280 2.236   12.275  0.62 20.81 ? 222 HOH B O   1 
HETATM 1382 O O   . HOH F 3 .  ? -2.150  5.068   -3.329  0.71 12.17 ? 223 HOH B O   1 
HETATM 1383 O O   . HOH F 3 .  ? -6.153  -8.011  14.950  0.83 31.16 ? 227 HOH B O   1 
HETATM 1384 O O   . HOH F 3 .  ? -15.702 7.537   -2.855  0.77 33.65 ? 231 HOH B O   1 
HETATM 1385 O O   . HOH F 3 .  ? -6.328  1.683   8.533   0.80 13.39 ? 232 HOH B O   1 
HETATM 1386 O O   . HOH F 3 .  ? -2.136  -5.549  -8.064  0.99 18.84 ? 236 HOH B O   1 
HETATM 1387 O O   . HOH F 3 .  ? -13.667 -12.457 14.158  1.00 15.14 ? 237 HOH B O   1 
HETATM 1388 O O   . HOH F 3 .  ? -1.794  -15.190 8.702   0.65 25.48 ? 238 HOH B O   1 
HETATM 1389 O O   . HOH F 3 .  ? -1.661  -10.387 4.116   0.75 13.42 ? 243 HOH B O   1 
HETATM 1390 O O   . HOH F 3 .  ? -5.204  12.496  -0.573  0.90 22.18 ? 244 HOH B O   1 
HETATM 1391 O O   . HOH F 3 .  ? -0.619  0.744   5.362   0.84 15.94 ? 245 HOH B O   1 
HETATM 1392 O O   . HOH F 3 .  ? -22.763 4.665   -2.013  0.51 14.96 ? 246 HOH B O   1 
HETATM 1393 O O   . HOH F 3 .  ? -9.534  1.838   17.676  0.76 22.63 ? 248 HOH B O   1 
HETATM 1394 O O   . HOH F 3 .  ? -16.139 -14.096 -2.222  0.64 18.88 ? 249 HOH B O   1 
HETATM 1395 O O   . HOH F 3 .  ? -14.261 -8.792  13.044  0.95 35.41 ? 251 HOH B O   1 
HETATM 1396 O O   . HOH F 3 .  ? -13.440 -1.323  -9.937  0.56 12.69 ? 255 HOH B O   1 
HETATM 1397 O O   . HOH F 3 .  ? 0.070   -7.727  11.790  0.75 10.00 ? 256 HOH B O   1 
HETATM 1398 O O   . HOH F 3 .  ? -20.316 6.438   6.007   0.76 17.96 ? 259 HOH B O   1 
HETATM 1399 O O   . HOH F 3 .  ? -23.504 -5.624  -0.170  0.78 17.71 ? 264 HOH B O   1 
HETATM 1400 O O   . HOH F 3 .  ? -16.558 -17.900 2.435   0.86 27.64 ? 265 HOH B O   1 
HETATM 1401 O O   . HOH F 3 .  ? -3.998  -14.569 -2.784  0.81 26.26 ? 266 HOH B O   1 
HETATM 1402 O O   . HOH F 3 .  ? -0.297  -12.759 13.135  0.68 38.40 ? 268 HOH B O   1 
HETATM 1403 O O   . HOH F 3 .  ? 0.308   -10.890 10.009  0.80 41.02 ? 269 HOH B O   1 
HETATM 1404 O O   . HOH F 3 .  ? -13.070 4.902   -7.455  0.65 16.86 ? 271 HOH B O   1 
HETATM 1405 O O   . HOH F 3 .  ? -17.283 9.593   5.551   0.98 33.92 ? 272 HOH B O   1 
HETATM 1406 O O   . HOH F 3 .  ? 0.474   -0.968  1.564   0.76 14.84 ? 276 HOH B O   1 
HETATM 1407 O O   . HOH F 3 .  ? -13.754 1.750   16.619  0.59 21.18 ? 278 HOH B O   1 
HETATM 1408 O O   . HOH F 3 .  ? -16.250 9.641   -4.732  0.77 26.79 ? 284 HOH B O   1 
HETATM 1409 O O   . HOH F 3 .  ? -21.479 -2.113  -5.489  0.66 23.77 ? 287 HOH B O   1 
HETATM 1410 O O   . HOH F 3 .  ? -25.725 1.470   -2.449  0.63 31.93 ? 288 HOH B O   1 
HETATM 1411 O O   . HOH F 3 .  ? -8.657  16.098  -1.603  0.89 42.80 ? 294 HOH B O   1 
HETATM 1412 O O   . HOH F 3 .  ? -20.222 3.886   -8.482  0.69 22.00 ? 295 HOH B O   1 
HETATM 1413 O O   . HOH F 3 .  ? -18.461 7.151   9.664   0.47 25.14 ? 296 HOH B O   1 
HETATM 1414 O O   . HOH F 3 .  ? 3.383   0.514   8.771   0.38 33.84 ? 299 HOH B O   1 
HETATM 1415 O O   . HOH F 3 .  ? -14.837 -23.412 5.294   0.61 19.61 ? 301 HOH B O   1 
HETATM 1416 O O   . HOH F 3 .  ? -20.467 -1.685  -8.409  0.64 30.73 ? 302 HOH B O   1 
HETATM 1417 O O   . HOH F 3 .  ? -6.550  -9.928  -3.567  0.88 13.37 ? 303 HOH B O   1 
HETATM 1418 O O   . HOH F 3 .  ? -7.325  2.494   5.947   0.80 28.38 ? 304 HOH B O   1 
HETATM 1419 O O   . HOH F 3 .  ? -15.065 15.953  3.263   0.72 17.59 ? 305 HOH B O   1 
HETATM 1420 O O   . HOH F 3 .  ? -19.363 -6.398  -8.379  0.72 27.12 ? 309 HOH B O   1 
HETATM 1421 O O   . HOH F 3 .  ? -12.778 -9.992  -9.967  0.78 20.17 ? 311 HOH B O   1 
HETATM 1422 O O   . HOH F 3 .  ? -1.740  -14.961 1.183   0.57 23.82 ? 312 HOH B O   1 
HETATM 1423 O O   . HOH F 3 .  ? -23.056 0.480   -9.951  0.69 24.19 ? 315 HOH B O   1 
HETATM 1424 O O   . HOH F 3 .  ? -17.834 2.390   -7.038  0.60 26.51 ? 316 HOH B O   1 
HETATM 1425 O O   . HOH F 3 .  ? -9.452  -21.132 5.491   0.63 24.57 ? 323 HOH B O   1 
HETATM 1426 O O   . HOH F 3 .  ? 2.617   -7.996  10.616  0.54 31.14 ? 328 HOH B O   1 
HETATM 1427 O O   . HOH F 3 .  ? -8.328  3.441   15.953  0.71 26.28 ? 329 HOH B O   1 
HETATM 1428 O O   . HOH F 3 .  ? -2.009  -10.961 12.133  0.86 28.89 ? 330 HOH B O   1 
HETATM 1429 O O   . HOH F 3 .  ? -5.286  4.004   13.209  0.54 25.55 ? 331 HOH B O   1 
HETATM 1430 O O   . HOH F 3 .  ? -3.855  -17.441 -3.063  0.60 27.15 ? 335 HOH B O   1 
HETATM 1431 O O   . HOH F 3 .  ? -9.932  -16.074 -1.438  0.68 17.82 ? 337 HOH B O   1 
HETATM 1432 O O   . HOH F 3 .  ? -2.626  5.213   -0.987  0.57 23.05 ? 342 HOH B O   1 
HETATM 1433 O O   . HOH F 3 .  ? 1.602   -12.407 -2.976  0.65 23.55 ? 345 HOH B O   1 
HETATM 1434 O O   . HOH F 3 .  ? -20.728 6.368   -0.160  0.67 22.83 ? 348 HOH B O   1 
HETATM 1435 O O   . HOH F 3 .  ? -12.882 8.708   -5.353  0.59 23.29 ? 353 HOH B O   1 
HETATM 1436 O O   . HOH F 3 .  ? -22.896 0.588   -3.483  0.61 21.03 ? 356 HOH B O   1 
HETATM 1437 O O   . HOH F 3 .  ? -15.524 5.553   11.470  0.55 19.86 ? 360 HOH B O   1 
HETATM 1438 O O   . HOH F 3 .  ? -5.023  -2.861  -7.630  0.55 24.44 ? 362 HOH B O   1 
HETATM 1439 O O   . HOH F 3 .  ? -19.003 8.972   -6.175  0.52 23.69 ? 363 HOH B O   1 
HETATM 1440 O O   . HOH F 3 .  ? 0.915   -8.679  -5.306  0.65 26.41 ? 368 HOH B O   1 
HETATM 1441 O O   . HOH F 3 .  ? -7.253  -9.294  -6.331  0.61 29.09 ? 371 HOH B O   1 
HETATM 1442 O O   . HOH F 3 .  ? -26.561 3.302   -3.722  0.51 24.33 ? 372 HOH B O   1 
# 
